data_1SJV
# 
_entry.id   1SJV 
# 
_audit_conform.dict_name       mmcif_pdbx.dic 
_audit_conform.dict_version    5.398 
_audit_conform.dict_location   http://mmcif.pdb.org/dictionaries/ascii/mmcif_pdbx.dic 
# 
loop_
_database_2.database_id 
_database_2.database_code 
_database_2.pdbx_database_accession 
_database_2.pdbx_DOI 
PDB   1SJV         pdb_00001sjv 10.2210/pdb1sjv/pdb 
RCSB  RCSB021771   ?            ?                   
WWPDB D_1000021771 ?            ?                   
# 
loop_
_pdbx_audit_revision_history.ordinal 
_pdbx_audit_revision_history.data_content_type 
_pdbx_audit_revision_history.major_revision 
_pdbx_audit_revision_history.minor_revision 
_pdbx_audit_revision_history.revision_date 
1 'Structure model' 1 0 2004-06-01 
2 'Structure model' 1 1 2008-04-29 
3 'Structure model' 1 2 2011-07-13 
4 'Structure model' 1 3 2024-10-30 
# 
_pdbx_audit_revision_details.ordinal             1 
_pdbx_audit_revision_details.revision_ordinal    1 
_pdbx_audit_revision_details.data_content_type   'Structure model' 
_pdbx_audit_revision_details.provider            repository 
_pdbx_audit_revision_details.type                'Initial release' 
_pdbx_audit_revision_details.description         ? 
_pdbx_audit_revision_details.details             ? 
# 
loop_
_pdbx_audit_revision_group.ordinal 
_pdbx_audit_revision_group.revision_ordinal 
_pdbx_audit_revision_group.data_content_type 
_pdbx_audit_revision_group.group 
1 2 'Structure model' 'Version format compliance' 
2 3 'Structure model' 'Derived calculations'      
3 3 'Structure model' 'Version format compliance' 
4 4 'Structure model' 'Data collection'           
5 4 'Structure model' 'Database references'       
6 4 'Structure model' 'Structure summary'         
# 
loop_
_pdbx_audit_revision_category.ordinal 
_pdbx_audit_revision_category.revision_ordinal 
_pdbx_audit_revision_category.data_content_type 
_pdbx_audit_revision_category.category 
1 4 'Structure model' chem_comp_atom            
2 4 'Structure model' chem_comp_bond            
3 4 'Structure model' database_2                
4 4 'Structure model' pdbx_entry_details        
5 4 'Structure model' pdbx_modification_feature 
# 
loop_
_pdbx_audit_revision_item.ordinal 
_pdbx_audit_revision_item.revision_ordinal 
_pdbx_audit_revision_item.data_content_type 
_pdbx_audit_revision_item.item 
1 4 'Structure model' '_database_2.pdbx_DOI'                
2 4 'Structure model' '_database_2.pdbx_database_accession' 
# 
_pdbx_database_status.status_code                     REL 
_pdbx_database_status.entry_id                        1SJV 
_pdbx_database_status.recvd_initial_deposition_date   2004-03-04 
_pdbx_database_status.deposit_site                    RCSB 
_pdbx_database_status.process_site                    RCSB 
_pdbx_database_status.status_code_sf                  REL 
_pdbx_database_status.SG_entry                        . 
_pdbx_database_status.pdb_format_compatible           Y 
_pdbx_database_status.status_code_mr                  ? 
_pdbx_database_status.status_code_cs                  ? 
_pdbx_database_status.status_code_nmr_data            ? 
_pdbx_database_status.methods_development_category    ? 
# 
loop_
_audit_author.name 
_audit_author.pdbx_ordinal 
'Spinelli, S.'  1 
'Desmyter, A.'  2 
'Frenken, L.'   3 
'Verrips, T.'   4 
'Cambillau, C.' 5 
# 
_citation.id                        primary 
_citation.title                     'Domain swapping of a llama VHH domain builds a crystal-wide beta-sheet structure.' 
_citation.journal_abbrev            'Febs Lett.' 
_citation.journal_volume            564 
_citation.page_first                35 
_citation.page_last                 40 
_citation.year                      2004 
_citation.journal_id_ASTM           FEBLAL 
_citation.country                   NE 
_citation.journal_id_ISSN           0014-5793 
_citation.journal_id_CSD            0165 
_citation.book_publisher            ? 
_citation.pdbx_database_id_PubMed   15094039 
_citation.pdbx_database_id_DOI      '10.1016/S0014-5793(04)00304-7' 
# 
loop_
_citation_author.citation_id 
_citation_author.name 
_citation_author.ordinal 
_citation_author.identifier_ORCID 
primary 'Spinelli, S.'  1 ? 
primary 'Desmyter, A.'  2 ? 
primary 'Frenken, L.'   3 ? 
primary 'Verrips, T.'   4 ? 
primary 'Tegoni, M.'    5 ? 
primary 'Cambillau, C.' 6 ? 
# 
loop_
_entity.id 
_entity.type 
_entity.src_method 
_entity.pdbx_description 
_entity.formula_weight 
_entity.pdbx_number_of_molecules 
_entity.pdbx_ec 
_entity.pdbx_mutation 
_entity.pdbx_fragment 
_entity.details 
1 polymer man r9    12640.012 1  ? ? ? 'llama VHH single domain antibody' 
2 water   nat water 18.015    59 ? ? ? ?                                  
# 
_entity_poly.entity_id                      1 
_entity_poly.type                           'polypeptide(L)' 
_entity_poly.nstd_linkage                   no 
_entity_poly.nstd_monomer                   no 
_entity_poly.pdbx_seq_one_letter_code       
;QVQLQESGGGLVQAGESLKLSCAASGNTFSGGFMGWYRQAPGKQRELVATINSRGITNYADFVKGRFTISRDNAKKTVYL
EMNSLEPEDTAVYYCYTHYFRSYWGQGTQVTVSS
;
_entity_poly.pdbx_seq_one_letter_code_can   
;QVQLQESGGGLVQAGESLKLSCAASGNTFSGGFMGWYRQAPGKQRELVATINSRGITNYADFVKGRFTISRDNAKKTVYL
EMNSLEPEDTAVYYCYTHYFRSYWGQGTQVTVSS
;
_entity_poly.pdbx_strand_id                 A 
_entity_poly.pdbx_target_identifier         ? 
# 
_pdbx_entity_nonpoly.entity_id   2 
_pdbx_entity_nonpoly.name        water 
_pdbx_entity_nonpoly.comp_id     HOH 
# 
loop_
_entity_poly_seq.entity_id 
_entity_poly_seq.num 
_entity_poly_seq.mon_id 
_entity_poly_seq.hetero 
1 1   GLN n 
1 2   VAL n 
1 3   GLN n 
1 4   LEU n 
1 5   GLN n 
1 6   GLU n 
1 7   SER n 
1 8   GLY n 
1 9   GLY n 
1 10  GLY n 
1 11  LEU n 
1 12  VAL n 
1 13  GLN n 
1 14  ALA n 
1 15  GLY n 
1 16  GLU n 
1 17  SER n 
1 18  LEU n 
1 19  LYS n 
1 20  LEU n 
1 21  SER n 
1 22  CYS n 
1 23  ALA n 
1 24  ALA n 
1 25  SER n 
1 26  GLY n 
1 27  ASN n 
1 28  THR n 
1 29  PHE n 
1 30  SER n 
1 31  GLY n 
1 32  GLY n 
1 33  PHE n 
1 34  MET n 
1 35  GLY n 
1 36  TRP n 
1 37  TYR n 
1 38  ARG n 
1 39  GLN n 
1 40  ALA n 
1 41  PRO n 
1 42  GLY n 
1 43  LYS n 
1 44  GLN n 
1 45  ARG n 
1 46  GLU n 
1 47  LEU n 
1 48  VAL n 
1 49  ALA n 
1 50  THR n 
1 51  ILE n 
1 52  ASN n 
1 53  SER n 
1 54  ARG n 
1 55  GLY n 
1 56  ILE n 
1 57  THR n 
1 58  ASN n 
1 59  TYR n 
1 60  ALA n 
1 61  ASP n 
1 62  PHE n 
1 63  VAL n 
1 64  LYS n 
1 65  GLY n 
1 66  ARG n 
1 67  PHE n 
1 68  THR n 
1 69  ILE n 
1 70  SER n 
1 71  ARG n 
1 72  ASP n 
1 73  ASN n 
1 74  ALA n 
1 75  LYS n 
1 76  LYS n 
1 77  THR n 
1 78  VAL n 
1 79  TYR n 
1 80  LEU n 
1 81  GLU n 
1 82  MET n 
1 83  ASN n 
1 84  SER n 
1 85  LEU n 
1 86  GLU n 
1 87  PRO n 
1 88  GLU n 
1 89  ASP n 
1 90  THR n 
1 91  ALA n 
1 92  VAL n 
1 93  TYR n 
1 94  TYR n 
1 95  CYS n 
1 96  TYR n 
1 97  THR n 
1 98  HIS n 
1 99  TYR n 
1 100 PHE n 
1 101 ARG n 
1 102 SER n 
1 103 TYR n 
1 104 TRP n 
1 105 GLY n 
1 106 GLN n 
1 107 GLY n 
1 108 THR n 
1 109 GLN n 
1 110 VAL n 
1 111 THR n 
1 112 VAL n 
1 113 SER n 
1 114 SER n 
# 
_entity_src_gen.entity_id                          1 
_entity_src_gen.pdbx_src_id                        1 
_entity_src_gen.pdbx_alt_source_flag               sample 
_entity_src_gen.pdbx_seq_type                      ? 
_entity_src_gen.pdbx_beg_seq_num                   ? 
_entity_src_gen.pdbx_end_seq_num                   ? 
_entity_src_gen.gene_src_common_name               llama 
_entity_src_gen.gene_src_genus                     Lama 
_entity_src_gen.pdbx_gene_src_gene                 ? 
_entity_src_gen.gene_src_species                   ? 
_entity_src_gen.gene_src_strain                    ? 
_entity_src_gen.gene_src_tissue                    ? 
_entity_src_gen.gene_src_tissue_fraction           ? 
_entity_src_gen.gene_src_details                   ? 
_entity_src_gen.pdbx_gene_src_fragment             ? 
_entity_src_gen.pdbx_gene_src_scientific_name      'Lama glama' 
_entity_src_gen.pdbx_gene_src_ncbi_taxonomy_id     9844 
_entity_src_gen.pdbx_gene_src_variant              ? 
_entity_src_gen.pdbx_gene_src_cell_line            ? 
_entity_src_gen.pdbx_gene_src_atcc                 ? 
_entity_src_gen.pdbx_gene_src_organ                ? 
_entity_src_gen.pdbx_gene_src_organelle            ? 
_entity_src_gen.pdbx_gene_src_cell                 ? 
_entity_src_gen.pdbx_gene_src_cellular_location    ? 
_entity_src_gen.host_org_common_name               
;baker's yeast
;
_entity_src_gen.pdbx_host_org_scientific_name      'Saccharomyces cerevisiae' 
_entity_src_gen.pdbx_host_org_ncbi_taxonomy_id     4932 
_entity_src_gen.host_org_genus                     Saccharomyces 
_entity_src_gen.pdbx_host_org_gene                 ? 
_entity_src_gen.pdbx_host_org_organ                ? 
_entity_src_gen.host_org_species                   ? 
_entity_src_gen.pdbx_host_org_tissue               ? 
_entity_src_gen.pdbx_host_org_tissue_fraction      ? 
_entity_src_gen.pdbx_host_org_strain               VWK18 
_entity_src_gen.pdbx_host_org_variant              ? 
_entity_src_gen.pdbx_host_org_cell_line            ? 
_entity_src_gen.pdbx_host_org_atcc                 ? 
_entity_src_gen.pdbx_host_org_culture_collection   ? 
_entity_src_gen.pdbx_host_org_cell                 ? 
_entity_src_gen.pdbx_host_org_organelle            ? 
_entity_src_gen.pdbx_host_org_cellular_location    ? 
_entity_src_gen.pdbx_host_org_vector_type          plasmid 
_entity_src_gen.pdbx_host_org_vector               ? 
_entity_src_gen.host_org_details                   ? 
_entity_src_gen.expression_system_id               ? 
_entity_src_gen.plasmid_name                       ? 
_entity_src_gen.plasmid_details                    ? 
_entity_src_gen.pdbx_description                   ? 
# 
loop_
_chem_comp.id 
_chem_comp.type 
_chem_comp.mon_nstd_flag 
_chem_comp.name 
_chem_comp.pdbx_synonyms 
_chem_comp.formula 
_chem_comp.formula_weight 
ALA 'L-peptide linking' y ALANINE         ? 'C3 H7 N O2'     89.093  
ARG 'L-peptide linking' y ARGININE        ? 'C6 H15 N4 O2 1' 175.209 
ASN 'L-peptide linking' y ASPARAGINE      ? 'C4 H8 N2 O3'    132.118 
ASP 'L-peptide linking' y 'ASPARTIC ACID' ? 'C4 H7 N O4'     133.103 
CYS 'L-peptide linking' y CYSTEINE        ? 'C3 H7 N O2 S'   121.158 
GLN 'L-peptide linking' y GLUTAMINE       ? 'C5 H10 N2 O3'   146.144 
GLU 'L-peptide linking' y 'GLUTAMIC ACID' ? 'C5 H9 N O4'     147.129 
GLY 'peptide linking'   y GLYCINE         ? 'C2 H5 N O2'     75.067  
HIS 'L-peptide linking' y HISTIDINE       ? 'C6 H10 N3 O2 1' 156.162 
HOH non-polymer         . WATER           ? 'H2 O'           18.015  
ILE 'L-peptide linking' y ISOLEUCINE      ? 'C6 H13 N O2'    131.173 
LEU 'L-peptide linking' y LEUCINE         ? 'C6 H13 N O2'    131.173 
LYS 'L-peptide linking' y LYSINE          ? 'C6 H15 N2 O2 1' 147.195 
MET 'L-peptide linking' y METHIONINE      ? 'C5 H11 N O2 S'  149.211 
PHE 'L-peptide linking' y PHENYLALANINE   ? 'C9 H11 N O2'    165.189 
PRO 'L-peptide linking' y PROLINE         ? 'C5 H9 N O2'     115.130 
SER 'L-peptide linking' y SERINE          ? 'C3 H7 N O3'     105.093 
THR 'L-peptide linking' y THREONINE       ? 'C4 H9 N O3'     119.119 
TRP 'L-peptide linking' y TRYPTOPHAN      ? 'C11 H12 N2 O2'  204.225 
TYR 'L-peptide linking' y TYROSINE        ? 'C9 H11 N O3'    181.189 
VAL 'L-peptide linking' y VALINE          ? 'C5 H11 N O2'    117.146 
# 
loop_
_pdbx_poly_seq_scheme.asym_id 
_pdbx_poly_seq_scheme.entity_id 
_pdbx_poly_seq_scheme.seq_id 
_pdbx_poly_seq_scheme.mon_id 
_pdbx_poly_seq_scheme.ndb_seq_num 
_pdbx_poly_seq_scheme.pdb_seq_num 
_pdbx_poly_seq_scheme.auth_seq_num 
_pdbx_poly_seq_scheme.pdb_mon_id 
_pdbx_poly_seq_scheme.auth_mon_id 
_pdbx_poly_seq_scheme.pdb_strand_id 
_pdbx_poly_seq_scheme.pdb_ins_code 
_pdbx_poly_seq_scheme.hetero 
A 1 1   GLN 1   1   ?   ?   ?   A . n 
A 1 2   VAL 2   2   ?   ?   ?   A . n 
A 1 3   GLN 3   3   ?   ?   ?   A . n 
A 1 4   LEU 4   4   ?   ?   ?   A . n 
A 1 5   GLN 5   5   ?   ?   ?   A . n 
A 1 6   GLU 6   6   ?   ?   ?   A . n 
A 1 7   SER 7   7   ?   ?   ?   A . n 
A 1 8   GLY 8   8   8   GLY GLY A . n 
A 1 9   GLY 9   9   9   GLY GLY A . n 
A 1 10  GLY 10  10  10  GLY GLY A . n 
A 1 11  LEU 11  11  11  LEU LEU A . n 
A 1 12  VAL 12  12  12  VAL VAL A . n 
A 1 13  GLN 13  13  13  GLN GLN A . n 
A 1 14  ALA 14  14  14  ALA ALA A . n 
A 1 15  GLY 15  15  15  GLY GLY A . n 
A 1 16  GLU 16  16  16  GLU GLU A . n 
A 1 17  SER 17  17  17  SER SER A . n 
A 1 18  LEU 18  18  18  LEU LEU A . n 
A 1 19  LYS 19  19  19  LYS LYS A . n 
A 1 20  LEU 20  20  20  LEU LEU A . n 
A 1 21  SER 21  21  21  SER SER A . n 
A 1 22  CYS 22  22  22  CYS CYS A . n 
A 1 23  ALA 23  23  23  ALA ALA A . n 
A 1 24  ALA 24  24  24  ALA ALA A . n 
A 1 25  SER 25  25  ?   ?   ?   A D n 
A 1 26  GLY 26  25  ?   ?   ?   A C n 
A 1 27  ASN 27  25  ?   ?   ?   A B n 
A 1 28  THR 28  25  ?   ?   ?   A A n 
A 1 29  PHE 29  25  ?   ?   ?   A . n 
A 1 30  SER 30  26  26  SER SER A . n 
A 1 31  GLY 31  27  27  GLY GLY A . n 
A 1 32  GLY 32  28  28  GLY GLY A . n 
A 1 33  PHE 33  29  29  PHE PHE A . n 
A 1 34  MET 34  30  30  MET MET A . n 
A 1 35  GLY 35  31  31  GLY GLY A . n 
A 1 36  TRP 36  32  32  TRP TRP A . n 
A 1 37  TYR 37  33  33  TYR TYR A . n 
A 1 38  ARG 38  34  34  ARG ARG A . n 
A 1 39  GLN 39  35  35  GLN GLN A . n 
A 1 40  ALA 40  36  36  ALA ALA A . n 
A 1 41  PRO 41  37  37  PRO PRO A . n 
A 1 42  GLY 42  38  38  GLY GLY A . n 
A 1 43  LYS 43  39  39  LYS LYS A . n 
A 1 44  GLN 44  40  40  GLN GLN A . n 
A 1 45  ARG 45  41  41  ARG ARG A . n 
A 1 46  GLU 46  42  42  GLU GLU A . n 
A 1 47  LEU 47  43  43  LEU LEU A . n 
A 1 48  VAL 48  44  44  VAL VAL A . n 
A 1 49  ALA 49  45  45  ALA ALA A . n 
A 1 50  THR 50  46  46  THR THR A . n 
A 1 51  ILE 51  47  47  ILE ILE A . n 
A 1 52  ASN 52  48  48  ASN ASN A . n 
A 1 53  SER 53  49  49  SER SER A . n 
A 1 54  ARG 54  50  50  ARG ARG A . n 
A 1 55  GLY 55  51  51  GLY GLY A . n 
A 1 56  ILE 56  52  52  ILE ILE A . n 
A 1 57  THR 57  53  53  THR THR A . n 
A 1 58  ASN 58  54  54  ASN ASN A . n 
A 1 59  TYR 59  55  55  TYR TYR A . n 
A 1 60  ALA 60  56  56  ALA ALA A . n 
A 1 61  ASP 61  57  57  ASP ASP A . n 
A 1 62  PHE 62  58  58  PHE PHE A . n 
A 1 63  VAL 63  59  59  VAL VAL A . n 
A 1 64  LYS 64  60  60  LYS LYS A . n 
A 1 65  GLY 65  61  61  GLY GLY A . n 
A 1 66  ARG 66  62  62  ARG ARG A . n 
A 1 67  PHE 67  63  63  PHE PHE A . n 
A 1 68  THR 68  64  64  THR THR A . n 
A 1 69  ILE 69  65  65  ILE ILE A . n 
A 1 70  SER 70  66  66  SER SER A . n 
A 1 71  ARG 71  67  67  ARG ARG A . n 
A 1 72  ASP 72  68  68  ASP ASP A . n 
A 1 73  ASN 73  69  69  ASN ASN A . n 
A 1 74  ALA 74  70  70  ALA ALA A . n 
A 1 75  LYS 75  71  71  LYS LYS A . n 
A 1 76  LYS 76  72  72  LYS LYS A . n 
A 1 77  THR 77  73  73  THR THR A . n 
A 1 78  VAL 78  74  74  VAL VAL A . n 
A 1 79  TYR 79  75  75  TYR TYR A . n 
A 1 80  LEU 80  76  76  LEU LEU A . n 
A 1 81  GLU 81  77  77  GLU GLU A . n 
A 1 82  MET 82  78  78  MET MET A . n 
A 1 83  ASN 83  79  79  ASN ASN A . n 
A 1 84  SER 84  80  80  SER SER A . n 
A 1 85  LEU 85  81  81  LEU LEU A . n 
A 1 86  GLU 86  82  82  GLU GLU A . n 
A 1 87  PRO 87  83  83  PRO PRO A . n 
A 1 88  GLU 88  84  84  GLU GLU A . n 
A 1 89  ASP 89  85  85  ASP ASP A . n 
A 1 90  THR 90  86  86  THR THR A . n 
A 1 91  ALA 91  87  87  ALA ALA A . n 
A 1 92  VAL 92  88  88  VAL VAL A . n 
A 1 93  TYR 93  89  89  TYR TYR A . n 
A 1 94  TYR 94  90  90  TYR TYR A . n 
A 1 95  CYS 95  91  91  CYS CYS A . n 
A 1 96  TYR 96  92  92  TYR TYR A . n 
A 1 97  THR 97  93  93  THR THR A . n 
A 1 98  HIS 98  94  94  HIS HIS A . n 
A 1 99  TYR 99  95  95  TYR TYR A . n 
A 1 100 PHE 100 96  96  PHE PHE A . n 
A 1 101 ARG 101 97  97  ARG ARG A . n 
A 1 102 SER 102 98  98  SER SER A . n 
A 1 103 TYR 103 99  99  TYR TYR A . n 
A 1 104 TRP 104 100 100 TRP TRP A . n 
A 1 105 GLY 105 101 101 GLY GLY A . n 
A 1 106 GLN 106 102 102 GLN GLN A . n 
A 1 107 GLY 107 103 103 GLY GLY A . n 
A 1 108 THR 108 104 104 THR THR A . n 
A 1 109 GLN 109 105 105 GLN GLN A . n 
A 1 110 VAL 110 106 106 VAL VAL A . n 
A 1 111 THR 111 107 107 THR THR A . n 
A 1 112 VAL 112 108 108 VAL VAL A . n 
A 1 113 SER 113 109 109 SER SER A . n 
A 1 114 SER 114 110 110 SER SER A . n 
# 
loop_
_pdbx_nonpoly_scheme.asym_id 
_pdbx_nonpoly_scheme.entity_id 
_pdbx_nonpoly_scheme.mon_id 
_pdbx_nonpoly_scheme.ndb_seq_num 
_pdbx_nonpoly_scheme.pdb_seq_num 
_pdbx_nonpoly_scheme.auth_seq_num 
_pdbx_nonpoly_scheme.pdb_mon_id 
_pdbx_nonpoly_scheme.auth_mon_id 
_pdbx_nonpoly_scheme.pdb_strand_id 
_pdbx_nonpoly_scheme.pdb_ins_code 
B 2 HOH 1  111 1  HOH HOH A . 
B 2 HOH 2  112 2  HOH HOH A . 
B 2 HOH 3  113 3  HOH HOH A . 
B 2 HOH 4  114 4  HOH HOH A . 
B 2 HOH 5  115 5  HOH HOH A . 
B 2 HOH 6  116 6  HOH HOH A . 
B 2 HOH 7  117 7  HOH HOH A . 
B 2 HOH 8  118 8  HOH HOH A . 
B 2 HOH 9  119 9  HOH HOH A . 
B 2 HOH 10 120 10 HOH HOH A . 
B 2 HOH 11 121 11 HOH HOH A . 
B 2 HOH 12 122 12 HOH HOH A . 
B 2 HOH 13 123 13 HOH HOH A . 
B 2 HOH 14 124 14 HOH HOH A . 
B 2 HOH 15 125 15 HOH HOH A . 
B 2 HOH 16 126 16 HOH HOH A . 
B 2 HOH 17 127 17 HOH HOH A . 
B 2 HOH 18 128 18 HOH HOH A . 
B 2 HOH 19 129 19 HOH HOH A . 
B 2 HOH 20 130 20 HOH HOH A . 
B 2 HOH 21 131 21 HOH HOH A . 
B 2 HOH 22 132 22 HOH HOH A . 
B 2 HOH 23 133 23 HOH HOH A . 
B 2 HOH 24 134 24 HOH HOH A . 
B 2 HOH 25 135 25 HOH HOH A . 
B 2 HOH 26 136 26 HOH HOH A . 
B 2 HOH 27 137 27 HOH HOH A . 
B 2 HOH 28 138 28 HOH HOH A . 
B 2 HOH 29 139 29 HOH HOH A . 
B 2 HOH 30 140 30 HOH HOH A . 
B 2 HOH 31 141 31 HOH HOH A . 
B 2 HOH 32 142 32 HOH HOH A . 
B 2 HOH 33 143 33 HOH HOH A . 
B 2 HOH 34 144 34 HOH HOH A . 
B 2 HOH 35 145 35 HOH HOH A . 
B 2 HOH 36 146 36 HOH HOH A . 
B 2 HOH 37 147 37 HOH HOH A . 
B 2 HOH 38 148 38 HOH HOH A . 
B 2 HOH 39 149 39 HOH HOH A . 
B 2 HOH 40 150 40 HOH HOH A . 
B 2 HOH 41 151 41 HOH HOH A . 
B 2 HOH 42 152 42 HOH HOH A . 
B 2 HOH 43 153 43 HOH HOH A . 
B 2 HOH 44 154 44 HOH HOH A . 
B 2 HOH 45 155 45 HOH HOH A . 
B 2 HOH 46 156 46 HOH HOH A . 
B 2 HOH 47 157 47 HOH HOH A . 
B 2 HOH 48 158 48 HOH HOH A . 
B 2 HOH 49 159 50 HOH HOH A . 
B 2 HOH 50 160 51 HOH HOH A . 
B 2 HOH 51 161 52 HOH HOH A . 
B 2 HOH 52 162 53 HOH HOH A . 
B 2 HOH 53 163 54 HOH HOH A . 
B 2 HOH 54 164 55 HOH HOH A . 
B 2 HOH 55 165 56 HOH HOH A . 
B 2 HOH 56 166 58 HOH HOH A . 
B 2 HOH 57 167 59 HOH HOH A . 
B 2 HOH 58 168 60 HOH HOH A . 
B 2 HOH 59 169 61 HOH HOH A . 
# 
loop_
_pdbx_unobs_or_zero_occ_atoms.id 
_pdbx_unobs_or_zero_occ_atoms.PDB_model_num 
_pdbx_unobs_or_zero_occ_atoms.polymer_flag 
_pdbx_unobs_or_zero_occ_atoms.occupancy_flag 
_pdbx_unobs_or_zero_occ_atoms.auth_asym_id 
_pdbx_unobs_or_zero_occ_atoms.auth_comp_id 
_pdbx_unobs_or_zero_occ_atoms.auth_seq_id 
_pdbx_unobs_or_zero_occ_atoms.PDB_ins_code 
_pdbx_unobs_or_zero_occ_atoms.auth_atom_id 
_pdbx_unobs_or_zero_occ_atoms.label_alt_id 
_pdbx_unobs_or_zero_occ_atoms.label_asym_id 
_pdbx_unobs_or_zero_occ_atoms.label_comp_id 
_pdbx_unobs_or_zero_occ_atoms.label_seq_id 
_pdbx_unobs_or_zero_occ_atoms.label_atom_id 
1 1 Y 0 A ASP 68 ? CA  ? A ASP 72 CA  
2 1 Y 0 A ASP 68 ? OD1 ? A ASP 72 OD1 
3 1 Y 0 A ASP 68 ? OD2 ? A ASP 72 OD2 
# 
loop_
_software.name 
_software.classification 
_software.version 
_software.citation_id 
_software.pdbx_ordinal 
DENZO  'data reduction' .         ? 1 
SCALA  'data scaling'   .         ? 2 
AMoRE  phasing          .         ? 3 
REFMAC refinement       5.1.24    ? 4 
CCP4   'data scaling'   '(SCALA)' ? 5 
# 
_cell.entry_id           1SJV 
_cell.length_a           124.3 
_cell.length_b           124.3 
_cell.length_c           124.3 
_cell.angle_alpha        90 
_cell.angle_beta         90 
_cell.angle_gamma        90 
_cell.Z_PDB              48 
_cell.pdbx_unique_axis   ? 
# 
_symmetry.entry_id                         1SJV 
_symmetry.space_group_name_H-M             'I 41 3 2' 
_symmetry.pdbx_full_space_group_name_H-M   ? 
_symmetry.cell_setting                     ? 
_symmetry.Int_Tables_number                214 
# 
_exptl.entry_id          1SJV 
_exptl.method            'X-RAY DIFFRACTION' 
_exptl.crystals_number   1 
# 
_exptl_crystal.id                    1 
_exptl_crystal.density_meas          ? 
_exptl_crystal.density_percent_sol   65.47 
_exptl_crystal.description           ? 
_exptl_crystal.density_Matthews      3.59 
# 
_exptl_crystal_grow.crystal_id      1 
_exptl_crystal_grow.method          'VAPOR DIFFUSION' 
_exptl_crystal_grow.temp            293 
_exptl_crystal_grow.temp_details    ? 
_exptl_crystal_grow.pH              7.5 
_exptl_crystal_grow.pdbx_details    '26-28% PEG 600, 100 mM Hepes, pH 7.5, VAPOR DIFFUSION, temperature 293K' 
_exptl_crystal_grow.pdbx_pH_range   . 
# 
_diffrn.id                     1 
_diffrn.ambient_temp           100 
_diffrn.ambient_temp_details   ? 
_diffrn.crystal_id             1 
# 
_diffrn_detector.diffrn_id              1 
_diffrn_detector.detector               CCD 
_diffrn_detector.type                   'ADSC QUANTUM 4' 
_diffrn_detector.pdbx_collection_date   1999-06-09 
_diffrn_detector.details                ? 
# 
_diffrn_radiation.diffrn_id                        1 
_diffrn_radiation.wavelength_id                    1 
_diffrn_radiation.pdbx_monochromatic_or_laue_m_l   M 
_diffrn_radiation.monochromator                    ? 
_diffrn_radiation.pdbx_diffrn_protocol             'SINGLE WAVELENGTH' 
_diffrn_radiation.pdbx_scattering_type             x-ray 
# 
_diffrn_radiation_wavelength.id           1 
_diffrn_radiation_wavelength.wavelength   1.067 
_diffrn_radiation_wavelength.wt           1.0 
# 
_diffrn_source.diffrn_id                   1 
_diffrn_source.source                      SYNCHROTRON 
_diffrn_source.type                        'ESRF BEAMLINE ID14-2' 
_diffrn_source.pdbx_synchrotron_site       ESRF 
_diffrn_source.pdbx_synchrotron_beamline   ID14-2 
_diffrn_source.pdbx_wavelength             ? 
_diffrn_source.pdbx_wavelength_list        1.067 
# 
_reflns.entry_id                     1SJV 
_reflns.observed_criterion_sigma_F   2.3 
_reflns.observed_criterion_sigma_I   2.0 
_reflns.d_resolution_high            1.94 
_reflns.d_resolution_low             30.0 
_reflns.number_all                   ? 
_reflns.number_obs                   12491 
_reflns.percent_possible_obs         98.6 
_reflns.pdbx_Rmerge_I_obs            0.094 
_reflns.pdbx_Rsym_value              0.094 
_reflns.pdbx_netI_over_sigmaI        ? 
_reflns.B_iso_Wilson_estimate        ? 
_reflns.pdbx_redundancy              ? 
_reflns.R_free_details               ? 
_reflns.limit_h_max                  ? 
_reflns.limit_h_min                  ? 
_reflns.limit_k_max                  ? 
_reflns.limit_k_min                  ? 
_reflns.limit_l_max                  ? 
_reflns.limit_l_min                  ? 
_reflns.observed_criterion_F_max     ? 
_reflns.observed_criterion_F_min     ? 
_reflns.pdbx_ordinal                 1 
_reflns.pdbx_diffrn_id               1 
# 
_reflns_shell.d_res_high             1.94 
_reflns_shell.d_res_low              2.01 
_reflns_shell.percent_possible_all   98.6 
_reflns_shell.Rmerge_I_obs           ? 
_reflns_shell.pdbx_Rsym_value        ? 
_reflns_shell.meanI_over_sigI_obs    ? 
_reflns_shell.pdbx_redundancy        ? 
_reflns_shell.percent_possible_obs   ? 
_reflns_shell.number_unique_all      ? 
_reflns_shell.pdbx_ordinal           1 
_reflns_shell.pdbx_diffrn_id         1 
# 
_refine.entry_id                                 1SJV 
_refine.ls_d_res_high                            1.94 
_refine.ls_d_res_low                             15.0 
_refine.pdbx_ls_sigma_F                          2.0 
_refine.pdbx_ls_sigma_I                          ? 
_refine.ls_number_reflns_all                     11053 
_refine.ls_number_reflns_obs                     11053 
_refine.ls_number_reflns_R_free                  974 
_refine.ls_percent_reflns_obs                    98.34 
_refine.ls_R_factor_all                          0.207 
_refine.ls_R_factor_obs                          0.206 
_refine.ls_R_factor_R_work                       0.206 
_refine.ls_R_factor_R_free                       0.225 
_refine.ls_redundancy_reflns_obs                 ? 
_refine.pdbx_data_cutoff_high_absF               ? 
_refine.pdbx_data_cutoff_low_absF                ? 
_refine.ls_number_parameters                     ? 
_refine.ls_number_restraints                     ? 
_refine.ls_percent_reflns_R_free                 ? 
_refine.ls_R_factor_R_free_error                 ? 
_refine.ls_R_factor_R_free_error_details         ? 
_refine.pdbx_method_to_determine_struct          'MOLECULAR REPLACEMENT' 
_refine.pdbx_starting_model                      ? 
_refine.pdbx_ls_cross_valid_method               ? 
_refine.pdbx_R_Free_selection_details            random 
_refine.pdbx_stereochem_target_val_spec_case     ? 
_refine.pdbx_stereochemistry_target_values       'Engh & Huber' 
_refine.solvent_model_details                    ? 
_refine.solvent_model_param_bsol                 ? 
_refine.solvent_model_param_ksol                 ? 
_refine.occupancy_max                            ? 
_refine.occupancy_min                            ? 
_refine.pdbx_isotropic_thermal_model             ? 
_refine.B_iso_mean                               ? 
_refine.aniso_B[1][1]                            ? 
_refine.aniso_B[1][2]                            ? 
_refine.aniso_B[1][3]                            ? 
_refine.aniso_B[2][2]                            ? 
_refine.aniso_B[2][3]                            ? 
_refine.aniso_B[3][3]                            ? 
_refine.details                                  ? 
_refine.B_iso_min                                ? 
_refine.B_iso_max                                ? 
_refine.correlation_coeff_Fo_to_Fc               ? 
_refine.correlation_coeff_Fo_to_Fc_free          ? 
_refine.pdbx_solvent_vdw_probe_radii             ? 
_refine.pdbx_solvent_ion_probe_radii             ? 
_refine.pdbx_solvent_shrinkage_radii             ? 
_refine.overall_SU_R_Cruickshank_DPI             ? 
_refine.overall_SU_R_free                        ? 
_refine.overall_SU_B                             ? 
_refine.overall_SU_ML                            ? 
_refine.pdbx_overall_ESU_R                       ? 
_refine.pdbx_overall_ESU_R_Free                  ? 
_refine.pdbx_data_cutoff_high_rms_absF           ? 
_refine.pdbx_refine_id                           'X-RAY DIFFRACTION' 
_refine.pdbx_diffrn_id                           1 
_refine.pdbx_TLS_residual_ADP_flag               ? 
_refine.pdbx_overall_phase_error                 ? 
_refine.pdbx_overall_SU_R_free_Cruickshank_DPI   ? 
_refine.pdbx_overall_SU_R_Blow_DPI               ? 
_refine.pdbx_overall_SU_R_free_Blow_DPI          ? 
# 
_refine_hist.pdbx_refine_id                   'X-RAY DIFFRACTION' 
_refine_hist.cycle_id                         LAST 
_refine_hist.pdbx_number_atoms_protein        796 
_refine_hist.pdbx_number_atoms_nucleic_acid   0 
_refine_hist.pdbx_number_atoms_ligand         0 
_refine_hist.number_atoms_solvent             59 
_refine_hist.number_atoms_total               855 
_refine_hist.d_res_high                       1.94 
_refine_hist.d_res_low                        15.0 
# 
loop_
_refine_ls_restr.type 
_refine_ls_restr.dev_ideal 
_refine_ls_restr.dev_ideal_target 
_refine_ls_restr.weight 
_refine_ls_restr.number 
_refine_ls_restr.pdbx_refine_id 
_refine_ls_restr.pdbx_restraint_function 
r_bond_refined_d    0.013 ? ? ? 'X-RAY DIFFRACTION' ? 
r_angle_refined_deg 1.7   ? ? ? 'X-RAY DIFFRACTION' ? 
# 
_struct.entry_id                  1SJV 
_struct.title                     'Three-Dimensional Structure of a Llama VHH Domain Swapping' 
_struct.pdbx_model_details        ? 
_struct.pdbx_CASP_flag            ? 
_struct.pdbx_model_type_details   ? 
# 
_struct_keywords.entry_id        1SJV 
_struct_keywords.pdbx_keywords   ANTIBIOTIC 
_struct_keywords.text            'Camelids antibody, domain swapping, heavy chain antibody, ANTIBIOTIC' 
# 
loop_
_struct_asym.id 
_struct_asym.pdbx_blank_PDB_chainid_flag 
_struct_asym.pdbx_modified 
_struct_asym.entity_id 
_struct_asym.details 
A N N 1 ? 
B N N 2 ? 
# 
_struct_ref.id                         1 
_struct_ref.db_name                    GB 
_struct_ref.db_code                    CAA15419 
_struct_ref.pdbx_db_accession          4165546 
_struct_ref.entity_id                  1 
_struct_ref.pdbx_seq_one_letter_code   
;QVQLQESGGGLVQAGESLKLSCAASGNTFSGGFMGWYRQAPGKQRELVATINSRGITNYADFVKGRFTISRDNAKKTVYL
EMNSLEPEDTAVYYCYTHYFRSYWGQGTQVTVSS
;
_struct_ref.pdbx_align_begin           1 
_struct_ref.pdbx_db_isoform            ? 
# 
_struct_ref_seq.align_id                      1 
_struct_ref_seq.ref_id                        1 
_struct_ref_seq.pdbx_PDB_id_code              1SJV 
_struct_ref_seq.pdbx_strand_id                A 
_struct_ref_seq.seq_align_beg                 1 
_struct_ref_seq.pdbx_seq_align_beg_ins_code   ? 
_struct_ref_seq.seq_align_end                 114 
_struct_ref_seq.pdbx_seq_align_end_ins_code   ? 
_struct_ref_seq.pdbx_db_accession             4165546 
_struct_ref_seq.db_align_beg                  1 
_struct_ref_seq.pdbx_db_align_beg_ins_code    ? 
_struct_ref_seq.db_align_end                  114 
_struct_ref_seq.pdbx_db_align_end_ins_code    ? 
_struct_ref_seq.pdbx_auth_seq_align_beg       1 
_struct_ref_seq.pdbx_auth_seq_align_end       110 
# 
loop_
_pdbx_struct_assembly.id 
_pdbx_struct_assembly.details 
_pdbx_struct_assembly.method_details 
_pdbx_struct_assembly.oligomeric_details 
_pdbx_struct_assembly.oligomeric_count 
1 author_defined_assembly   ?        monomeric 1 
2 software_defined_assembly PISA,PQS dimeric   2 
# 
loop_
_pdbx_struct_assembly_prop.biol_id 
_pdbx_struct_assembly_prop.type 
_pdbx_struct_assembly_prop.value 
_pdbx_struct_assembly_prop.details 
2 'ABSA (A^2)' 3460  ? 
2 MORE         -25   ? 
2 'SSA (A^2)'  12130 ? 
# 
loop_
_pdbx_struct_assembly_gen.assembly_id 
_pdbx_struct_assembly_gen.oper_expression 
_pdbx_struct_assembly_gen.asym_id_list 
1 1   A,B 
2 1,2 A,B 
# 
loop_
_pdbx_struct_oper_list.id 
_pdbx_struct_oper_list.type 
_pdbx_struct_oper_list.name 
_pdbx_struct_oper_list.symmetry_operation 
_pdbx_struct_oper_list.matrix[1][1] 
_pdbx_struct_oper_list.matrix[1][2] 
_pdbx_struct_oper_list.matrix[1][3] 
_pdbx_struct_oper_list.vector[1] 
_pdbx_struct_oper_list.matrix[2][1] 
_pdbx_struct_oper_list.matrix[2][2] 
_pdbx_struct_oper_list.matrix[2][3] 
_pdbx_struct_oper_list.vector[2] 
_pdbx_struct_oper_list.matrix[3][1] 
_pdbx_struct_oper_list.matrix[3][2] 
_pdbx_struct_oper_list.matrix[3][3] 
_pdbx_struct_oper_list.vector[3] 
1 'identity operation'         1_555  x,y,z              1.0000000000  0.0000000000  0.0000000000 0.0000000000  0.0000000000  1.0000000000  0.0000000000  0.0000000000  0.0000000000 0.0000000000  1.0000000000 0.0000000000  
2 'crystal symmetry operation' 18_554 -x+1/4,z+3/4,y-3/4 -0.9646635178 -0.1119264154 0.2385304487 29.5189340869 -0.1119264154 -0.6454790721 -0.7555324249 -6.2132249731 0.2385304487 -0.7555324249 0.6101425899 -7.2884585480 
# 
_struct_biol.id                    1 
_struct_biol.pdbx_parent_biol_id   ? 
_struct_biol.details               ? 
# 
_struct_conf.conf_type_id            HELX_P 
_struct_conf.id                      HELX_P1 
_struct_conf.pdbx_PDB_helix_id       1 
_struct_conf.beg_label_comp_id       GLU 
_struct_conf.beg_label_asym_id       A 
_struct_conf.beg_label_seq_id        86 
_struct_conf.pdbx_beg_PDB_ins_code   ? 
_struct_conf.end_label_comp_id       THR 
_struct_conf.end_label_asym_id       A 
_struct_conf.end_label_seq_id        90 
_struct_conf.pdbx_end_PDB_ins_code   ? 
_struct_conf.beg_auth_comp_id        GLU 
_struct_conf.beg_auth_asym_id        A 
_struct_conf.beg_auth_seq_id         82 
_struct_conf.end_auth_comp_id        THR 
_struct_conf.end_auth_asym_id        A 
_struct_conf.end_auth_seq_id         86 
_struct_conf.pdbx_PDB_helix_class    5 
_struct_conf.details                 ? 
_struct_conf.pdbx_PDB_helix_length   5 
# 
_struct_conf_type.id          HELX_P 
_struct_conf_type.criteria    ? 
_struct_conf_type.reference   ? 
# 
_struct_conn.id                            disulf1 
_struct_conn.conn_type_id                  disulf 
_struct_conn.pdbx_leaving_atom_flag        ? 
_struct_conn.pdbx_PDB_id                   ? 
_struct_conn.ptnr1_label_asym_id           A 
_struct_conn.ptnr1_label_comp_id           CYS 
_struct_conn.ptnr1_label_seq_id            22 
_struct_conn.ptnr1_label_atom_id           SG 
_struct_conn.pdbx_ptnr1_label_alt_id       B 
_struct_conn.pdbx_ptnr1_PDB_ins_code       ? 
_struct_conn.pdbx_ptnr1_standard_comp_id   ? 
_struct_conn.ptnr1_symmetry                1_555 
_struct_conn.ptnr2_label_asym_id           A 
_struct_conn.ptnr2_label_comp_id           CYS 
_struct_conn.ptnr2_label_seq_id            95 
_struct_conn.ptnr2_label_atom_id           SG 
_struct_conn.pdbx_ptnr2_label_alt_id       B 
_struct_conn.pdbx_ptnr2_PDB_ins_code       ? 
_struct_conn.ptnr1_auth_asym_id            A 
_struct_conn.ptnr1_auth_comp_id            CYS 
_struct_conn.ptnr1_auth_seq_id             22 
_struct_conn.ptnr2_auth_asym_id            A 
_struct_conn.ptnr2_auth_comp_id            CYS 
_struct_conn.ptnr2_auth_seq_id             91 
_struct_conn.ptnr2_symmetry                1_555 
_struct_conn.pdbx_ptnr3_label_atom_id      ? 
_struct_conn.pdbx_ptnr3_label_seq_id       ? 
_struct_conn.pdbx_ptnr3_label_comp_id      ? 
_struct_conn.pdbx_ptnr3_label_asym_id      ? 
_struct_conn.pdbx_ptnr3_label_alt_id       ? 
_struct_conn.pdbx_ptnr3_PDB_ins_code       ? 
_struct_conn.details                       ? 
_struct_conn.pdbx_dist_value               2.042 
_struct_conn.pdbx_value_order              ? 
_struct_conn.pdbx_role                     ? 
# 
_struct_conn_type.id          disulf 
_struct_conn_type.criteria    ? 
_struct_conn_type.reference   ? 
# 
_pdbx_modification_feature.ordinal                            1 
_pdbx_modification_feature.label_comp_id                      CYS 
_pdbx_modification_feature.label_asym_id                      A 
_pdbx_modification_feature.label_seq_id                       22 
_pdbx_modification_feature.label_alt_id                       B 
_pdbx_modification_feature.modified_residue_label_comp_id     CYS 
_pdbx_modification_feature.modified_residue_label_asym_id     A 
_pdbx_modification_feature.modified_residue_label_seq_id      95 
_pdbx_modification_feature.modified_residue_label_alt_id      B 
_pdbx_modification_feature.auth_comp_id                       CYS 
_pdbx_modification_feature.auth_asym_id                       A 
_pdbx_modification_feature.auth_seq_id                        22 
_pdbx_modification_feature.PDB_ins_code                       ? 
_pdbx_modification_feature.symmetry                           1_555 
_pdbx_modification_feature.modified_residue_auth_comp_id      CYS 
_pdbx_modification_feature.modified_residue_auth_asym_id      A 
_pdbx_modification_feature.modified_residue_auth_seq_id       91 
_pdbx_modification_feature.modified_residue_PDB_ins_code      ? 
_pdbx_modification_feature.modified_residue_symmetry          1_555 
_pdbx_modification_feature.comp_id_linking_atom               SG 
_pdbx_modification_feature.modified_residue_id_linking_atom   SG 
_pdbx_modification_feature.modified_residue_id                . 
_pdbx_modification_feature.ref_pcm_id                         . 
_pdbx_modification_feature.ref_comp_id                        . 
_pdbx_modification_feature.type                               None 
_pdbx_modification_feature.category                           'Disulfide bridge' 
# 
loop_
_struct_sheet.id 
_struct_sheet.type 
_struct_sheet.number_strands 
_struct_sheet.details 
A ? 3 ? 
B ? 4 ? 
# 
loop_
_struct_sheet_order.sheet_id 
_struct_sheet_order.range_id_1 
_struct_sheet_order.range_id_2 
_struct_sheet_order.offset 
_struct_sheet_order.sense 
A 1 2 ? anti-parallel 
A 2 3 ? anti-parallel 
B 1 2 ? anti-parallel 
B 2 3 ? anti-parallel 
B 3 4 ? anti-parallel 
# 
loop_
_struct_sheet_range.sheet_id 
_struct_sheet_range.id 
_struct_sheet_range.beg_label_comp_id 
_struct_sheet_range.beg_label_asym_id 
_struct_sheet_range.beg_label_seq_id 
_struct_sheet_range.pdbx_beg_PDB_ins_code 
_struct_sheet_range.end_label_comp_id 
_struct_sheet_range.end_label_asym_id 
_struct_sheet_range.end_label_seq_id 
_struct_sheet_range.pdbx_end_PDB_ins_code 
_struct_sheet_range.beg_auth_comp_id 
_struct_sheet_range.beg_auth_asym_id 
_struct_sheet_range.beg_auth_seq_id 
_struct_sheet_range.end_auth_comp_id 
_struct_sheet_range.end_auth_asym_id 
_struct_sheet_range.end_auth_seq_id 
A 1 LEU A 18 ? CYS A 22 ? LEU A 18 CYS A 22 
A 2 VAL A 78 ? MET A 82 ? VAL A 74 MET A 78 
A 3 PHE A 67 ? ARG A 71 ? PHE A 63 ARG A 67 
B 1 THR A 57 ? TYR A 59 ? THR A 53 TYR A 55 
B 2 GLU A 46 ? ILE A 51 ? GLU A 42 ILE A 47 
B 3 MET A 34 ? GLN A 39 ? MET A 30 GLN A 35 
B 4 VAL A 92 ? THR A 97 ? VAL A 88 THR A 93 
# 
loop_
_pdbx_struct_sheet_hbond.sheet_id 
_pdbx_struct_sheet_hbond.range_id_1 
_pdbx_struct_sheet_hbond.range_id_2 
_pdbx_struct_sheet_hbond.range_1_label_atom_id 
_pdbx_struct_sheet_hbond.range_1_label_comp_id 
_pdbx_struct_sheet_hbond.range_1_label_asym_id 
_pdbx_struct_sheet_hbond.range_1_label_seq_id 
_pdbx_struct_sheet_hbond.range_1_PDB_ins_code 
_pdbx_struct_sheet_hbond.range_1_auth_atom_id 
_pdbx_struct_sheet_hbond.range_1_auth_comp_id 
_pdbx_struct_sheet_hbond.range_1_auth_asym_id 
_pdbx_struct_sheet_hbond.range_1_auth_seq_id 
_pdbx_struct_sheet_hbond.range_2_label_atom_id 
_pdbx_struct_sheet_hbond.range_2_label_comp_id 
_pdbx_struct_sheet_hbond.range_2_label_asym_id 
_pdbx_struct_sheet_hbond.range_2_label_seq_id 
_pdbx_struct_sheet_hbond.range_2_PDB_ins_code 
_pdbx_struct_sheet_hbond.range_2_auth_atom_id 
_pdbx_struct_sheet_hbond.range_2_auth_comp_id 
_pdbx_struct_sheet_hbond.range_2_auth_asym_id 
_pdbx_struct_sheet_hbond.range_2_auth_seq_id 
A 1 2 N LEU A 18 ? N LEU A 18 O MET A 82 ? O MET A 78 
A 2 3 O GLU A 81 ? O GLU A 77 N THR A 68 ? N THR A 64 
B 1 2 O ASN A 58 ? O ASN A 54 N THR A 50 ? N THR A 46 
B 2 3 O VAL A 48 ? O VAL A 44 N TRP A 36 ? N TRP A 32 
B 3 4 N GLN A 39 ? N GLN A 35 O VAL A 92 ? O VAL A 88 
# 
_pdbx_entry_details.entry_id                   1SJV 
_pdbx_entry_details.compound_details           ? 
_pdbx_entry_details.source_details             ? 
_pdbx_entry_details.nonpolymer_details         ? 
_pdbx_entry_details.sequence_details           ? 
_pdbx_entry_details.has_ligand_of_interest     ? 
_pdbx_entry_details.has_protein_modification   Y 
# 
loop_
_pdbx_validate_rmsd_bond.id 
_pdbx_validate_rmsd_bond.PDB_model_num 
_pdbx_validate_rmsd_bond.auth_atom_id_1 
_pdbx_validate_rmsd_bond.auth_asym_id_1 
_pdbx_validate_rmsd_bond.auth_comp_id_1 
_pdbx_validate_rmsd_bond.auth_seq_id_1 
_pdbx_validate_rmsd_bond.PDB_ins_code_1 
_pdbx_validate_rmsd_bond.label_alt_id_1 
_pdbx_validate_rmsd_bond.auth_atom_id_2 
_pdbx_validate_rmsd_bond.auth_asym_id_2 
_pdbx_validate_rmsd_bond.auth_comp_id_2 
_pdbx_validate_rmsd_bond.auth_seq_id_2 
_pdbx_validate_rmsd_bond.PDB_ins_code_2 
_pdbx_validate_rmsd_bond.label_alt_id_2 
_pdbx_validate_rmsd_bond.bond_value 
_pdbx_validate_rmsd_bond.bond_target_value 
_pdbx_validate_rmsd_bond.bond_deviation 
_pdbx_validate_rmsd_bond.bond_standard_deviation 
_pdbx_validate_rmsd_bond.linker_flag 
1 1 C A ARG 67 ? ? N A ASP 68 ? ? 1.060 1.336 -0.276 0.023 Y 
2 1 C A ASP 68 ? ? N A ASN 69 ? ? 1.564 1.336 0.228  0.023 Y 
3 1 C A LYS 72 ? ? N A THR 73 ? ? 1.059 1.336 -0.277 0.023 Y 
4 1 C A VAL 74 ? ? N A TYR 75 ? ? 1.048 1.336 -0.288 0.023 Y 
# 
loop_
_pdbx_validate_rmsd_angle.id 
_pdbx_validate_rmsd_angle.PDB_model_num 
_pdbx_validate_rmsd_angle.auth_atom_id_1 
_pdbx_validate_rmsd_angle.auth_asym_id_1 
_pdbx_validate_rmsd_angle.auth_comp_id_1 
_pdbx_validate_rmsd_angle.auth_seq_id_1 
_pdbx_validate_rmsd_angle.PDB_ins_code_1 
_pdbx_validate_rmsd_angle.label_alt_id_1 
_pdbx_validate_rmsd_angle.auth_atom_id_2 
_pdbx_validate_rmsd_angle.auth_asym_id_2 
_pdbx_validate_rmsd_angle.auth_comp_id_2 
_pdbx_validate_rmsd_angle.auth_seq_id_2 
_pdbx_validate_rmsd_angle.PDB_ins_code_2 
_pdbx_validate_rmsd_angle.label_alt_id_2 
_pdbx_validate_rmsd_angle.auth_atom_id_3 
_pdbx_validate_rmsd_angle.auth_asym_id_3 
_pdbx_validate_rmsd_angle.auth_comp_id_3 
_pdbx_validate_rmsd_angle.auth_seq_id_3 
_pdbx_validate_rmsd_angle.PDB_ins_code_3 
_pdbx_validate_rmsd_angle.label_alt_id_3 
_pdbx_validate_rmsd_angle.angle_value 
_pdbx_validate_rmsd_angle.angle_target_value 
_pdbx_validate_rmsd_angle.angle_deviation 
_pdbx_validate_rmsd_angle.angle_standard_deviation 
_pdbx_validate_rmsd_angle.linker_flag 
1 1 O  A ARG 67 ? ? C A ARG 67 ? ? N A ASP 68 ? ? 111.95 122.70 -10.75 1.60 Y 
2 1 O  A ASP 68 ? ? C A ASP 68 ? ? N A ASN 69 ? ? 108.33 122.70 -14.37 1.60 Y 
3 1 CA A THR 73 ? ? C A THR 73 ? ? N A VAL 74 ? ? 103.37 117.20 -13.83 2.20 Y 
4 1 O  A THR 73 ? ? C A THR 73 ? ? N A VAL 74 ? ? 134.70 122.70 12.00  1.60 Y 
# 
_pdbx_validate_peptide_omega.id               1 
_pdbx_validate_peptide_omega.PDB_model_num    1 
_pdbx_validate_peptide_omega.auth_comp_id_1   ARG 
_pdbx_validate_peptide_omega.auth_asym_id_1   A 
_pdbx_validate_peptide_omega.auth_seq_id_1    67 
_pdbx_validate_peptide_omega.PDB_ins_code_1   ? 
_pdbx_validate_peptide_omega.label_alt_id_1   ? 
_pdbx_validate_peptide_omega.auth_comp_id_2   ASP 
_pdbx_validate_peptide_omega.auth_asym_id_2   A 
_pdbx_validate_peptide_omega.auth_seq_id_2    68 
_pdbx_validate_peptide_omega.PDB_ins_code_2   ? 
_pdbx_validate_peptide_omega.label_alt_id_2   ? 
_pdbx_validate_peptide_omega.omega            144.70 
# 
loop_
_pdbx_validate_main_chain_plane.id 
_pdbx_validate_main_chain_plane.PDB_model_num 
_pdbx_validate_main_chain_plane.auth_comp_id 
_pdbx_validate_main_chain_plane.auth_asym_id 
_pdbx_validate_main_chain_plane.auth_seq_id 
_pdbx_validate_main_chain_plane.PDB_ins_code 
_pdbx_validate_main_chain_plane.label_alt_id 
_pdbx_validate_main_chain_plane.improper_torsion_angle 
1 1 ASP A 68 ? ? -10.22 
2 1 ASN A 69 ? ? 10.62  
3 1 VAL A 74 ? ? -14.95 
# 
loop_
_pdbx_validate_polymer_linkage.id 
_pdbx_validate_polymer_linkage.PDB_model_num 
_pdbx_validate_polymer_linkage.auth_atom_id_1 
_pdbx_validate_polymer_linkage.auth_asym_id_1 
_pdbx_validate_polymer_linkage.auth_comp_id_1 
_pdbx_validate_polymer_linkage.auth_seq_id_1 
_pdbx_validate_polymer_linkage.PDB_ins_code_1 
_pdbx_validate_polymer_linkage.label_alt_id_1 
_pdbx_validate_polymer_linkage.auth_atom_id_2 
_pdbx_validate_polymer_linkage.auth_asym_id_2 
_pdbx_validate_polymer_linkage.auth_comp_id_2 
_pdbx_validate_polymer_linkage.auth_seq_id_2 
_pdbx_validate_polymer_linkage.PDB_ins_code_2 
_pdbx_validate_polymer_linkage.label_alt_id_2 
_pdbx_validate_polymer_linkage.dist 
1 1 C A ARG 67 ? ? N A ASP 68 ? ? 1.06 
2 1 C A LYS 72 ? ? N A THR 73 ? ? 1.06 
3 1 C A VAL 74 ? ? N A TYR 75 ? ? 1.05 
# 
_pdbx_struct_special_symmetry.id              1 
_pdbx_struct_special_symmetry.PDB_model_num   1 
_pdbx_struct_special_symmetry.auth_asym_id    A 
_pdbx_struct_special_symmetry.auth_comp_id    HOH 
_pdbx_struct_special_symmetry.auth_seq_id     138 
_pdbx_struct_special_symmetry.PDB_ins_code    ? 
_pdbx_struct_special_symmetry.label_asym_id   B 
_pdbx_struct_special_symmetry.label_comp_id   HOH 
_pdbx_struct_special_symmetry.label_seq_id    . 
# 
loop_
_pdbx_unobs_or_zero_occ_residues.id 
_pdbx_unobs_or_zero_occ_residues.PDB_model_num 
_pdbx_unobs_or_zero_occ_residues.polymer_flag 
_pdbx_unobs_or_zero_occ_residues.occupancy_flag 
_pdbx_unobs_or_zero_occ_residues.auth_asym_id 
_pdbx_unobs_or_zero_occ_residues.auth_comp_id 
_pdbx_unobs_or_zero_occ_residues.auth_seq_id 
_pdbx_unobs_or_zero_occ_residues.PDB_ins_code 
_pdbx_unobs_or_zero_occ_residues.label_asym_id 
_pdbx_unobs_or_zero_occ_residues.label_comp_id 
_pdbx_unobs_or_zero_occ_residues.label_seq_id 
1  1 Y 1 A GLN 1  ? A GLN 1  
2  1 Y 1 A VAL 2  ? A VAL 2  
3  1 Y 1 A GLN 3  ? A GLN 3  
4  1 Y 1 A LEU 4  ? A LEU 4  
5  1 Y 1 A GLN 5  ? A GLN 5  
6  1 Y 1 A GLU 6  ? A GLU 6  
7  1 Y 1 A SER 7  ? A SER 7  
8  1 Y 1 A SER 25 D A SER 25 
9  1 Y 1 A GLY 25 C A GLY 26 
10 1 Y 1 A ASN 25 B A ASN 27 
11 1 Y 1 A THR 25 A A THR 28 
12 1 Y 1 A PHE 25 ? A PHE 29 
# 
loop_
_chem_comp_atom.comp_id 
_chem_comp_atom.atom_id 
_chem_comp_atom.type_symbol 
_chem_comp_atom.pdbx_aromatic_flag 
_chem_comp_atom.pdbx_stereo_config 
_chem_comp_atom.pdbx_ordinal 
ALA N    N N N 1   
ALA CA   C N S 2   
ALA C    C N N 3   
ALA O    O N N 4   
ALA CB   C N N 5   
ALA OXT  O N N 6   
ALA H    H N N 7   
ALA H2   H N N 8   
ALA HA   H N N 9   
ALA HB1  H N N 10  
ALA HB2  H N N 11  
ALA HB3  H N N 12  
ALA HXT  H N N 13  
ARG N    N N N 14  
ARG CA   C N S 15  
ARG C    C N N 16  
ARG O    O N N 17  
ARG CB   C N N 18  
ARG CG   C N N 19  
ARG CD   C N N 20  
ARG NE   N N N 21  
ARG CZ   C N N 22  
ARG NH1  N N N 23  
ARG NH2  N N N 24  
ARG OXT  O N N 25  
ARG H    H N N 26  
ARG H2   H N N 27  
ARG HA   H N N 28  
ARG HB2  H N N 29  
ARG HB3  H N N 30  
ARG HG2  H N N 31  
ARG HG3  H N N 32  
ARG HD2  H N N 33  
ARG HD3  H N N 34  
ARG HE   H N N 35  
ARG HH11 H N N 36  
ARG HH12 H N N 37  
ARG HH21 H N N 38  
ARG HH22 H N N 39  
ARG HXT  H N N 40  
ASN N    N N N 41  
ASN CA   C N S 42  
ASN C    C N N 43  
ASN O    O N N 44  
ASN CB   C N N 45  
ASN CG   C N N 46  
ASN OD1  O N N 47  
ASN ND2  N N N 48  
ASN OXT  O N N 49  
ASN H    H N N 50  
ASN H2   H N N 51  
ASN HA   H N N 52  
ASN HB2  H N N 53  
ASN HB3  H N N 54  
ASN HD21 H N N 55  
ASN HD22 H N N 56  
ASN HXT  H N N 57  
ASP N    N N N 58  
ASP CA   C N S 59  
ASP C    C N N 60  
ASP O    O N N 61  
ASP CB   C N N 62  
ASP CG   C N N 63  
ASP OD1  O N N 64  
ASP OD2  O N N 65  
ASP OXT  O N N 66  
ASP H    H N N 67  
ASP H2   H N N 68  
ASP HA   H N N 69  
ASP HB2  H N N 70  
ASP HB3  H N N 71  
ASP HD2  H N N 72  
ASP HXT  H N N 73  
CYS N    N N N 74  
CYS CA   C N R 75  
CYS C    C N N 76  
CYS O    O N N 77  
CYS CB   C N N 78  
CYS SG   S N N 79  
CYS OXT  O N N 80  
CYS H    H N N 81  
CYS H2   H N N 82  
CYS HA   H N N 83  
CYS HB2  H N N 84  
CYS HB3  H N N 85  
CYS HG   H N N 86  
CYS HXT  H N N 87  
GLN N    N N N 88  
GLN CA   C N S 89  
GLN C    C N N 90  
GLN O    O N N 91  
GLN CB   C N N 92  
GLN CG   C N N 93  
GLN CD   C N N 94  
GLN OE1  O N N 95  
GLN NE2  N N N 96  
GLN OXT  O N N 97  
GLN H    H N N 98  
GLN H2   H N N 99  
GLN HA   H N N 100 
GLN HB2  H N N 101 
GLN HB3  H N N 102 
GLN HG2  H N N 103 
GLN HG3  H N N 104 
GLN HE21 H N N 105 
GLN HE22 H N N 106 
GLN HXT  H N N 107 
GLU N    N N N 108 
GLU CA   C N S 109 
GLU C    C N N 110 
GLU O    O N N 111 
GLU CB   C N N 112 
GLU CG   C N N 113 
GLU CD   C N N 114 
GLU OE1  O N N 115 
GLU OE2  O N N 116 
GLU OXT  O N N 117 
GLU H    H N N 118 
GLU H2   H N N 119 
GLU HA   H N N 120 
GLU HB2  H N N 121 
GLU HB3  H N N 122 
GLU HG2  H N N 123 
GLU HG3  H N N 124 
GLU HE2  H N N 125 
GLU HXT  H N N 126 
GLY N    N N N 127 
GLY CA   C N N 128 
GLY C    C N N 129 
GLY O    O N N 130 
GLY OXT  O N N 131 
GLY H    H N N 132 
GLY H2   H N N 133 
GLY HA2  H N N 134 
GLY HA3  H N N 135 
GLY HXT  H N N 136 
HIS N    N N N 137 
HIS CA   C N S 138 
HIS C    C N N 139 
HIS O    O N N 140 
HIS CB   C N N 141 
HIS CG   C Y N 142 
HIS ND1  N Y N 143 
HIS CD2  C Y N 144 
HIS CE1  C Y N 145 
HIS NE2  N Y N 146 
HIS OXT  O N N 147 
HIS H    H N N 148 
HIS H2   H N N 149 
HIS HA   H N N 150 
HIS HB2  H N N 151 
HIS HB3  H N N 152 
HIS HD1  H N N 153 
HIS HD2  H N N 154 
HIS HE1  H N N 155 
HIS HE2  H N N 156 
HIS HXT  H N N 157 
HOH O    O N N 158 
HOH H1   H N N 159 
HOH H2   H N N 160 
ILE N    N N N 161 
ILE CA   C N S 162 
ILE C    C N N 163 
ILE O    O N N 164 
ILE CB   C N S 165 
ILE CG1  C N N 166 
ILE CG2  C N N 167 
ILE CD1  C N N 168 
ILE OXT  O N N 169 
ILE H    H N N 170 
ILE H2   H N N 171 
ILE HA   H N N 172 
ILE HB   H N N 173 
ILE HG12 H N N 174 
ILE HG13 H N N 175 
ILE HG21 H N N 176 
ILE HG22 H N N 177 
ILE HG23 H N N 178 
ILE HD11 H N N 179 
ILE HD12 H N N 180 
ILE HD13 H N N 181 
ILE HXT  H N N 182 
LEU N    N N N 183 
LEU CA   C N S 184 
LEU C    C N N 185 
LEU O    O N N 186 
LEU CB   C N N 187 
LEU CG   C N N 188 
LEU CD1  C N N 189 
LEU CD2  C N N 190 
LEU OXT  O N N 191 
LEU H    H N N 192 
LEU H2   H N N 193 
LEU HA   H N N 194 
LEU HB2  H N N 195 
LEU HB3  H N N 196 
LEU HG   H N N 197 
LEU HD11 H N N 198 
LEU HD12 H N N 199 
LEU HD13 H N N 200 
LEU HD21 H N N 201 
LEU HD22 H N N 202 
LEU HD23 H N N 203 
LEU HXT  H N N 204 
LYS N    N N N 205 
LYS CA   C N S 206 
LYS C    C N N 207 
LYS O    O N N 208 
LYS CB   C N N 209 
LYS CG   C N N 210 
LYS CD   C N N 211 
LYS CE   C N N 212 
LYS NZ   N N N 213 
LYS OXT  O N N 214 
LYS H    H N N 215 
LYS H2   H N N 216 
LYS HA   H N N 217 
LYS HB2  H N N 218 
LYS HB3  H N N 219 
LYS HG2  H N N 220 
LYS HG3  H N N 221 
LYS HD2  H N N 222 
LYS HD3  H N N 223 
LYS HE2  H N N 224 
LYS HE3  H N N 225 
LYS HZ1  H N N 226 
LYS HZ2  H N N 227 
LYS HZ3  H N N 228 
LYS HXT  H N N 229 
MET N    N N N 230 
MET CA   C N S 231 
MET C    C N N 232 
MET O    O N N 233 
MET CB   C N N 234 
MET CG   C N N 235 
MET SD   S N N 236 
MET CE   C N N 237 
MET OXT  O N N 238 
MET H    H N N 239 
MET H2   H N N 240 
MET HA   H N N 241 
MET HB2  H N N 242 
MET HB3  H N N 243 
MET HG2  H N N 244 
MET HG3  H N N 245 
MET HE1  H N N 246 
MET HE2  H N N 247 
MET HE3  H N N 248 
MET HXT  H N N 249 
PHE N    N N N 250 
PHE CA   C N S 251 
PHE C    C N N 252 
PHE O    O N N 253 
PHE CB   C N N 254 
PHE CG   C Y N 255 
PHE CD1  C Y N 256 
PHE CD2  C Y N 257 
PHE CE1  C Y N 258 
PHE CE2  C Y N 259 
PHE CZ   C Y N 260 
PHE OXT  O N N 261 
PHE H    H N N 262 
PHE H2   H N N 263 
PHE HA   H N N 264 
PHE HB2  H N N 265 
PHE HB3  H N N 266 
PHE HD1  H N N 267 
PHE HD2  H N N 268 
PHE HE1  H N N 269 
PHE HE2  H N N 270 
PHE HZ   H N N 271 
PHE HXT  H N N 272 
PRO N    N N N 273 
PRO CA   C N S 274 
PRO C    C N N 275 
PRO O    O N N 276 
PRO CB   C N N 277 
PRO CG   C N N 278 
PRO CD   C N N 279 
PRO OXT  O N N 280 
PRO H    H N N 281 
PRO HA   H N N 282 
PRO HB2  H N N 283 
PRO HB3  H N N 284 
PRO HG2  H N N 285 
PRO HG3  H N N 286 
PRO HD2  H N N 287 
PRO HD3  H N N 288 
PRO HXT  H N N 289 
SER N    N N N 290 
SER CA   C N S 291 
SER C    C N N 292 
SER O    O N N 293 
SER CB   C N N 294 
SER OG   O N N 295 
SER OXT  O N N 296 
SER H    H N N 297 
SER H2   H N N 298 
SER HA   H N N 299 
SER HB2  H N N 300 
SER HB3  H N N 301 
SER HG   H N N 302 
SER HXT  H N N 303 
THR N    N N N 304 
THR CA   C N S 305 
THR C    C N N 306 
THR O    O N N 307 
THR CB   C N R 308 
THR OG1  O N N 309 
THR CG2  C N N 310 
THR OXT  O N N 311 
THR H    H N N 312 
THR H2   H N N 313 
THR HA   H N N 314 
THR HB   H N N 315 
THR HG1  H N N 316 
THR HG21 H N N 317 
THR HG22 H N N 318 
THR HG23 H N N 319 
THR HXT  H N N 320 
TRP N    N N N 321 
TRP CA   C N S 322 
TRP C    C N N 323 
TRP O    O N N 324 
TRP CB   C N N 325 
TRP CG   C Y N 326 
TRP CD1  C Y N 327 
TRP CD2  C Y N 328 
TRP NE1  N Y N 329 
TRP CE2  C Y N 330 
TRP CE3  C Y N 331 
TRP CZ2  C Y N 332 
TRP CZ3  C Y N 333 
TRP CH2  C Y N 334 
TRP OXT  O N N 335 
TRP H    H N N 336 
TRP H2   H N N 337 
TRP HA   H N N 338 
TRP HB2  H N N 339 
TRP HB3  H N N 340 
TRP HD1  H N N 341 
TRP HE1  H N N 342 
TRP HE3  H N N 343 
TRP HZ2  H N N 344 
TRP HZ3  H N N 345 
TRP HH2  H N N 346 
TRP HXT  H N N 347 
TYR N    N N N 348 
TYR CA   C N S 349 
TYR C    C N N 350 
TYR O    O N N 351 
TYR CB   C N N 352 
TYR CG   C Y N 353 
TYR CD1  C Y N 354 
TYR CD2  C Y N 355 
TYR CE1  C Y N 356 
TYR CE2  C Y N 357 
TYR CZ   C Y N 358 
TYR OH   O N N 359 
TYR OXT  O N N 360 
TYR H    H N N 361 
TYR H2   H N N 362 
TYR HA   H N N 363 
TYR HB2  H N N 364 
TYR HB3  H N N 365 
TYR HD1  H N N 366 
TYR HD2  H N N 367 
TYR HE1  H N N 368 
TYR HE2  H N N 369 
TYR HH   H N N 370 
TYR HXT  H N N 371 
VAL N    N N N 372 
VAL CA   C N S 373 
VAL C    C N N 374 
VAL O    O N N 375 
VAL CB   C N N 376 
VAL CG1  C N N 377 
VAL CG2  C N N 378 
VAL OXT  O N N 379 
VAL H    H N N 380 
VAL H2   H N N 381 
VAL HA   H N N 382 
VAL HB   H N N 383 
VAL HG11 H N N 384 
VAL HG12 H N N 385 
VAL HG13 H N N 386 
VAL HG21 H N N 387 
VAL HG22 H N N 388 
VAL HG23 H N N 389 
VAL HXT  H N N 390 
# 
loop_
_chem_comp_bond.comp_id 
_chem_comp_bond.atom_id_1 
_chem_comp_bond.atom_id_2 
_chem_comp_bond.value_order 
_chem_comp_bond.pdbx_aromatic_flag 
_chem_comp_bond.pdbx_stereo_config 
_chem_comp_bond.pdbx_ordinal 
ALA N   CA   sing N N 1   
ALA N   H    sing N N 2   
ALA N   H2   sing N N 3   
ALA CA  C    sing N N 4   
ALA CA  CB   sing N N 5   
ALA CA  HA   sing N N 6   
ALA C   O    doub N N 7   
ALA C   OXT  sing N N 8   
ALA CB  HB1  sing N N 9   
ALA CB  HB2  sing N N 10  
ALA CB  HB3  sing N N 11  
ALA OXT HXT  sing N N 12  
ARG N   CA   sing N N 13  
ARG N   H    sing N N 14  
ARG N   H2   sing N N 15  
ARG CA  C    sing N N 16  
ARG CA  CB   sing N N 17  
ARG CA  HA   sing N N 18  
ARG C   O    doub N N 19  
ARG C   OXT  sing N N 20  
ARG CB  CG   sing N N 21  
ARG CB  HB2  sing N N 22  
ARG CB  HB3  sing N N 23  
ARG CG  CD   sing N N 24  
ARG CG  HG2  sing N N 25  
ARG CG  HG3  sing N N 26  
ARG CD  NE   sing N N 27  
ARG CD  HD2  sing N N 28  
ARG CD  HD3  sing N N 29  
ARG NE  CZ   sing N N 30  
ARG NE  HE   sing N N 31  
ARG CZ  NH1  sing N N 32  
ARG CZ  NH2  doub N N 33  
ARG NH1 HH11 sing N N 34  
ARG NH1 HH12 sing N N 35  
ARG NH2 HH21 sing N N 36  
ARG NH2 HH22 sing N N 37  
ARG OXT HXT  sing N N 38  
ASN N   CA   sing N N 39  
ASN N   H    sing N N 40  
ASN N   H2   sing N N 41  
ASN CA  C    sing N N 42  
ASN CA  CB   sing N N 43  
ASN CA  HA   sing N N 44  
ASN C   O    doub N N 45  
ASN C   OXT  sing N N 46  
ASN CB  CG   sing N N 47  
ASN CB  HB2  sing N N 48  
ASN CB  HB3  sing N N 49  
ASN CG  OD1  doub N N 50  
ASN CG  ND2  sing N N 51  
ASN ND2 HD21 sing N N 52  
ASN ND2 HD22 sing N N 53  
ASN OXT HXT  sing N N 54  
ASP N   CA   sing N N 55  
ASP N   H    sing N N 56  
ASP N   H2   sing N N 57  
ASP CA  C    sing N N 58  
ASP CA  CB   sing N N 59  
ASP CA  HA   sing N N 60  
ASP C   O    doub N N 61  
ASP C   OXT  sing N N 62  
ASP CB  CG   sing N N 63  
ASP CB  HB2  sing N N 64  
ASP CB  HB3  sing N N 65  
ASP CG  OD1  doub N N 66  
ASP CG  OD2  sing N N 67  
ASP OD2 HD2  sing N N 68  
ASP OXT HXT  sing N N 69  
CYS N   CA   sing N N 70  
CYS N   H    sing N N 71  
CYS N   H2   sing N N 72  
CYS CA  C    sing N N 73  
CYS CA  CB   sing N N 74  
CYS CA  HA   sing N N 75  
CYS C   O    doub N N 76  
CYS C   OXT  sing N N 77  
CYS CB  SG   sing N N 78  
CYS CB  HB2  sing N N 79  
CYS CB  HB3  sing N N 80  
CYS SG  HG   sing N N 81  
CYS OXT HXT  sing N N 82  
GLN N   CA   sing N N 83  
GLN N   H    sing N N 84  
GLN N   H2   sing N N 85  
GLN CA  C    sing N N 86  
GLN CA  CB   sing N N 87  
GLN CA  HA   sing N N 88  
GLN C   O    doub N N 89  
GLN C   OXT  sing N N 90  
GLN CB  CG   sing N N 91  
GLN CB  HB2  sing N N 92  
GLN CB  HB3  sing N N 93  
GLN CG  CD   sing N N 94  
GLN CG  HG2  sing N N 95  
GLN CG  HG3  sing N N 96  
GLN CD  OE1  doub N N 97  
GLN CD  NE2  sing N N 98  
GLN NE2 HE21 sing N N 99  
GLN NE2 HE22 sing N N 100 
GLN OXT HXT  sing N N 101 
GLU N   CA   sing N N 102 
GLU N   H    sing N N 103 
GLU N   H2   sing N N 104 
GLU CA  C    sing N N 105 
GLU CA  CB   sing N N 106 
GLU CA  HA   sing N N 107 
GLU C   O    doub N N 108 
GLU C   OXT  sing N N 109 
GLU CB  CG   sing N N 110 
GLU CB  HB2  sing N N 111 
GLU CB  HB3  sing N N 112 
GLU CG  CD   sing N N 113 
GLU CG  HG2  sing N N 114 
GLU CG  HG3  sing N N 115 
GLU CD  OE1  doub N N 116 
GLU CD  OE2  sing N N 117 
GLU OE2 HE2  sing N N 118 
GLU OXT HXT  sing N N 119 
GLY N   CA   sing N N 120 
GLY N   H    sing N N 121 
GLY N   H2   sing N N 122 
GLY CA  C    sing N N 123 
GLY CA  HA2  sing N N 124 
GLY CA  HA3  sing N N 125 
GLY C   O    doub N N 126 
GLY C   OXT  sing N N 127 
GLY OXT HXT  sing N N 128 
HIS N   CA   sing N N 129 
HIS N   H    sing N N 130 
HIS N   H2   sing N N 131 
HIS CA  C    sing N N 132 
HIS CA  CB   sing N N 133 
HIS CA  HA   sing N N 134 
HIS C   O    doub N N 135 
HIS C   OXT  sing N N 136 
HIS CB  CG   sing N N 137 
HIS CB  HB2  sing N N 138 
HIS CB  HB3  sing N N 139 
HIS CG  ND1  sing Y N 140 
HIS CG  CD2  doub Y N 141 
HIS ND1 CE1  doub Y N 142 
HIS ND1 HD1  sing N N 143 
HIS CD2 NE2  sing Y N 144 
HIS CD2 HD2  sing N N 145 
HIS CE1 NE2  sing Y N 146 
HIS CE1 HE1  sing N N 147 
HIS NE2 HE2  sing N N 148 
HIS OXT HXT  sing N N 149 
HOH O   H1   sing N N 150 
HOH O   H2   sing N N 151 
ILE N   CA   sing N N 152 
ILE N   H    sing N N 153 
ILE N   H2   sing N N 154 
ILE CA  C    sing N N 155 
ILE CA  CB   sing N N 156 
ILE CA  HA   sing N N 157 
ILE C   O    doub N N 158 
ILE C   OXT  sing N N 159 
ILE CB  CG1  sing N N 160 
ILE CB  CG2  sing N N 161 
ILE CB  HB   sing N N 162 
ILE CG1 CD1  sing N N 163 
ILE CG1 HG12 sing N N 164 
ILE CG1 HG13 sing N N 165 
ILE CG2 HG21 sing N N 166 
ILE CG2 HG22 sing N N 167 
ILE CG2 HG23 sing N N 168 
ILE CD1 HD11 sing N N 169 
ILE CD1 HD12 sing N N 170 
ILE CD1 HD13 sing N N 171 
ILE OXT HXT  sing N N 172 
LEU N   CA   sing N N 173 
LEU N   H    sing N N 174 
LEU N   H2   sing N N 175 
LEU CA  C    sing N N 176 
LEU CA  CB   sing N N 177 
LEU CA  HA   sing N N 178 
LEU C   O    doub N N 179 
LEU C   OXT  sing N N 180 
LEU CB  CG   sing N N 181 
LEU CB  HB2  sing N N 182 
LEU CB  HB3  sing N N 183 
LEU CG  CD1  sing N N 184 
LEU CG  CD2  sing N N 185 
LEU CG  HG   sing N N 186 
LEU CD1 HD11 sing N N 187 
LEU CD1 HD12 sing N N 188 
LEU CD1 HD13 sing N N 189 
LEU CD2 HD21 sing N N 190 
LEU CD2 HD22 sing N N 191 
LEU CD2 HD23 sing N N 192 
LEU OXT HXT  sing N N 193 
LYS N   CA   sing N N 194 
LYS N   H    sing N N 195 
LYS N   H2   sing N N 196 
LYS CA  C    sing N N 197 
LYS CA  CB   sing N N 198 
LYS CA  HA   sing N N 199 
LYS C   O    doub N N 200 
LYS C   OXT  sing N N 201 
LYS CB  CG   sing N N 202 
LYS CB  HB2  sing N N 203 
LYS CB  HB3  sing N N 204 
LYS CG  CD   sing N N 205 
LYS CG  HG2  sing N N 206 
LYS CG  HG3  sing N N 207 
LYS CD  CE   sing N N 208 
LYS CD  HD2  sing N N 209 
LYS CD  HD3  sing N N 210 
LYS CE  NZ   sing N N 211 
LYS CE  HE2  sing N N 212 
LYS CE  HE3  sing N N 213 
LYS NZ  HZ1  sing N N 214 
LYS NZ  HZ2  sing N N 215 
LYS NZ  HZ3  sing N N 216 
LYS OXT HXT  sing N N 217 
MET N   CA   sing N N 218 
MET N   H    sing N N 219 
MET N   H2   sing N N 220 
MET CA  C    sing N N 221 
MET CA  CB   sing N N 222 
MET CA  HA   sing N N 223 
MET C   O    doub N N 224 
MET C   OXT  sing N N 225 
MET CB  CG   sing N N 226 
MET CB  HB2  sing N N 227 
MET CB  HB3  sing N N 228 
MET CG  SD   sing N N 229 
MET CG  HG2  sing N N 230 
MET CG  HG3  sing N N 231 
MET SD  CE   sing N N 232 
MET CE  HE1  sing N N 233 
MET CE  HE2  sing N N 234 
MET CE  HE3  sing N N 235 
MET OXT HXT  sing N N 236 
PHE N   CA   sing N N 237 
PHE N   H    sing N N 238 
PHE N   H2   sing N N 239 
PHE CA  C    sing N N 240 
PHE CA  CB   sing N N 241 
PHE CA  HA   sing N N 242 
PHE C   O    doub N N 243 
PHE C   OXT  sing N N 244 
PHE CB  CG   sing N N 245 
PHE CB  HB2  sing N N 246 
PHE CB  HB3  sing N N 247 
PHE CG  CD1  doub Y N 248 
PHE CG  CD2  sing Y N 249 
PHE CD1 CE1  sing Y N 250 
PHE CD1 HD1  sing N N 251 
PHE CD2 CE2  doub Y N 252 
PHE CD2 HD2  sing N N 253 
PHE CE1 CZ   doub Y N 254 
PHE CE1 HE1  sing N N 255 
PHE CE2 CZ   sing Y N 256 
PHE CE2 HE2  sing N N 257 
PHE CZ  HZ   sing N N 258 
PHE OXT HXT  sing N N 259 
PRO N   CA   sing N N 260 
PRO N   CD   sing N N 261 
PRO N   H    sing N N 262 
PRO CA  C    sing N N 263 
PRO CA  CB   sing N N 264 
PRO CA  HA   sing N N 265 
PRO C   O    doub N N 266 
PRO C   OXT  sing N N 267 
PRO CB  CG   sing N N 268 
PRO CB  HB2  sing N N 269 
PRO CB  HB3  sing N N 270 
PRO CG  CD   sing N N 271 
PRO CG  HG2  sing N N 272 
PRO CG  HG3  sing N N 273 
PRO CD  HD2  sing N N 274 
PRO CD  HD3  sing N N 275 
PRO OXT HXT  sing N N 276 
SER N   CA   sing N N 277 
SER N   H    sing N N 278 
SER N   H2   sing N N 279 
SER CA  C    sing N N 280 
SER CA  CB   sing N N 281 
SER CA  HA   sing N N 282 
SER C   O    doub N N 283 
SER C   OXT  sing N N 284 
SER CB  OG   sing N N 285 
SER CB  HB2  sing N N 286 
SER CB  HB3  sing N N 287 
SER OG  HG   sing N N 288 
SER OXT HXT  sing N N 289 
THR N   CA   sing N N 290 
THR N   H    sing N N 291 
THR N   H2   sing N N 292 
THR CA  C    sing N N 293 
THR CA  CB   sing N N 294 
THR CA  HA   sing N N 295 
THR C   O    doub N N 296 
THR C   OXT  sing N N 297 
THR CB  OG1  sing N N 298 
THR CB  CG2  sing N N 299 
THR CB  HB   sing N N 300 
THR OG1 HG1  sing N N 301 
THR CG2 HG21 sing N N 302 
THR CG2 HG22 sing N N 303 
THR CG2 HG23 sing N N 304 
THR OXT HXT  sing N N 305 
TRP N   CA   sing N N 306 
TRP N   H    sing N N 307 
TRP N   H2   sing N N 308 
TRP CA  C    sing N N 309 
TRP CA  CB   sing N N 310 
TRP CA  HA   sing N N 311 
TRP C   O    doub N N 312 
TRP C   OXT  sing N N 313 
TRP CB  CG   sing N N 314 
TRP CB  HB2  sing N N 315 
TRP CB  HB3  sing N N 316 
TRP CG  CD1  doub Y N 317 
TRP CG  CD2  sing Y N 318 
TRP CD1 NE1  sing Y N 319 
TRP CD1 HD1  sing N N 320 
TRP CD2 CE2  doub Y N 321 
TRP CD2 CE3  sing Y N 322 
TRP NE1 CE2  sing Y N 323 
TRP NE1 HE1  sing N N 324 
TRP CE2 CZ2  sing Y N 325 
TRP CE3 CZ3  doub Y N 326 
TRP CE3 HE3  sing N N 327 
TRP CZ2 CH2  doub Y N 328 
TRP CZ2 HZ2  sing N N 329 
TRP CZ3 CH2  sing Y N 330 
TRP CZ3 HZ3  sing N N 331 
TRP CH2 HH2  sing N N 332 
TRP OXT HXT  sing N N 333 
TYR N   CA   sing N N 334 
TYR N   H    sing N N 335 
TYR N   H2   sing N N 336 
TYR CA  C    sing N N 337 
TYR CA  CB   sing N N 338 
TYR CA  HA   sing N N 339 
TYR C   O    doub N N 340 
TYR C   OXT  sing N N 341 
TYR CB  CG   sing N N 342 
TYR CB  HB2  sing N N 343 
TYR CB  HB3  sing N N 344 
TYR CG  CD1  doub Y N 345 
TYR CG  CD2  sing Y N 346 
TYR CD1 CE1  sing Y N 347 
TYR CD1 HD1  sing N N 348 
TYR CD2 CE2  doub Y N 349 
TYR CD2 HD2  sing N N 350 
TYR CE1 CZ   doub Y N 351 
TYR CE1 HE1  sing N N 352 
TYR CE2 CZ   sing Y N 353 
TYR CE2 HE2  sing N N 354 
TYR CZ  OH   sing N N 355 
TYR OH  HH   sing N N 356 
TYR OXT HXT  sing N N 357 
VAL N   CA   sing N N 358 
VAL N   H    sing N N 359 
VAL N   H2   sing N N 360 
VAL CA  C    sing N N 361 
VAL CA  CB   sing N N 362 
VAL CA  HA   sing N N 363 
VAL C   O    doub N N 364 
VAL C   OXT  sing N N 365 
VAL CB  CG1  sing N N 366 
VAL CB  CG2  sing N N 367 
VAL CB  HB   sing N N 368 
VAL CG1 HG11 sing N N 369 
VAL CG1 HG12 sing N N 370 
VAL CG1 HG13 sing N N 371 
VAL CG2 HG21 sing N N 372 
VAL CG2 HG22 sing N N 373 
VAL CG2 HG23 sing N N 374 
VAL OXT HXT  sing N N 375 
# 
_atom_sites.entry_id                    1SJV 
_atom_sites.fract_transf_matrix[1][1]   -0.00033825 
_atom_sites.fract_transf_matrix[1][2]   -0.00729578 
_atom_sites.fract_transf_matrix[1][3]   -0.00337331 
_atom_sites.fract_transf_matrix[2][1]   0.00638927 
_atom_sites.fract_transf_matrix[2][2]   -0.00229261 
_atom_sites.fract_transf_matrix[2][3]   0.00431778 
_atom_sites.fract_transf_matrix[3][1]   -0.00487697 
_atom_sites.fract_transf_matrix[3][2]   -0.00249752 
_atom_sites.fract_transf_matrix[3][3]   0.00589064 
_atom_sites.fract_transf_vector[1]      0.095033 
_atom_sites.fract_transf_vector[2]      0.770546 
_atom_sites.fract_transf_vector[3]      0.191930 
# 
loop_
_atom_type.symbol 
C 
N 
O 
S 
# 
loop_
_atom_site.group_PDB 
_atom_site.id 
_atom_site.type_symbol 
_atom_site.label_atom_id 
_atom_site.label_alt_id 
_atom_site.label_comp_id 
_atom_site.label_asym_id 
_atom_site.label_entity_id 
_atom_site.label_seq_id 
_atom_site.pdbx_PDB_ins_code 
_atom_site.Cartn_x 
_atom_site.Cartn_y 
_atom_site.Cartn_z 
_atom_site.occupancy 
_atom_site.B_iso_or_equiv 
_atom_site.pdbx_formal_charge 
_atom_site.auth_seq_id 
_atom_site.auth_comp_id 
_atom_site.auth_asym_id 
_atom_site.auth_atom_id 
_atom_site.pdbx_PDB_model_num 
ATOM   1   N N   . GLY A 1 8   ? -10.604 -13.668 3.433   1.00 18.27 ? 8   GLY A N   1 
ATOM   2   C CA  . GLY A 1 8   ? -12.093 -13.769 3.395   1.00 17.38 ? 8   GLY A CA  1 
ATOM   3   C C   . GLY A 1 8   ? -12.703 -12.859 2.339   1.00 16.93 ? 8   GLY A C   1 
ATOM   4   O O   . GLY A 1 8   ? -12.089 -12.561 1.304   1.00 16.04 ? 8   GLY A O   1 
ATOM   5   N N   . GLY A 1 9   ? -13.926 -12.425 2.597   1.00 15.54 ? 9   GLY A N   1 
ATOM   6   C CA  . GLY A 1 9   ? -14.621 -11.574 1.666   1.00 15.41 ? 9   GLY A CA  1 
ATOM   7   C C   . GLY A 1 9   ? -15.848 -10.924 2.256   1.00 15.13 ? 9   GLY A C   1 
ATOM   8   O O   . GLY A 1 9   ? -16.333 -11.281 3.329   1.00 13.23 ? 9   GLY A O   1 
ATOM   9   N N   . GLY A 1 10  ? -16.350 -9.945  1.536   1.00 15.86 ? 10  GLY A N   1 
ATOM   10  C CA  . GLY A 1 10  ? -17.553 -9.263  1.939   1.00 16.71 ? 10  GLY A CA  1 
ATOM   11  C C   . GLY A 1 10  ? -18.247 -8.702  0.724   1.00 17.56 ? 10  GLY A C   1 
ATOM   12  O O   . GLY A 1 10  ? -17.612 -8.422  -0.299  1.00 18.40 ? 10  GLY A O   1 
ATOM   13  N N   . LEU A 1 11  ? -19.561 -8.579  0.825   1.00 17.65 ? 11  LEU A N   1 
ATOM   14  C CA  . LEU A 1 11  ? -20.348 -7.889  -0.161  1.00 18.03 ? 11  LEU A CA  1 
ATOM   15  C C   . LEU A 1 11  ? -21.025 -6.750  0.561   1.00 18.18 ? 11  LEU A C   1 
ATOM   16  O O   . LEU A 1 11  ? -21.663 -6.955  1.591   1.00 17.97 ? 11  LEU A O   1 
ATOM   17  C CB  . LEU A 1 11  ? -21.370 -8.820  -0.777  1.00 18.39 ? 11  LEU A CB  1 
ATOM   18  C CG  . LEU A 1 11  ? -22.290 -8.179  -1.823  1.00 20.43 ? 11  LEU A CG  1 
ATOM   19  C CD1 . LEU A 1 11  ? -22.693 -9.208  -2.854  1.00 23.54 ? 11  LEU A CD1 1 
ATOM   20  C CD2 . LEU A 1 11  ? -23.514 -7.550  -1.179  1.00 22.28 ? 11  LEU A CD2 1 
ATOM   21  N N   . VAL A 1 12  ? -20.865 -5.542  0.048   1.00 18.14 ? 12  VAL A N   1 
ATOM   22  C CA  . VAL A 1 12  ? -21.555 -4.403  0.615   1.00 18.44 ? 12  VAL A CA  1 
ATOM   23  C C   . VAL A 1 12  ? -22.408 -3.752  -0.452  1.00 17.74 ? 12  VAL A C   1 
ATOM   24  O O   . VAL A 1 12  ? -22.112 -3.818  -1.641  1.00 15.99 ? 12  VAL A O   1 
ATOM   25  C CB  . VAL A 1 12  ? -20.574 -3.357  1.210   1.00 18.84 ? 12  VAL A CB  1 
ATOM   26  C CG1 . VAL A 1 12  ? -19.609 -4.010  2.160   1.00 20.87 ? 12  VAL A CG1 1 
ATOM   27  C CG2 . VAL A 1 12  ? -19.833 -2.621  0.107   1.00 20.81 ? 12  VAL A CG2 1 
ATOM   28  N N   . GLN A 1 13  ? -23.478 -3.124  -0.003  1.00 17.69 ? 13  GLN A N   1 
ATOM   29  C CA  . GLN A 1 13  ? -24.299 -2.305  -0.862  1.00 18.09 ? 13  GLN A CA  1 
ATOM   30  C C   . GLN A 1 13  ? -23.469 -1.105  -1.332  1.00 17.85 ? 13  GLN A C   1 
ATOM   31  O O   . GLN A 1 13  ? -22.703 -0.550  -0.558  1.00 17.80 ? 13  GLN A O   1 
ATOM   32  C CB  . GLN A 1 13  ? -25.516 -1.836  -0.073  1.00 18.25 ? 13  GLN A CB  1 
ATOM   33  C CG  . GLN A 1 13  ? -26.399 -0.891  -0.836  1.00 19.29 ? 13  GLN A CG  1 
ATOM   34  C CD  . GLN A 1 13  ? -27.473 -0.256  0.008   1.00 22.24 ? 13  GLN A CD  1 
ATOM   35  O OE1 . GLN A 1 13  ? -27.356 -0.143  1.244   1.00 24.55 ? 13  GLN A OE1 1 
ATOM   36  N NE2 . GLN A 1 13  ? -28.530 0.171   -0.650  1.00 22.32 ? 13  GLN A NE2 1 
ATOM   37  N N   . ALA A 1 14  ? -23.617 -0.705  -2.593  1.00 18.32 ? 14  ALA A N   1 
ATOM   38  C CA  . ALA A 1 14  ? -22.949 0.501   -3.101  1.00 17.77 ? 14  ALA A CA  1 
ATOM   39  C C   . ALA A 1 14  ? -23.291 1.700   -2.218  1.00 17.63 ? 14  ALA A C   1 
ATOM   40  O O   . ALA A 1 14  ? -24.451 1.879   -1.819  1.00 16.52 ? 14  ALA A O   1 
ATOM   41  C CB  . ALA A 1 14  ? -23.364 0.790   -4.536  1.00 18.55 ? 14  ALA A CB  1 
ATOM   42  N N   . GLY A 1 15  ? -22.271 2.476   -1.863  1.00 17.37 ? 15  GLY A N   1 
ATOM   43  C CA  . GLY A 1 15  ? -22.435 3.651   -1.023  1.00 17.63 ? 15  GLY A CA  1 
ATOM   44  C C   . GLY A 1 15  ? -21.985 3.427   0.403   1.00 18.01 ? 15  GLY A C   1 
ATOM   45  O O   . GLY A 1 15  ? -21.675 4.382   1.120   1.00 18.79 ? 15  GLY A O   1 
ATOM   46  N N   . GLU A 1 16  ? -21.961 2.169   0.833   1.00 17.57 ? 16  GLU A N   1 
ATOM   47  C CA  . GLU A 1 16  ? -21.540 1.850   2.186   1.00 18.12 ? 16  GLU A CA  1 
ATOM   48  C C   . GLU A 1 16  ? -20.018 1.785   2.298   1.00 18.01 ? 16  GLU A C   1 
ATOM   49  O O   . GLU A 1 16  ? -19.286 1.918   1.297   1.00 17.13 ? 16  GLU A O   1 
ATOM   50  C CB  . GLU A 1 16  ? -22.197 0.550   2.660   1.00 18.75 ? 16  GLU A CB  1 
ATOM   51  C CG  . GLU A 1 16  ? -23.712 0.678   2.777   1.00 19.32 ? 16  GLU A CG  1 
ATOM   52  C CD  . GLU A 1 16  ? -24.357 -0.445  3.570   1.00 22.24 ? 16  GLU A CD  1 
ATOM   53  O OE1 . GLU A 1 16  ? -23.762 -0.904  4.566   1.00 24.26 ? 16  GLU A OE1 1 
ATOM   54  O OE2 . GLU A 1 16  ? -25.476 -0.864  3.207   1.00 20.86 ? 16  GLU A OE2 1 
ATOM   55  N N   . SER A 1 17  ? -19.563 1.641   3.535   1.00 17.98 ? 17  SER A N   1 
ATOM   56  C CA  . SER A 1 17  ? -18.152 1.643   3.875   1.00 19.07 ? 17  SER A CA  1 
ATOM   57  C C   . SER A 1 17  ? -17.683 0.272   4.306   1.00 18.93 ? 17  SER A C   1 
ATOM   58  O O   . SER A 1 17  ? -18.468 -0.549  4.753   1.00 18.34 ? 17  SER A O   1 
ATOM   59  C CB  . SER A 1 17  ? -17.889 2.630   5.026   1.00 19.41 ? 17  SER A CB  1 
ATOM   60  O OG  . SER A 1 17  ? -18.113 3.954   4.596   1.00 22.41 ? 17  SER A OG  1 
ATOM   61  N N   . LEU A 1 18  ? -16.383 0.052   4.186   1.00 18.83 ? 18  LEU A N   1 
ATOM   62  C CA  . LEU A 1 18  ? -15.745 -1.170  4.637   1.00 19.56 ? 18  LEU A CA  1 
ATOM   63  C C   . LEU A 1 18  ? -14.343 -0.794  5.082   1.00 18.97 ? 18  LEU A C   1 
ATOM   64  O O   . LEU A 1 18  ? -13.669 -0.022  4.408   1.00 18.79 ? 18  LEU A O   1 
ATOM   65  C CB  . LEU A 1 18  ? -15.689 -2.161  3.474   1.00 19.97 ? 18  LEU A CB  1 
ATOM   66  C CG  . LEU A 1 18  ? -15.218 -3.577  3.715   1.00 23.41 ? 18  LEU A CG  1 
ATOM   67  C CD1 . LEU A 1 18  ? -16.171 -4.327  4.632   1.00 25.48 ? 18  LEU A CD1 1 
ATOM   68  C CD2 . LEU A 1 18  ? -15.115 -4.278  2.364   1.00 26.49 ? 18  LEU A CD2 1 
ATOM   69  N N   . LYS A 1 19  ? -13.913 -1.314  6.218   1.00 18.80 ? 19  LYS A N   1 
ATOM   70  C CA  . LYS A 1 19  ? -12.571 -1.074  6.704   1.00 18.78 ? 19  LYS A CA  1 
ATOM   71  C C   . LYS A 1 19  ? -11.781 -2.364  6.626   1.00 18.33 ? 19  LYS A C   1 
ATOM   72  O O   . LYS A 1 19  ? -12.169 -3.390  7.202   1.00 16.56 ? 19  LYS A O   1 
ATOM   73  C CB  . LYS A 1 19  ? -12.595 -0.558  8.137   1.00 19.74 ? 19  LYS A CB  1 
ATOM   74  C CG  . LYS A 1 19  ? -11.226 -0.214  8.689   1.00 22.50 ? 19  LYS A CG  1 
ATOM   75  C CD  . LYS A 1 19  ? -11.260 1.009   9.607   1.00 27.00 ? 19  LYS A CD  1 
ATOM   76  C CE  . LYS A 1 19  ? -11.185 0.646   11.067  1.00 29.72 ? 19  LYS A CE  1 
ATOM   77  N NZ  . LYS A 1 19  ? -10.946 1.875   11.893  1.00 33.41 ? 19  LYS A NZ  1 
ATOM   78  N N   . LEU A 1 20  ? -10.674 -2.305  5.895   1.00 17.43 ? 20  LEU A N   1 
ATOM   79  C CA  . LEU A 1 20  ? -9.773  -3.427  5.775   1.00 17.92 ? 20  LEU A CA  1 
ATOM   80  C C   . LEU A 1 20  ? -8.594  -3.180  6.688   1.00 18.20 ? 20  LEU A C   1 
ATOM   81  O O   . LEU A 1 20  ? -8.228  -2.033  6.945   1.00 16.78 ? 20  LEU A O   1 
ATOM   82  C CB  . LEU A 1 20  ? -9.283  -3.557  4.340   1.00 18.17 ? 20  LEU A CB  1 
ATOM   83  C CG  . LEU A 1 20  ? -10.329 -3.755  3.243   1.00 19.40 ? 20  LEU A CG  1 
ATOM   84  C CD1 . LEU A 1 20  ? -9.627  -3.938  1.922   1.00 21.18 ? 20  LEU A CD1 1 
ATOM   85  C CD2 . LEU A 1 20  ? -11.242 -4.925  3.535   1.00 21.37 ? 20  LEU A CD2 1 
ATOM   86  N N   . SER A 1 21  ? -7.998  -4.254  7.185   1.00 19.11 ? 21  SER A N   1 
ATOM   87  C CA  . SER A 1 21  ? -6.787  -4.133  7.971   1.00 20.61 ? 21  SER A CA  1 
ATOM   88  C C   . SER A 1 21  ? -5.799  -5.252  7.649   1.00 21.89 ? 21  SER A C   1 
ATOM   89  O O   . SER A 1 21  ? -6.176  -6.318  7.164   1.00 22.16 ? 21  SER A O   1 
ATOM   90  C CB  . SER A 1 21  ? -7.124  -4.133  9.458   1.00 20.94 ? 21  SER A CB  1 
ATOM   91  O OG  . SER A 1 21  ? -7.602  -5.399  9.849   1.00 21.72 ? 21  SER A OG  1 
ATOM   92  N N   . CYS A 1 22  ? -4.532  -4.978  7.923   1.00 23.12 ? 22  CYS A N   1 
ATOM   93  C CA  . CYS A 1 22  ? -3.447  -5.938  7.734   1.00 24.65 ? 22  CYS A CA  1 
ATOM   94  C C   . CYS A 1 22  ? -2.462  -5.759  8.863   1.00 25.75 ? 22  CYS A C   1 
ATOM   95  O O   . CYS A 1 22  ? -1.964  -4.659  9.063   1.00 25.79 ? 22  CYS A O   1 
ATOM   96  C CB  . CYS A 1 22  ? -2.747  -5.671  6.407   1.00 24.59 ? 22  CYS A CB  1 
ATOM   97  S SG  B CYS A 1 22  ? -1.433  -6.824  5.970   0.60 24.61 ? 22  CYS A SG  1 
ATOM   98  N N   . ALA A 1 23  ? -2.191  -6.829  9.609   1.00 27.63 ? 23  ALA A N   1 
ATOM   99  C CA  . ALA A 1 23  ? -1.197  -6.786  10.680  1.00 28.82 ? 23  ALA A CA  1 
ATOM   100 C C   . ALA A 1 23  ? 0.103   -7.449  10.227  1.00 29.84 ? 23  ALA A C   1 
ATOM   101 O O   . ALA A 1 23  ? 0.087   -8.354  9.391   1.00 30.46 ? 23  ALA A O   1 
ATOM   102 C CB  . ALA A 1 23  ? -1.732  -7.463  11.929  1.00 29.17 ? 23  ALA A CB  1 
ATOM   103 N N   . ALA A 1 24  ? 1.220   -6.989  10.790  1.00 30.64 ? 24  ALA A N   1 
ATOM   104 C CA  . ALA A 1 24  ? 2.559   -7.504  10.486  1.00 31.21 ? 24  ALA A CA  1 
ATOM   105 C C   . ALA A 1 24  ? 2.863   -7.498  8.989   1.00 31.45 ? 24  ALA A C   1 
ATOM   106 O O   . ALA A 1 24  ? 2.614   -6.508  8.304   1.00 32.16 ? 24  ALA A O   1 
ATOM   107 C CB  . ALA A 1 24  ? 2.741   -8.907  11.067  1.00 31.21 ? 24  ALA A CB  1 
ATOM   108 N N   . SER A 1 30  ? 10.650  -1.106  11.443  1.00 38.45 ? 26  SER A N   1 
ATOM   109 C CA  . SER A 1 30  ? 11.368  -1.462  10.180  1.00 38.14 ? 26  SER A CA  1 
ATOM   110 C C   . SER A 1 30  ? 10.548  -1.140  8.934   1.00 37.67 ? 26  SER A C   1 
ATOM   111 O O   . SER A 1 30  ? 10.896  -1.586  7.842   1.00 37.89 ? 26  SER A O   1 
ATOM   112 C CB  . SER A 1 30  ? 11.721  -2.958  10.179  1.00 38.34 ? 26  SER A CB  1 
ATOM   113 O OG  . SER A 1 30  ? 10.749  -3.722  9.476   1.00 38.55 ? 26  SER A OG  1 
ATOM   114 N N   . GLY A 1 31  ? 9.482   -0.354  9.091   1.00 36.86 ? 27  GLY A N   1 
ATOM   115 C CA  . GLY A 1 31  ? 8.478   -0.195  8.053   1.00 36.09 ? 27  GLY A CA  1 
ATOM   116 C C   . GLY A 1 31  ? 8.657   0.957   7.073   1.00 35.33 ? 27  GLY A C   1 
ATOM   117 O O   . GLY A 1 31  ? 8.488   2.129   7.432   1.00 35.45 ? 27  GLY A O   1 
ATOM   118 N N   . GLY A 1 32  ? 8.974   0.609   5.825   1.00 34.11 ? 28  GLY A N   1 
ATOM   119 C CA  . GLY A 1 32  ? 8.989   1.547   4.717   1.00 32.84 ? 28  GLY A CA  1 
ATOM   120 C C   . GLY A 1 32  ? 7.651   1.669   3.979   1.00 31.91 ? 28  GLY A C   1 
ATOM   121 O O   . GLY A 1 32  ? 6.605   1.952   4.578   1.00 31.55 ? 28  GLY A O   1 
ATOM   122 N N   . PHE A 1 33  ? 7.700   1.451   2.665   1.00 30.40 ? 29  PHE A N   1 
ATOM   123 C CA  . PHE A 1 33  ? 6.553   1.587   1.777   1.00 29.08 ? 29  PHE A CA  1 
ATOM   124 C C   . PHE A 1 33  ? 5.492   0.576   2.167   1.00 27.67 ? 29  PHE A C   1 
ATOM   125 O O   . PHE A 1 33  ? 5.778   -0.599  2.364   1.00 26.89 ? 29  PHE A O   1 
ATOM   126 C CB  . PHE A 1 33  ? 6.990   1.372   0.320   1.00 29.33 ? 29  PHE A CB  1 
ATOM   127 C CG  . PHE A 1 33  ? 5.857   1.382   -0.687  1.00 30.41 ? 29  PHE A CG  1 
ATOM   128 C CD1 . PHE A 1 33  ? 5.540   2.544   -1.383  1.00 31.87 ? 29  PHE A CD1 1 
ATOM   129 C CD2 . PHE A 1 33  ? 5.140   0.222   -0.968  1.00 31.56 ? 29  PHE A CD2 1 
ATOM   130 C CE1 . PHE A 1 33  ? 4.515   2.557   -2.325  1.00 32.39 ? 29  PHE A CE1 1 
ATOM   131 C CE2 . PHE A 1 33  ? 4.100   0.228   -1.911  1.00 32.50 ? 29  PHE A CE2 1 
ATOM   132 C CZ  . PHE A 1 33  ? 3.796   1.392   -2.592  1.00 32.72 ? 29  PHE A CZ  1 
ATOM   133 N N   . MET A 1 34  ? 4.262   1.056   2.276   1.00 26.38 ? 30  MET A N   1 
ATOM   134 C CA  . MET A 1 34  ? 3.125   0.234   2.646   1.00 25.34 ? 30  MET A CA  1 
ATOM   135 C C   . MET A 1 34  ? 1.984   0.646   1.754   1.00 23.50 ? 30  MET A C   1 
ATOM   136 O O   . MET A 1 34  ? 1.792   1.837   1.511   1.00 21.74 ? 30  MET A O   1 
ATOM   137 C CB  . MET A 1 34  ? 2.750   0.526   4.089   1.00 26.63 ? 30  MET A CB  1 
ATOM   138 C CG  . MET A 1 34  ? 2.093   -0.603  4.833   1.00 29.99 ? 30  MET A CG  1 
ATOM   139 S SD  . MET A 1 34  ? 3.004   -0.934  6.356   1.00 38.38 ? 30  MET A SD  1 
ATOM   140 C CE  . MET A 1 34  ? 2.815   -2.702  6.510   1.00 37.00 ? 30  MET A CE  1 
ATOM   141 N N   . GLY A 1 35  ? 1.216   -0.318  1.277   1.00 20.79 ? 31  GLY A N   1 
ATOM   142 C CA  . GLY A 1 35  ? 0.107   0.014   0.415   1.00 20.11 ? 31  GLY A CA  1 
ATOM   143 C C   . GLY A 1 35  ? -0.917  -1.072  0.237   1.00 18.79 ? 31  GLY A C   1 
ATOM   144 O O   . GLY A 1 35  ? -0.754  -2.199  0.690   1.00 18.02 ? 31  GLY A O   1 
ATOM   145 N N   . TRP A 1 36  ? -1.998  -0.680  -0.416  1.00 17.64 ? 32  TRP A N   1 
ATOM   146 C CA  . TRP A 1 36  ? -3.063  -1.565  -0.778  1.00 17.08 ? 32  TRP A CA  1 
ATOM   147 C C   . TRP A 1 36  ? -3.107  -1.581  -2.277  1.00 16.69 ? 32  TRP A C   1 
ATOM   148 O O   . TRP A 1 36  ? -3.026  -0.537  -2.924  1.00 17.00 ? 32  TRP A O   1 
ATOM   149 C CB  . TRP A 1 36  ? -4.369  -1.038  -0.215  1.00 17.49 ? 32  TRP A CB  1 
ATOM   150 C CG  . TRP A 1 36  ? -4.405  -1.160  1.263   1.00 17.99 ? 32  TRP A CG  1 
ATOM   151 C CD1 . TRP A 1 36  ? -3.960  -0.257  2.164   1.00 19.67 ? 32  TRP A CD1 1 
ATOM   152 C CD2 . TRP A 1 36  ? -4.887  -2.264  2.003   1.00 17.92 ? 32  TRP A CD2 1 
ATOM   153 N NE1 . TRP A 1 36  ? -4.158  -0.718  3.441   1.00 19.14 ? 32  TRP A NE1 1 
ATOM   154 C CE2 . TRP A 1 36  ? -4.722  -1.959  3.370   1.00 18.36 ? 32  TRP A CE2 1 
ATOM   155 C CE3 . TRP A 1 36  ? -5.462  -3.492  1.655   1.00 16.56 ? 32  TRP A CE3 1 
ATOM   156 C CZ2 . TRP A 1 36  ? -5.102  -2.824  4.378   1.00 17.86 ? 32  TRP A CZ2 1 
ATOM   157 C CZ3 . TRP A 1 36  ? -5.833  -4.340  2.648   1.00 17.63 ? 32  TRP A CZ3 1 
ATOM   158 C CH2 . TRP A 1 36  ? -5.655  -4.007  4.003   1.00 18.45 ? 32  TRP A CH2 1 
ATOM   159 N N   . TYR A 1 37  ? -3.200  -2.776  -2.816  1.00 16.16 ? 33  TYR A N   1 
ATOM   160 C CA  . TYR A 1 37  ? -3.437  -3.013  -4.216  1.00 16.85 ? 33  TYR A CA  1 
ATOM   161 C C   . TYR A 1 37  ? -4.749  -3.739  -4.355  1.00 15.99 ? 33  TYR A C   1 
ATOM   162 O O   . TYR A 1 37  ? -5.246  -4.319  -3.395  1.00 16.05 ? 33  TYR A O   1 
ATOM   163 C CB  . TYR A 1 37  ? -2.373  -3.924  -4.774  1.00 16.87 ? 33  TYR A CB  1 
ATOM   164 C CG  . TYR A 1 37  ? -1.074  -3.247  -5.074  1.00 21.08 ? 33  TYR A CG  1 
ATOM   165 C CD1 . TYR A 1 37  ? -0.184  -2.939  -4.051  1.00 25.10 ? 33  TYR A CD1 1 
ATOM   166 C CD2 . TYR A 1 37  ? -0.717  -2.928  -6.386  1.00 24.37 ? 33  TYR A CD2 1 
ATOM   167 C CE1 . TYR A 1 37  ? 1.029   -2.323  -4.320  1.00 27.34 ? 33  TYR A CE1 1 
ATOM   168 C CE2 . TYR A 1 37  ? 0.490   -2.310  -6.670  1.00 26.53 ? 33  TYR A CE2 1 
ATOM   169 C CZ  . TYR A 1 37  ? 1.362   -2.015  -5.633  1.00 28.35 ? 33  TYR A CZ  1 
ATOM   170 O OH  . TYR A 1 37  ? 2.562   -1.403  -5.898  1.00 30.43 ? 33  TYR A OH  1 
ATOM   171 N N   . ARG A 1 38  ? -5.296  -3.731  -5.555  1.00 14.89 ? 34  ARG A N   1 
ATOM   172 C CA  . ARG A 1 38  ? -6.445  -4.558  -5.844  1.00 14.98 ? 34  ARG A CA  1 
ATOM   173 C C   . ARG A 1 38  ? -6.320  -5.202  -7.213  1.00 15.54 ? 34  ARG A C   1 
ATOM   174 O O   . ARG A 1 38  ? -5.607  -4.706  -8.092  1.00 14.32 ? 34  ARG A O   1 
ATOM   175 C CB  . ARG A 1 38  ? -7.729  -3.750  -5.720  1.00 14.92 ? 34  ARG A CB  1 
ATOM   176 C CG  . ARG A 1 38  ? -7.977  -2.771  -6.845  1.00 15.48 ? 34  ARG A CG  1 
ATOM   177 C CD  . ARG A 1 38  ? -9.206  -1.948  -6.607  1.00 17.42 ? 34  ARG A CD  1 
ATOM   178 N NE  . ARG A 1 38  ? -9.521  -1.124  -7.765  1.00 17.61 ? 34  ARG A NE  1 
ATOM   179 C CZ  . ARG A 1 38  ? -10.467 -0.199  -7.790  1.00 17.68 ? 34  ARG A CZ  1 
ATOM   180 N NH1 . ARG A 1 38  ? -11.201 0.047   -6.714  1.00 17.26 ? 34  ARG A NH1 1 
ATOM   181 N NH2 . ARG A 1 38  ? -10.660 0.497   -8.891  1.00 18.33 ? 34  ARG A NH2 1 
ATOM   182 N N   . GLN A 1 39  ? -7.004  -6.314  -7.371  1.00 16.32 ? 35  GLN A N   1 
ATOM   183 C CA  . GLN A 1 39  ? -7.066  -7.001  -8.645  1.00 18.59 ? 35  GLN A CA  1 
ATOM   184 C C   . GLN A 1 39  ? -8.452  -7.576  -8.865  1.00 19.56 ? 35  GLN A C   1 
ATOM   185 O O   . GLN A 1 39  ? -8.948  -8.356  -8.055  1.00 18.35 ? 35  GLN A O   1 
ATOM   186 C CB  . GLN A 1 39  ? -6.029  -8.116  -8.710  1.00 18.91 ? 35  GLN A CB  1 
ATOM   187 C CG  . GLN A 1 39  ? -5.949  -8.764  -10.087 1.00 21.66 ? 35  GLN A CG  1 
ATOM   188 C CD  . GLN A 1 39  ? -4.722  -9.621  -10.240 1.00 25.37 ? 35  GLN A CD  1 
ATOM   189 O OE1 . GLN A 1 39  ? -4.021  -9.541  -11.245 1.00 29.15 ? 35  GLN A OE1 1 
ATOM   190 N NE2 . GLN A 1 39  ? -4.458  -10.451 -9.242  1.00 28.30 ? 35  GLN A NE2 1 
ATOM   191 N N   . ALA A 1 40  ? -9.061  -7.179  -9.973  1.00 22.16 ? 36  ALA A N   1 
ATOM   192 C CA  . ALA A 1 40  ? -10.318 -7.745  -10.445 1.00 24.03 ? 36  ALA A CA  1 
ATOM   193 C C   . ALA A 1 40  ? -10.006 -8.830  -11.481 1.00 25.82 ? 36  ALA A C   1 
ATOM   194 O O   . ALA A 1 40  ? -9.004  -8.727  -12.176 1.00 26.08 ? 36  ALA A O   1 
ATOM   195 C CB  . ALA A 1 40  ? -11.158 -6.654  -11.059 1.00 24.54 ? 36  ALA A CB  1 
ATOM   196 N N   . PRO A 1 41  ? -10.837 -9.871  -11.587 1.00 27.56 ? 37  PRO A N   1 
ATOM   197 C CA  . PRO A 1 41  ? -10.584 -10.959 -12.542 1.00 28.53 ? 37  PRO A CA  1 
ATOM   198 C C   . PRO A 1 41  ? -10.396 -10.450 -13.971 1.00 29.05 ? 37  PRO A C   1 
ATOM   199 O O   . PRO A 1 41  ? -11.148 -9.585  -14.415 1.00 29.46 ? 37  PRO A O   1 
ATOM   200 C CB  . PRO A 1 41  ? -11.849 -11.824 -12.438 1.00 28.64 ? 37  PRO A CB  1 
ATOM   201 C CG  . PRO A 1 41  ? -12.407 -11.525 -11.098 1.00 28.29 ? 37  PRO A CG  1 
ATOM   202 C CD  . PRO A 1 41  ? -12.069 -10.102 -10.815 1.00 28.07 ? 37  PRO A CD  1 
ATOM   203 N N   . GLY A 1 42  ? -9.381  -10.960 -14.659 1.00 29.73 ? 38  GLY A N   1 
ATOM   204 C CA  . GLY A 1 42  ? -9.102  -10.569 -16.032 1.00 29.98 ? 38  GLY A CA  1 
ATOM   205 C C   . GLY A 1 42  ? -8.458  -9.201  -16.220 1.00 30.14 ? 38  GLY A C   1 
ATOM   206 O O   . GLY A 1 42  ? -8.250  -8.784  -17.357 1.00 30.33 ? 38  GLY A O   1 
ATOM   207 N N   . LYS A 1 43  ? -8.145  -8.503  -15.126 1.00 30.28 ? 39  LYS A N   1 
ATOM   208 C CA  . LYS A 1 43  ? -7.503  -7.190  -15.192 1.00 30.32 ? 39  LYS A CA  1 
ATOM   209 C C   . LYS A 1 43  ? -6.162  -7.213  -14.475 1.00 29.62 ? 39  LYS A C   1 
ATOM   210 O O   . LYS A 1 43  ? -5.884  -8.112  -13.676 1.00 29.80 ? 39  LYS A O   1 
ATOM   211 C CB  . LYS A 1 43  ? -8.400  -6.118  -14.577 1.00 30.80 ? 39  LYS A CB  1 
ATOM   212 C CG  . LYS A 1 43  ? -9.752  -5.987  -15.260 1.00 32.87 ? 39  LYS A CG  1 
ATOM   213 C CD  . LYS A 1 43  ? -10.571 -4.852  -14.666 1.00 35.41 ? 39  LYS A CD  1 
ATOM   214 C CE  . LYS A 1 43  ? -12.060 -5.041  -14.928 1.00 36.91 ? 39  LYS A CE  1 
ATOM   215 N NZ  . LYS A 1 43  ? -12.800 -3.744  -14.877 1.00 38.76 ? 39  LYS A NZ  1 
ATOM   216 N N   . GLN A 1 44  ? -5.323  -6.229  -14.770 1.00 28.69 ? 40  GLN A N   1 
ATOM   217 C CA  . GLN A 1 44  ? -4.045  -6.111  -14.079 1.00 27.98 ? 40  GLN A CA  1 
ATOM   218 C C   . GLN A 1 44  ? -4.283  -5.487  -12.707 1.00 26.39 ? 40  GLN A C   1 
ATOM   219 O O   . GLN A 1 44  ? -5.266  -4.780  -12.496 1.00 26.06 ? 40  GLN A O   1 
ATOM   220 C CB  . GLN A 1 44  ? -3.029  -5.292  -14.884 1.00 28.33 ? 40  GLN A CB  1 
ATOM   221 C CG  . GLN A 1 44  ? -1.961  -6.147  -15.582 1.00 30.12 ? 40  GLN A CG  1 
ATOM   222 C CD  . GLN A 1 44  ? -0.858  -6.641  -14.638 1.00 32.20 ? 40  GLN A CD  1 
ATOM   223 O OE1 . GLN A 1 44  ? -1.106  -6.918  -13.454 1.00 32.59 ? 40  GLN A OE1 1 
ATOM   224 N NE2 . GLN A 1 44  ? 0.358   -6.770  -15.170 1.00 33.25 ? 40  GLN A NE2 1 
ATOM   225 N N   . ARG A 1 45  ? -3.387  -5.783  -11.775 1.00 25.02 ? 41  ARG A N   1 
ATOM   226 C CA  . ARG A 1 45  ? -3.446  -5.205  -10.445 1.00 24.38 ? 41  ARG A CA  1 
ATOM   227 C C   . ARG A 1 45  ? -3.256  -3.688  -10.505 1.00 22.91 ? 41  ARG A C   1 
ATOM   228 O O   . ARG A 1 45  ? -2.550  -3.168  -11.369 1.00 21.87 ? 41  ARG A O   1 
ATOM   229 C CB  . ARG A 1 45  ? -2.390  -5.837  -9.531  1.00 24.79 ? 41  ARG A CB  1 
ATOM   230 C CG  . ARG A 1 45  ? -0.978  -5.402  -9.826  1.00 27.60 ? 41  ARG A CG  1 
ATOM   231 C CD  . ARG A 1 45  ? 0.091   -6.169  -9.073  1.00 31.00 ? 41  ARG A CD  1 
ATOM   232 N NE  . ARG A 1 45  ? 0.111   -7.590  -9.427  1.00 33.76 ? 41  ARG A NE  1 
ATOM   233 C CZ  . ARG A 1 45  ? 1.133   -8.409  -9.194  1.00 35.44 ? 41  ARG A CZ  1 
ATOM   234 N NH1 . ARG A 1 45  ? 2.233   -7.968  -8.600  1.00 36.98 ? 41  ARG A NH1 1 
ATOM   235 N NH2 . ARG A 1 45  ? 1.054   -9.682  -9.553  1.00 36.82 ? 41  ARG A NH2 1 
ATOM   236 N N   . GLU A 1 46  ? -3.891  -3.000  -9.570  1.00 21.11 ? 42  GLU A N   1 
ATOM   237 C CA  . GLU A 1 46  ? -3.856  -1.551  -9.478  1.00 20.58 ? 42  GLU A CA  1 
ATOM   238 C C   . GLU A 1 46  ? -3.481  -1.191  -8.066  1.00 19.39 ? 42  GLU A C   1 
ATOM   239 O O   . GLU A 1 46  ? -4.063  -1.723  -7.125  1.00 17.26 ? 42  GLU A O   1 
ATOM   240 C CB  . GLU A 1 46  ? -5.242  -0.960  -9.724  1.00 20.91 ? 42  GLU A CB  1 
ATOM   241 C CG  . GLU A 1 46  ? -5.881  -1.320  -11.041 1.00 24.23 ? 42  GLU A CG  1 
ATOM   242 C CD  . GLU A 1 46  ? -7.186  -0.577  -11.227 1.00 26.94 ? 42  GLU A CD  1 
ATOM   243 O OE1 . GLU A 1 46  ? -7.233  0.334   -12.080 1.00 29.96 ? 42  GLU A OE1 1 
ATOM   244 O OE2 . GLU A 1 46  ? -8.159  -0.899  -10.509 1.00 27.58 ? 42  GLU A OE2 1 
ATOM   245 N N   . LEU A 1 47  ? -2.540  -0.271  -7.920  1.00 18.56 ? 43  LEU A N   1 
ATOM   246 C CA  . LEU A 1 47  ? -2.278  0.358   -6.639  1.00 19.17 ? 43  LEU A CA  1 
ATOM   247 C C   . LEU A 1 47  ? -3.502  1.193   -6.242  1.00 19.01 ? 43  LEU A C   1 
ATOM   248 O O   . LEU A 1 47  ? -4.092  1.867   -7.088  1.00 20.51 ? 43  LEU A O   1 
ATOM   249 C CB  . LEU A 1 47  ? -1.036  1.246   -6.747  1.00 19.47 ? 43  LEU A CB  1 
ATOM   250 C CG  . LEU A 1 47  ? -0.507  1.932   -5.491  1.00 21.63 ? 43  LEU A CG  1 
ATOM   251 C CD1 . LEU A 1 47  ? -0.268  0.933   -4.359  1.00 22.23 ? 43  LEU A CD1 1 
ATOM   252 C CD2 . LEU A 1 47  ? 0.791   2.654   -5.836  1.00 23.19 ? 43  LEU A CD2 1 
ATOM   253 N N   . VAL A 1 48  ? -3.908  1.112   -4.978  1.00 18.32 ? 44  VAL A N   1 
ATOM   254 C CA  . VAL A 1 48  ? -5.061  1.858   -4.471  1.00 18.07 ? 44  VAL A CA  1 
ATOM   255 C C   . VAL A 1 48  ? -4.601  3.019   -3.598  1.00 17.99 ? 44  VAL A C   1 
ATOM   256 O O   . VAL A 1 48  ? -5.016  4.146   -3.809  1.00 17.82 ? 44  VAL A O   1 
ATOM   257 C CB  . VAL A 1 48  ? -6.024  0.953   -3.664  1.00 18.26 ? 44  VAL A CB  1 
ATOM   258 C CG1 . VAL A 1 48  ? -7.176  1.764   -3.057  1.00 18.14 ? 44  VAL A CG1 1 
ATOM   259 C CG2 . VAL A 1 48  ? -6.560  -0.179  -4.547  1.00 17.95 ? 44  VAL A CG2 1 
ATOM   260 N N   . ALA A 1 49  ? -3.740  2.725   -2.629  1.00 17.95 ? 45  ALA A N   1 
ATOM   261 C CA  . ALA A 1 49  ? -3.319  3.690   -1.623  1.00 17.84 ? 45  ALA A CA  1 
ATOM   262 C C   . ALA A 1 49  ? -1.969  3.306   -1.061  1.00 18.11 ? 45  ALA A C   1 
ATOM   263 O O   . ALA A 1 49  ? -1.673  2.116   -0.915  1.00 18.38 ? 45  ALA A O   1 
ATOM   264 C CB  . ALA A 1 49  ? -4.330  3.749   -0.503  1.00 18.14 ? 45  ALA A CB  1 
ATOM   265 N N   . THR A 1 50  ? -1.139  4.301   -0.770  1.00 18.14 ? 46  THR A N   1 
ATOM   266 C CA  . THR A 1 50  ? 0.129   4.060   -0.086  1.00 18.15 ? 46  THR A CA  1 
ATOM   267 C C   . THR A 1 50  ? 0.310   5.019   1.072   1.00 17.48 ? 46  THR A C   1 
ATOM   268 O O   . THR A 1 50  ? -0.244  6.126   1.090   1.00 15.76 ? 46  THR A O   1 
ATOM   269 C CB  . THR A 1 50  ? 1.329   4.207   -1.029  1.00 18.97 ? 46  THR A CB  1 
ATOM   270 O OG1 . THR A 1 50  ? 1.391   5.540   -1.554  1.00 20.67 ? 46  THR A OG1 1 
ATOM   271 C CG2 . THR A 1 50  ? 1.187   3.317   -2.261  1.00 21.10 ? 46  THR A CG2 1 
ATOM   272 N N   . ILE A 1 51  ? 1.111   4.590   2.033   1.00 16.40 ? 47  ILE A N   1 
ATOM   273 C CA  . ILE A 1 51  ? 1.577   5.475   3.083   1.00 16.43 ? 47  ILE A CA  1 
ATOM   274 C C   . ILE A 1 51  ? 3.032   5.147   3.381   1.00 16.26 ? 47  ILE A C   1 
ATOM   275 O O   . ILE A 1 51  ? 3.448   3.985   3.360   1.00 15.56 ? 47  ILE A O   1 
ATOM   276 C CB  . ILE A 1 51  ? 0.655   5.361   4.317   1.00 16.72 ? 47  ILE A CB  1 
ATOM   277 C CG1 . ILE A 1 51  ? 1.016   6.395   5.383   1.00 17.34 ? 47  ILE A CG1 1 
ATOM   278 C CG2 . ILE A 1 51  ? 0.642   3.942   4.848   1.00 18.14 ? 47  ILE A CG2 1 
ATOM   279 C CD1 . ILE A 1 51  ? -0.079  6.625   6.404   1.00 17.48 ? 47  ILE A CD1 1 
ATOM   280 N N   . ASN A 1 52  ? 3.821   6.179   3.618   1.00 15.92 ? 48  ASN A N   1 
ATOM   281 C CA  . ASN A 1 52  ? 5.218   5.973   3.920   1.00 15.96 ? 48  ASN A CA  1 
ATOM   282 C C   . ASN A 1 52  ? 5.422   6.209   5.402   1.00 15.62 ? 48  ASN A C   1 
ATOM   283 O O   . ASN A 1 52  ? 4.469   6.470   6.140   1.00 15.71 ? 48  ASN A O   1 
ATOM   284 C CB  . ASN A 1 52  ? 6.120   6.834   3.017   1.00 15.75 ? 48  ASN A CB  1 
ATOM   285 C CG  . ASN A 1 52  ? 6.039   8.302   3.315   1.00 16.52 ? 48  ASN A CG  1 
ATOM   286 O OD1 . ASN A 1 52  ? 5.516   8.729   4.354   1.00 14.29 ? 48  ASN A OD1 1 
ATOM   287 N ND2 . ASN A 1 52  ? 6.577   9.104   2.400   1.00 17.96 ? 48  ASN A ND2 1 
ATOM   288 N N   . SER A 1 53  ? 6.665   6.123   5.835   1.00 15.18 ? 49  SER A N   1 
ATOM   289 C CA  . SER A 1 53  ? 6.991   6.142   7.249   1.00 14.86 ? 49  SER A CA  1 
ATOM   290 C C   . SER A 1 53  ? 6.717   7.495   7.889   1.00 14.48 ? 49  SER A C   1 
ATOM   291 O O   . SER A 1 53  ? 6.517   7.595   9.095   1.00 14.18 ? 49  SER A O   1 
ATOM   292 C CB  . SER A 1 53  ? 8.459   5.812   7.408   1.00 15.41 ? 49  SER A CB  1 
ATOM   293 O OG  . SER A 1 53  ? 9.230   6.588   6.492   1.00 15.96 ? 49  SER A OG  1 
ATOM   294 N N   . ARG A 1 54  ? 6.728   8.543   7.078   1.00 14.26 ? 50  ARG A N   1 
ATOM   295 C CA  . ARG A 1 54  ? 6.463   9.886   7.567   1.00 14.35 ? 50  ARG A CA  1 
ATOM   296 C C   . ARG A 1 54  ? 4.964   10.193  7.612   1.00 13.77 ? 50  ARG A C   1 
ATOM   297 O O   . ARG A 1 54  ? 4.578   11.283  8.017   1.00 13.73 ? 50  ARG A O   1 
ATOM   298 C CB  . ARG A 1 54  ? 7.194   10.913  6.710   1.00 14.38 ? 50  ARG A CB  1 
ATOM   299 C CG  . ARG A 1 54  ? 8.667   10.970  6.971   1.00 16.35 ? 50  ARG A CG  1 
ATOM   300 C CD  . ARG A 1 54  ? 9.439   11.782  5.952   1.00 19.06 ? 50  ARG A CD  1 
ATOM   301 N NE  . ARG A 1 54  ? 9.532   11.088  4.668   1.00 21.42 ? 50  ARG A NE  1 
ATOM   302 C CZ  . ARG A 1 54  ? 10.134  11.578  3.587   1.00 23.97 ? 50  ARG A CZ  1 
ATOM   303 N NH1 . ARG A 1 54  ? 10.713  12.778  3.609   1.00 24.25 ? 50  ARG A NH1 1 
ATOM   304 N NH2 . ARG A 1 54  ? 10.165  10.849  2.475   1.00 25.58 ? 50  ARG A NH2 1 
ATOM   305 N N   . GLY A 1 55  ? 4.141   9.237   7.193   1.00 13.76 ? 51  GLY A N   1 
ATOM   306 C CA  . GLY A 1 55  ? 2.696   9.380   7.193   1.00 14.12 ? 51  GLY A CA  1 
ATOM   307 C C   . GLY A 1 55  ? 2.144   9.992   5.912   1.00 14.04 ? 51  GLY A C   1 
ATOM   308 O O   . GLY A 1 55  ? 0.957   10.289  5.839   1.00 14.25 ? 51  GLY A O   1 
ATOM   309 N N   . ILE A 1 56  ? 2.999   10.196  4.914   1.00 14.10 ? 52  ILE A N   1 
ATOM   310 C CA  . ILE A 1 56  ? 2.580   10.786  3.646   1.00 14.72 ? 52  ILE A CA  1 
ATOM   311 C C   . ILE A 1 56  ? 1.822   9.750   2.856   1.00 15.08 ? 52  ILE A C   1 
ATOM   312 O O   . ILE A 1 56  ? 2.305   8.630   2.632   1.00 14.61 ? 52  ILE A O   1 
ATOM   313 C CB  . ILE A 1 56  ? 3.780   11.324  2.835   1.00 15.12 ? 52  ILE A CB  1 
ATOM   314 C CG1 . ILE A 1 56  ? 4.434   12.483  3.592   1.00 16.82 ? 52  ILE A CG1 1 
ATOM   315 C CG2 . ILE A 1 56  ? 3.333   11.793  1.453   1.00 14.91 ? 52  ILE A CG2 1 
ATOM   316 C CD1 . ILE A 1 56  ? 5.819   12.255  3.888   1.00 20.05 ? 52  ILE A CD1 1 
ATOM   317 N N   . THR A 1 57  ? 0.624   10.128  2.452   1.00 14.95 ? 53  THR A N   1 
ATOM   318 C CA  . THR A 1 57  ? -0.287  9.217   1.793   1.00 16.13 ? 53  THR A CA  1 
ATOM   319 C C   . THR A 1 57  ? -0.319  9.525   0.312   1.00 16.86 ? 53  THR A C   1 
ATOM   320 O O   . THR A 1 57  ? 0.067   10.614  -0.129  1.00 16.67 ? 53  THR A O   1 
ATOM   321 C CB  . THR A 1 57  ? -1.692  9.359   2.352   1.00 16.67 ? 53  THR A CB  1 
ATOM   322 O OG1 . THR A 1 57  ? -2.130  10.728  2.207   1.00 17.30 ? 53  THR A OG1 1 
ATOM   323 C CG2 . THR A 1 57  ? -1.715  9.084   3.852   1.00 17.22 ? 53  THR A CG2 1 
ATOM   324 N N   . ASN A 1 58  ? -0.784  8.556   -0.454  1.00 16.99 ? 54  ASN A N   1 
ATOM   325 C CA  . ASN A 1 58  ? -1.065  8.764   -1.857  1.00 17.74 ? 54  ASN A CA  1 
ATOM   326 C C   . ASN A 1 58  ? -2.188  7.823   -2.239  1.00 17.31 ? 54  ASN A C   1 
ATOM   327 O O   . ASN A 1 58  ? -2.357  6.775   -1.613  1.00 16.98 ? 54  ASN A O   1 
ATOM   328 C CB  . ASN A 1 58  ? 0.179   8.513   -2.695  1.00 19.09 ? 54  ASN A CB  1 
ATOM   329 C CG  . ASN A 1 58  ? -0.020  8.846   -4.163  1.00 22.46 ? 54  ASN A CG  1 
ATOM   330 O OD1 . ASN A 1 58  ? 0.518   8.153   -5.031  1.00 30.41 ? 54  ASN A OD1 1 
ATOM   331 N ND2 . ASN A 1 58  ? -0.795  9.899   -4.452  1.00 22.48 ? 54  ASN A ND2 1 
ATOM   332 N N   . TYR A 1 59  ? -2.983  8.237   -3.218  1.00 16.31 ? 55  TYR A N   1 
ATOM   333 C CA  . TYR A 1 59  ? -4.156  7.488   -3.645  1.00 16.32 ? 55  TYR A CA  1 
ATOM   334 C C   . TYR A 1 59  ? -4.203  7.440   -5.162  1.00 16.24 ? 55  TYR A C   1 
ATOM   335 O O   . TYR A 1 59  ? -3.783  8.391   -5.837  1.00 15.20 ? 55  TYR A O   1 
ATOM   336 C CB  . TYR A 1 59  ? -5.426  8.129   -3.090  1.00 16.59 ? 55  TYR A CB  1 
ATOM   337 C CG  . TYR A 1 59  ? -5.490  8.139   -1.595  1.00 15.51 ? 55  TYR A CG  1 
ATOM   338 C CD1 . TYR A 1 59  ? -5.875  7.006   -0.890  1.00 16.53 ? 55  TYR A CD1 1 
ATOM   339 C CD2 . TYR A 1 59  ? -5.122  9.270   -0.875  1.00 15.88 ? 55  TYR A CD2 1 
ATOM   340 C CE1 . TYR A 1 59  ? -5.914  7.004   0.491   1.00 15.99 ? 55  TYR A CE1 1 
ATOM   341 C CE2 . TYR A 1 59  ? -5.139  9.269   0.508   1.00 15.94 ? 55  TYR A CE2 1 
ATOM   342 C CZ  . TYR A 1 59  ? -5.551  8.145   1.179   1.00 17.07 ? 55  TYR A CZ  1 
ATOM   343 O OH  . TYR A 1 59  ? -5.573  8.169   2.546   1.00 16.75 ? 55  TYR A OH  1 
ATOM   344 N N   . ALA A 1 60  ? -4.707  6.329   -5.688  1.00 15.77 ? 56  ALA A N   1 
ATOM   345 C CA  . ALA A 1 60  ? -4.940  6.183   -7.120  1.00 16.02 ? 56  ALA A CA  1 
ATOM   346 C C   . ALA A 1 60  ? -5.964  7.202   -7.589  1.00 15.91 ? 56  ALA A C   1 
ATOM   347 O O   . ALA A 1 60  ? -6.781  7.684   -6.808  1.00 15.27 ? 56  ALA A O   1 
ATOM   348 C CB  . ALA A 1 60  ? -5.422  4.782   -7.445  1.00 16.15 ? 56  ALA A CB  1 
ATOM   349 N N   . ASP A 1 61  ? -5.933  7.508   -8.877  1.00 16.15 ? 57  ASP A N   1 
ATOM   350 C CA  . ASP A 1 61  ? -6.849  8.483   -9.450  1.00 16.68 ? 57  ASP A CA  1 
ATOM   351 C C   . ASP A 1 61  ? -8.339  8.129   -9.225  1.00 16.14 ? 57  ASP A C   1 
ATOM   352 O O   . ASP A 1 61  ? -9.157  9.034   -9.073  1.00 16.81 ? 57  ASP A O   1 
ATOM   353 C CB  . ASP A 1 61  ? -6.541  8.676   -10.935 1.00 17.37 ? 57  ASP A CB  1 
ATOM   354 C CG  . ASP A 1 61  ? -5.244  9.456   -11.170 1.00 19.73 ? 57  ASP A CG  1 
ATOM   355 O OD1 . ASP A 1 61  ? -4.776  10.157  -10.237 0.50 19.55 ? 57  ASP A OD1 1 
ATOM   356 O OD2 . ASP A 1 61  ? -4.613  9.425   -12.249 0.50 20.87 ? 57  ASP A OD2 1 
ATOM   357 N N   . PHE A 1 62  ? -8.672  6.841   -9.181  1.00 15.64 ? 58  PHE A N   1 
ATOM   358 C CA  . PHE A 1 62  ? -10.059 6.389   -8.977  1.00 16.16 ? 58  PHE A CA  1 
ATOM   359 C C   . PHE A 1 62  ? -10.583 6.538   -7.539  1.00 15.83 ? 58  PHE A C   1 
ATOM   360 O O   . PHE A 1 62  ? -11.786 6.384   -7.297  1.00 16.28 ? 58  PHE A O   1 
ATOM   361 C CB  . PHE A 1 62  ? -10.268 4.934   -9.456  1.00 16.21 ? 58  PHE A CB  1 
ATOM   362 C CG  . PHE A 1 62  ? -9.357  3.923   -8.804  1.00 16.84 ? 58  PHE A CG  1 
ATOM   363 C CD1 . PHE A 1 62  ? -9.547  3.520   -7.485  1.00 18.22 ? 58  PHE A CD1 1 
ATOM   364 C CD2 . PHE A 1 62  ? -8.308  3.364   -9.522  1.00 19.31 ? 58  PHE A CD2 1 
ATOM   365 C CE1 . PHE A 1 62  ? -8.696  2.590   -6.895  1.00 18.95 ? 58  PHE A CE1 1 
ATOM   366 C CE2 . PHE A 1 62  ? -7.469  2.424   -8.935  1.00 18.80 ? 58  PHE A CE2 1 
ATOM   367 C CZ  . PHE A 1 62  ? -7.664  2.043   -7.630  1.00 19.23 ? 58  PHE A CZ  1 
ATOM   368 N N   . VAL A 1 63  ? -9.709  6.841   -6.591  1.00 15.55 ? 59  VAL A N   1 
ATOM   369 C CA  . VAL A 1 63  ? -10.129 6.933   -5.195  1.00 16.19 ? 59  VAL A CA  1 
ATOM   370 C C   . VAL A 1 63  ? -11.023 8.160   -4.989  1.00 16.12 ? 59  VAL A C   1 
ATOM   371 O O   . VAL A 1 63  ? -12.042 8.063   -4.331  1.00 15.89 ? 59  VAL A O   1 
ATOM   372 C CB  . VAL A 1 63  ? -8.924  6.929   -4.219  1.00 16.76 ? 59  VAL A CB  1 
ATOM   373 C CG1 . VAL A 1 63  ? -9.365  7.175   -2.775  1.00 16.40 ? 59  VAL A CG1 1 
ATOM   374 C CG2 . VAL A 1 63  ? -8.178  5.605   -4.306  1.00 16.72 ? 59  VAL A CG2 1 
ATOM   375 N N   . LYS A 1 64  ? -10.639 9.303   -5.550  1.00 15.52 ? 60  LYS A N   1 
ATOM   376 C CA  . LYS A 1 64  ? -11.455 10.515  -5.482  1.00 16.90 ? 60  LYS A CA  1 
ATOM   377 C C   . LYS A 1 64  ? -11.854 10.905  -4.054  1.00 17.05 ? 60  LYS A C   1 
ATOM   378 O O   . LYS A 1 64  ? -12.989 11.319  -3.814  1.00 16.55 ? 60  LYS A O   1 
ATOM   379 C CB  . LYS A 1 64  ? -12.723 10.350  -6.326  1.00 16.31 ? 60  LYS A CB  1 
ATOM   380 C CG  . LYS A 1 64  ? -12.679 11.027  -7.646  1.00 20.47 ? 60  LYS A CG  1 
ATOM   381 C CD  . LYS A 1 64  ? -12.073 10.167  -8.670  1.00 21.92 ? 60  LYS A CD  1 
ATOM   382 C CE  . LYS A 1 64  ? -11.949 10.916  -9.977  1.00 21.30 ? 60  LYS A CE  1 
ATOM   383 N NZ  . LYS A 1 64  ? -10.768 10.445  -10.698 1.00 22.78 ? 60  LYS A NZ  1 
ATOM   384 N N   . GLY A 1 65  ? -10.925 10.750  -3.119  1.00 17.58 ? 61  GLY A N   1 
ATOM   385 C CA  . GLY A 1 65  ? -11.147 11.185  -1.750  1.00 18.53 ? 61  GLY A CA  1 
ATOM   386 C C   . GLY A 1 65  ? -12.018 10.265  -0.911  1.00 18.23 ? 61  GLY A C   1 
ATOM   387 O O   . GLY A 1 65  ? -12.370 10.602  0.212   1.00 18.96 ? 61  GLY A O   1 
ATOM   388 N N   . ARG A 1 66  ? -12.354 9.094   -1.427  1.00 17.45 ? 62  ARG A N   1 
ATOM   389 C CA  . ARG A 1 66  ? -13.314 8.220   -0.757  1.00 17.38 ? 62  ARG A CA  1 
ATOM   390 C C   . ARG A 1 66  ? -12.647 7.293   0.235   1.00 17.38 ? 62  ARG A C   1 
ATOM   391 O O   . ARG A 1 66  ? -13.317 6.764   1.108   1.00 17.14 ? 62  ARG A O   1 
ATOM   392 C CB  . ARG A 1 66  ? -14.054 7.347   -1.761  1.00 16.18 ? 62  ARG A CB  1 
ATOM   393 C CG  . ARG A 1 66  ? -14.907 8.086   -2.725  1.00 16.32 ? 62  ARG A CG  1 
ATOM   394 C CD  . ARG A 1 66  ? -15.512 7.154   -3.723  1.00 15.06 ? 62  ARG A CD  1 
ATOM   395 N NE  . ARG A 1 66  ? -14.467 6.492   -4.513  1.00 14.02 ? 62  ARG A NE  1 
ATOM   396 C CZ  . ARG A 1 66  ? -14.524 5.238   -4.947  1.00 15.20 ? 62  ARG A CZ  1 
ATOM   397 N NH1 . ARG A 1 66  ? -13.537 4.766   -5.666  1.00 15.82 ? 62  ARG A NH1 1 
ATOM   398 N NH2 . ARG A 1 66  ? -15.557 4.451   -4.668  1.00 15.29 ? 62  ARG A NH2 1 
ATOM   399 N N   . PHE A 1 67  ? -11.352 7.056   0.071   1.00 17.99 ? 63  PHE A N   1 
ATOM   400 C CA  . PHE A 1 67  ? -10.647 6.079   0.890   1.00 18.24 ? 63  PHE A CA  1 
ATOM   401 C C   . PHE A 1 67  ? -9.593  6.771   1.740   1.00 19.34 ? 63  PHE A C   1 
ATOM   402 O O   . PHE A 1 67  ? -9.048  7.823   1.358   1.00 19.50 ? 63  PHE A O   1 
ATOM   403 C CB  . PHE A 1 67  ? -9.935  5.009   0.053   1.00 18.60 ? 63  PHE A CB  1 
ATOM   404 C CG  . PHE A 1 67  ? -10.803 4.230   -0.899  1.00 17.37 ? 63  PHE A CG  1 
ATOM   405 C CD1 . PHE A 1 67  ? -12.189 4.284   -0.885  1.00 17.92 ? 63  PHE A CD1 1 
ATOM   406 C CD2 . PHE A 1 67  ? -10.197 3.409   -1.834  1.00 17.92 ? 63  PHE A CD2 1 
ATOM   407 C CE1 . PHE A 1 67  ? -12.949 3.553   -1.804  1.00 18.89 ? 63  PHE A CE1 1 
ATOM   408 C CE2 . PHE A 1 67  ? -10.962 2.655   -2.744  1.00 19.09 ? 63  PHE A CE2 1 
ATOM   409 C CZ  . PHE A 1 67  ? -12.331 2.736   -2.724  1.00 18.97 ? 63  PHE A CZ  1 
ATOM   410 N N   . THR A 1 68  ? -9.307  6.180   2.894   1.00 19.16 ? 64  THR A N   1 
ATOM   411 C CA  . THR A 1 68  ? -8.290  6.688   3.790   1.00 19.69 ? 64  THR A CA  1 
ATOM   412 C C   . THR A 1 68  ? -7.406  5.545   4.239   1.00 19.53 ? 64  THR A C   1 
ATOM   413 O O   . THR A 1 68  ? -7.891  4.571   4.812   1.00 19.33 ? 64  THR A O   1 
ATOM   414 C CB  . THR A 1 68  ? -8.921  7.319   5.021   1.00 20.20 ? 64  THR A CB  1 
ATOM   415 O OG1 . THR A 1 68  ? -9.693  8.459   4.629   1.00 22.66 ? 64  THR A OG1 1 
ATOM   416 C CG2 . THR A 1 68  ? -7.837  7.889   5.967   1.00 21.40 ? 64  THR A CG2 1 
ATOM   417 N N   . ILE A 1 69  ? -6.112  5.687   3.999   1.00 19.85 ? 65  ILE A N   1 
ATOM   418 C CA  . ILE A 1 69  ? -5.117  4.749   4.499   1.00 20.17 ? 65  ILE A CA  1 
ATOM   419 C C   . ILE A 1 69  ? -4.520  5.339   5.776   1.00 21.36 ? 65  ILE A C   1 
ATOM   420 O O   . ILE A 1 69  ? -4.256  6.535   5.868   1.00 20.41 ? 65  ILE A O   1 
ATOM   421 C CB  . ILE A 1 69  ? -4.035  4.460   3.419   1.00 20.34 ? 65  ILE A CB  1 
ATOM   422 C CG1 . ILE A 1 69  ? -3.113  3.330   3.868   1.00 19.76 ? 65  ILE A CG1 1 
ATOM   423 C CG2 . ILE A 1 69  ? -3.188  5.697   3.100   1.00 20.76 ? 65  ILE A CG2 1 
ATOM   424 C CD1 . ILE A 1 69  ? -2.163  2.835   2.784   1.00 19.72 ? 65  ILE A CD1 1 
ATOM   425 N N   . SER A 1 70  ? -4.343  4.497   6.779   1.00 22.78 ? 66  SER A N   1 
ATOM   426 C CA  . SER A 1 70  ? -3.792  4.947   8.046   1.00 24.30 ? 66  SER A CA  1 
ATOM   427 C C   . SER A 1 70  ? -2.929  3.853   8.643   1.00 25.63 ? 66  SER A C   1 
ATOM   428 O O   . SER A 1 70  ? -3.032  2.686   8.256   1.00 24.69 ? 66  SER A O   1 
ATOM   429 C CB  . SER A 1 70  ? -4.916  5.337   9.006   1.00 24.23 ? 66  SER A CB  1 
ATOM   430 O OG  . SER A 1 70  ? -5.747  4.219   9.286   1.00 25.53 ? 66  SER A OG  1 
ATOM   431 N N   . ARG A 1 71  ? -2.071  4.263   9.571   1.00 27.76 ? 67  ARG A N   1 
ATOM   432 C CA  . ARG A 1 71  ? -1.165  3.371   10.286  1.00 29.49 ? 67  ARG A CA  1 
ATOM   433 C C   . ARG A 1 71  ? -1.630  3.337   11.723  1.00 29.95 ? 67  ARG A C   1 
ATOM   434 O O   . ARG A 1 71  ? -1.779  4.385   12.348  1.00 30.56 ? 67  ARG A O   1 
ATOM   435 C CB  . ARG A 1 71  ? 0.262   3.911   10.244  1.00 30.31 ? 67  ARG A CB  1 
ATOM   436 C CG  . ARG A 1 71  ? 1.050   3.556   8.988   1.00 32.73 ? 67  ARG A CG  1 
ATOM   437 C CD  . ARG A 1 71  ? 2.086   4.629   8.576   1.00 35.77 ? 67  ARG A CD  1 
ATOM   438 N NE  . ARG A 1 71  ? 3.450   4.130   8.371   1.00 37.75 ? 67  ARG A NE  1 
ATOM   439 C CZ  . ARG A 1 71  ? 3.801   3.154   7.530   1.00 40.48 ? 67  ARG A CZ  1 
ATOM   440 N NH1 . ARG A 1 71  ? 2.894   2.524   6.803   1.00 42.44 ? 67  ARG A NH1 1 
ATOM   441 N NH2 . ARG A 1 71  ? 5.077   2.792   7.423   1.00 41.62 ? 67  ARG A NH2 1 
ATOM   442 N N   . ASP A 1 72  ? -1.762  2.486   12.340  1.00 30.46 ? 68  ASP A N   1 
ATOM   443 C CA  . ASP A 1 72  ? -1.458  2.568   13.781  0.00 32.13 ? 68  ASP A CA  1 
ATOM   444 C C   . ASP A 1 72  ? -0.048  1.891   14.000  1.00 48.28 ? 68  ASP A C   1 
ATOM   445 O O   . ASP A 1 72  ? 0.060   0.731   14.391  1.00 48.28 ? 68  ASP A O   1 
ATOM   446 C CB  . ASP A 1 72  ? -2.650  1.842   14.510  1.00 35.37 ? 68  ASP A CB  1 
ATOM   447 C CG  . ASP A 1 72  ? -2.557  1.690   16.042  1.00 34.91 ? 68  ASP A CG  1 
ATOM   448 O OD1 . ASP A 1 72  ? -2.424  2.724   16.807  0.00 34.94 ? 68  ASP A OD1 1 
ATOM   449 O OD2 . ASP A 1 72  ? -2.624  0.513   16.573  0.00 35.78 ? 68  ASP A OD2 1 
ATOM   450 N N   . ASN A 1 73  ? 1.335   2.600   14.171  1.00 20.00 ? 69  ASN A N   1 
ATOM   451 C CA  . ASN A 1 73  ? 2.621   2.044   14.242  1.00 20.00 ? 69  ASN A CA  1 
ATOM   452 C C   . ASN A 1 73  ? 2.848   1.112   15.431  1.00 20.00 ? 69  ASN A C   1 
ATOM   453 O O   . ASN A 1 73  ? 3.983   0.615   15.527  1.00 20.00 ? 69  ASN A O   1 
ATOM   454 C CB  . ASN A 1 73  ? 3.695   3.171   14.320  1.00 20.00 ? 69  ASN A CB  1 
ATOM   455 C CG  . ASN A 1 73  ? 3.766   4.026   13.053  1.00 20.00 ? 69  ASN A CG  1 
ATOM   456 O OD1 . ASN A 1 73  ? 3.637   3.501   11.951  1.00 20.00 ? 69  ASN A OD1 1 
ATOM   457 N ND2 . ASN A 1 73  ? 3.966   5.326   13.148  1.00 20.00 ? 69  ASN A ND2 1 
ATOM   458 N N   . ALA A 1 74  ? 2.037   1.114   16.513  1.00 49.68 ? 70  ALA A N   1 
ATOM   459 C CA  . ALA A 1 74  ? 2.277   0.174   17.636  1.00 50.00 ? 70  ALA A CA  1 
ATOM   460 C C   . ALA A 1 74  ? 1.932   -1.265  17.197  1.00 50.54 ? 70  ALA A C   1 
ATOM   461 O O   . ALA A 1 74  ? 2.624   -2.187  17.631  1.00 51.93 ? 70  ALA A O   1 
ATOM   462 C CB  . ALA A 1 74  ? 1.437   0.636   18.837  1.00 50.12 ? 70  ALA A CB  1 
ATOM   463 N N   . LYS A 1 75  ? 0.897   -1.451  16.362  1.00 20.00 ? 71  LYS A N   1 
ATOM   464 C CA  . LYS A 1 75  ? 0.454   -2.783  15.985  1.00 20.00 ? 71  LYS A CA  1 
ATOM   465 C C   . LYS A 1 75  ? 0.951   -3.207  14.624  1.00 20.00 ? 71  LYS A C   1 
ATOM   466 O O   . LYS A 1 75  ? 0.831   -4.385  14.222  1.00 20.00 ? 71  LYS A O   1 
ATOM   467 C CB  . LYS A 1 75  ? -1.098  -2.816  16.009  1.00 20.00 ? 71  LYS A CB  1 
ATOM   468 C CG  . LYS A 1 75  ? -1.689  -2.653  17.404  1.00 20.00 ? 71  LYS A CG  1 
ATOM   469 C CD  . LYS A 1 75  ? -3.216  -2.705  17.418  1.00 20.00 ? 71  LYS A CD  1 
ATOM   470 C CE  . LYS A 1 75  ? -3.804  -2.553  18.821  1.00 20.00 ? 71  LYS A CE  1 
ATOM   471 N NZ  . LYS A 1 75  ? -5.273  -2.602  18.839  1.00 20.00 ? 71  LYS A NZ  1 
ATOM   472 N N   . LYS A 1 76  ? 1.404   -2.232  13.852  1.00 20.00 ? 72  LYS A N   1 
ATOM   473 C CA  . LYS A 1 76  ? 1.688   -2.438  12.445  1.00 20.00 ? 72  LYS A CA  1 
ATOM   474 C C   . LYS A 1 76  ? 0.464   -2.796  11.601  1.00 20.00 ? 72  LYS A C   1 
ATOM   475 O O   . LYS A 1 76  ? 0.703   -3.028  10.414  1.00 20.00 ? 72  LYS A O   1 
ATOM   476 C CB  . LYS A 1 76  ? 2.750   -3.565  12.304  1.00 20.00 ? 72  LYS A CB  1 
ATOM   477 C CG  . LYS A 1 76  ? 4.112   -3.192  12.880  1.00 20.00 ? 72  LYS A CG  1 
ATOM   478 C CD  . LYS A 1 76  ? 5.148   -4.304  12.730  1.00 20.00 ? 72  LYS A CD  1 
ATOM   479 C CE  . LYS A 1 76  ? 6.516   -3.920  13.298  1.00 20.00 ? 72  LYS A CE  1 
ATOM   480 N NZ  . LYS A 1 76  ? 7.518   -4.986  13.156  1.00 20.00 ? 72  LYS A NZ  1 
ATOM   481 N N   . THR A 1 77  ? -0.450  -2.836  12.134  1.00 33.31 ? 73  THR A N   1 
ATOM   482 C CA  . THR A 1 77  ? -1.530  -2.611  11.229  1.00 32.86 ? 73  THR A CA  1 
ATOM   483 C C   . THR A 1 77  ? -1.808  -1.205  10.687  1.00 32.21 ? 73  THR A C   1 
ATOM   484 O O   . THR A 1 77  ? -1.721  -0.177  11.418  1.00 32.37 ? 73  THR A O   1 
ATOM   485 C CB  . THR A 1 77  ? -2.778  -3.168  11.876  1.00 33.11 ? 73  THR A CB  1 
ATOM   486 O OG1 . THR A 1 77  ? -3.761  -2.182  12.038  1.00 33.88 ? 73  THR A OG1 1 
ATOM   487 C CG2 . THR A 1 77  ? -2.480  -3.774  13.249  1.00 33.37 ? 73  THR A CG2 1 
ATOM   488 N N   . VAL A 1 78  ? -2.117  -1.426  9.386   1.00 30.93 ? 74  VAL A N   1 
ATOM   489 C CA  . VAL A 1 78  ? -2.562  -0.487  8.366   1.00 29.51 ? 74  VAL A CA  1 
ATOM   490 C C   . VAL A 1 78  ? -4.041  -0.702  8.211   1.00 27.98 ? 74  VAL A C   1 
ATOM   491 O O   . VAL A 1 78  ? -4.459  -1.849  7.934   1.00 27.26 ? 74  VAL A O   1 
ATOM   492 C CB  . VAL A 1 78  ? -1.948  -0.765  6.960   1.00 29.64 ? 74  VAL A CB  1 
ATOM   493 C CG1 . VAL A 1 78  ? -1.108  0.385   6.416   1.00 30.06 ? 74  VAL A CG1 1 
ATOM   494 C CG2 . VAL A 1 78  ? -1.036  -1.991  6.893   1.00 31.00 ? 74  VAL A CG2 1 
ATOM   495 N N   . TYR A 1 79  ? -4.525  0.180   7.917   1.00 25.95 ? 75  TYR A N   1 
ATOM   496 C CA  . TYR A 1 79  ? -5.941  0.114   7.604   1.00 24.71 ? 75  TYR A CA  1 
ATOM   497 C C   . TYR A 1 79  ? -6.229  0.796   6.266   1.00 22.81 ? 75  TYR A C   1 
ATOM   498 O O   . TYR A 1 79  ? -5.498  1.685   5.836   1.00 21.58 ? 75  TYR A O   1 
ATOM   499 C CB  . TYR A 1 79  ? -6.750  0.803   8.692   1.00 25.15 ? 75  TYR A CB  1 
ATOM   500 C CG  . TYR A 1 79  ? -6.549  0.227   10.076  1.00 27.84 ? 75  TYR A CG  1 
ATOM   501 C CD1 . TYR A 1 79  ? -7.366  -0.792  10.554  1.00 30.48 ? 75  TYR A CD1 1 
ATOM   502 C CD2 . TYR A 1 79  ? -5.547  0.712   10.907  1.00 30.78 ? 75  TYR A CD2 1 
ATOM   503 C CE1 . TYR A 1 79  ? -7.185  -1.319  11.843  1.00 32.26 ? 75  TYR A CE1 1 
ATOM   504 C CE2 . TYR A 1 79  ? -5.358  0.195   12.183  1.00 32.52 ? 75  TYR A CE2 1 
ATOM   505 C CZ  . TYR A 1 79  ? -6.181  -0.817  12.645  1.00 32.70 ? 75  TYR A CZ  1 
ATOM   506 O OH  . TYR A 1 79  ? -5.973  -1.320  13.913  1.00 36.35 ? 75  TYR A OH  1 
ATOM   507 N N   . LEU A 1 80  ? -7.292  0.355   5.620   1.00 20.61 ? 76  LEU A N   1 
ATOM   508 C CA  . LEU A 1 80  ? -7.850  1.065   4.486   1.00 19.71 ? 76  LEU A CA  1 
ATOM   509 C C   . LEU A 1 80  ? -9.337  1.237   4.755   1.00 19.04 ? 76  LEU A C   1 
ATOM   510 O O   . LEU A 1 80  ? -10.094 0.278   4.742   1.00 18.11 ? 76  LEU A O   1 
ATOM   511 C CB  . LEU A 1 80  ? -7.622  0.303   3.190   1.00 18.98 ? 76  LEU A CB  1 
ATOM   512 C CG  . LEU A 1 80  ? -8.105  1.042   1.937   1.00 20.23 ? 76  LEU A CG  1 
ATOM   513 C CD1 . LEU A 1 80  ? -7.264  2.292   1.707   1.00 20.95 ? 76  LEU A CD1 1 
ATOM   514 C CD2 . LEU A 1 80  ? -8.099  0.130   0.721   1.00 22.06 ? 76  LEU A CD2 1 
ATOM   515 N N   . GLU A 1 81  ? -9.743  2.451   5.068   1.00 18.93 ? 77  GLU A N   1 
ATOM   516 C CA  . GLU A 1 81  ? -11.150 2.760   5.206   1.00 19.73 ? 77  GLU A CA  1 
ATOM   517 C C   . GLU A 1 81  ? -11.673 3.147   3.831   1.00 19.67 ? 77  GLU A C   1 
ATOM   518 O O   . GLU A 1 81  ? -11.244 4.135   3.258   1.00 19.94 ? 77  GLU A O   1 
ATOM   519 C CB  . GLU A 1 81  ? -11.342 3.904   6.187   1.00 20.73 ? 77  GLU A CB  1 
ATOM   520 C CG  . GLU A 1 81  ? -12.762 4.172   6.658   1.00 24.22 ? 77  GLU A CG  1 
ATOM   521 C CD  . GLU A 1 81  ? -13.841 3.360   5.971   1.00 28.54 ? 77  GLU A CD  1 
ATOM   522 O OE1 . GLU A 1 81  ? -14.348 2.386   6.573   0.50 29.99 ? 77  GLU A OE1 1 
ATOM   523 O OE2 . GLU A 1 81  ? -14.213 3.722   4.838   0.50 31.76 ? 77  GLU A OE2 1 
ATOM   524 N N   . MET A 1 82  ? -12.594 2.359   3.311   1.00 19.10 ? 78  MET A N   1 
ATOM   525 C CA  . MET A 1 82  ? -13.184 2.610   2.012   1.00 19.91 ? 78  MET A CA  1 
ATOM   526 C C   . MET A 1 82  ? -14.629 3.060   2.163   1.00 19.84 ? 78  MET A C   1 
ATOM   527 O O   . MET A 1 82  ? -15.479 2.285   2.553   1.00 20.68 ? 78  MET A O   1 
ATOM   528 C CB  . MET A 1 82  ? -13.111 1.345   1.159   1.00 20.13 ? 78  MET A CB  1 
ATOM   529 C CG  . MET A 1 82  ? -11.691 0.950   0.798   1.00 21.76 ? 78  MET A CG  1 
ATOM   530 S SD  . MET A 1 82  ? -11.616 -0.323  -0.499  1.00 26.19 ? 78  MET A SD  1 
ATOM   531 C CE  . MET A 1 82  ? -12.145 -1.659  0.449   1.00 21.87 ? 78  MET A CE  1 
ATOM   532 N N   . ASN A 1 83  ? -14.893 4.323   1.866   1.00 19.50 ? 79  ASN A N   1 
ATOM   533 C CA  . ASN A 1 83  ? -16.245 4.865   1.877   1.00 19.33 ? 79  ASN A CA  1 
ATOM   534 C C   . ASN A 1 83  ? -16.813 4.953   0.469   1.00 18.46 ? 79  ASN A C   1 
ATOM   535 O O   . ASN A 1 83  ? -16.071 4.935   -0.502  1.00 17.61 ? 79  ASN A O   1 
ATOM   536 C CB  . ASN A 1 83  ? -16.239 6.261   2.496   1.00 19.46 ? 79  ASN A CB  1 
ATOM   537 C CG  . ASN A 1 83  ? -15.673 6.268   3.904   1.00 22.52 ? 79  ASN A CG  1 
ATOM   538 O OD1 . ASN A 1 83  ? -16.224 5.633   4.809   1.00 23.20 ? 79  ASN A OD1 1 
ATOM   539 N ND2 . ASN A 1 83  ? -14.558 6.964   4.091   1.00 23.90 ? 79  ASN A ND2 1 
ATOM   540 N N   . SER A 1 84  ? -18.130 5.066   0.373   1.00 18.37 ? 80  SER A N   1 
ATOM   541 C CA  . SER A 1 84  ? -18.812 5.325   -0.904  1.00 18.52 ? 80  SER A CA  1 
ATOM   542 C C   . SER A 1 84  ? -18.369 4.356   -1.987  1.00 17.73 ? 80  SER A C   1 
ATOM   543 O O   . SER A 1 84  ? -18.053 4.736   -3.106  1.00 16.74 ? 80  SER A O   1 
ATOM   544 C CB  . SER A 1 84  ? -18.583 6.766   -1.357  1.00 19.12 ? 80  SER A CB  1 
ATOM   545 O OG  . SER A 1 84  ? -19.019 7.664   -0.353  1.00 23.20 ? 80  SER A OG  1 
ATOM   546 N N   . LEU A 1 85  ? -18.363 3.085   -1.633  1.00 17.56 ? 81  LEU A N   1 
ATOM   547 C CA  . LEU A 1 85  ? -17.973 2.037   -2.551  1.00 17.63 ? 81  LEU A CA  1 
ATOM   548 C C   . LEU A 1 85  ? -18.941 1.965   -3.732  1.00 18.07 ? 81  LEU A C   1 
ATOM   549 O O   . LEU A 1 85  ? -20.132 2.261   -3.595  1.00 17.73 ? 81  LEU A O   1 
ATOM   550 C CB  . LEU A 1 85  ? -17.890 0.705   -1.802  1.00 17.89 ? 81  LEU A CB  1 
ATOM   551 C CG  . LEU A 1 85  ? -16.598 0.523   -0.991  1.00 18.78 ? 81  LEU A CG  1 
ATOM   552 C CD1 . LEU A 1 85  ? -16.748 -0.660  -0.080  1.00 20.56 ? 81  LEU A CD1 1 
ATOM   553 C CD2 . LEU A 1 85  ? -15.392 0.339   -1.906  1.00 20.38 ? 81  LEU A CD2 1 
ATOM   554 N N   . GLU A 1 86  ? -18.403 1.605   -4.892  1.00 18.16 ? 82  GLU A N   1 
ATOM   555 C CA  . GLU A 1 86  ? -19.165 1.446   -6.126  1.00 19.23 ? 82  GLU A CA  1 
ATOM   556 C C   . GLU A 1 86  ? -18.898 0.063   -6.722  1.00 19.26 ? 82  GLU A C   1 
ATOM   557 O O   . GLU A 1 86  ? -17.875 -0.561  -6.412  1.00 18.31 ? 82  GLU A O   1 
ATOM   558 C CB  . GLU A 1 86  ? -18.748 2.497   -7.146  1.00 20.09 ? 82  GLU A CB  1 
ATOM   559 C CG  . GLU A 1 86  ? -18.934 3.928   -6.682  1.00 23.08 ? 82  GLU A CG  1 
ATOM   560 C CD  . GLU A 1 86  ? -18.525 4.942   -7.738  1.00 26.59 ? 82  GLU A CD  1 
ATOM   561 O OE1 . GLU A 1 86  ? -18.861 6.126   -7.560  1.00 32.46 ? 82  GLU A OE1 1 
ATOM   562 O OE2 . GLU A 1 86  ? -17.878 4.575   -8.746  1.00 30.65 ? 82  GLU A OE2 1 
ATOM   563 N N   . PRO A 1 87  ? -19.806 -0.431  -7.567  1.00 20.05 ? 83  PRO A N   1 
ATOM   564 C CA  . PRO A 1 87  ? -19.614 -1.734  -8.225  1.00 20.06 ? 83  PRO A CA  1 
ATOM   565 C C   . PRO A 1 87  ? -18.256 -1.898  -8.909  1.00 20.10 ? 83  PRO A C   1 
ATOM   566 O O   . PRO A 1 87  ? -17.701 -2.997  -8.877  1.00 19.82 ? 83  PRO A O   1 
ATOM   567 C CB  . PRO A 1 87  ? -20.746 -1.775  -9.251  1.00 20.47 ? 83  PRO A CB  1 
ATOM   568 C CG  . PRO A 1 87  ? -21.841 -0.981  -8.601  1.00 20.44 ? 83  PRO A CG  1 
ATOM   569 C CD  . PRO A 1 87  ? -21.105 0.170   -7.931  1.00 20.33 ? 83  PRO A CD  1 
ATOM   570 N N   . GLU A 1 88  ? -17.724 -0.825  -9.492  1.00 19.60 ? 84  GLU A N   1 
ATOM   571 C CA  . GLU A 1 88  ? -16.419 -0.877  -10.157 1.00 19.75 ? 84  GLU A CA  1 
ATOM   572 C C   . GLU A 1 88  ? -15.236 -1.060  -9.186  1.00 18.22 ? 84  GLU A C   1 
ATOM   573 O O   . GLU A 1 88  ? -14.129 -1.367  -9.611  1.00 17.06 ? 84  GLU A O   1 
ATOM   574 C CB  . GLU A 1 88  ? -16.203 0.376   -11.009 1.00 20.94 ? 84  GLU A CB  1 
ATOM   575 C CG  . GLU A 1 88  ? -15.755 1.609   -10.242 1.00 24.14 ? 84  GLU A CG  1 
ATOM   576 C CD  . GLU A 1 88  ? -15.227 2.672   -11.175 1.00 29.01 ? 84  GLU A CD  1 
ATOM   577 O OE1 . GLU A 1 88  ? -14.122 3.213   -10.951 1.00 31.58 ? 84  GLU A OE1 1 
ATOM   578 O OE2 . GLU A 1 88  ? -15.928 2.952   -12.162 1.00 34.32 ? 84  GLU A OE2 1 
ATOM   579 N N   . ASP A 1 89  ? -15.475 -0.867  -7.888  1.00 16.73 ? 85  ASP A N   1 
ATOM   580 C CA  . ASP A 1 89  ? -14.473 -1.175  -6.870  1.00 16.05 ? 85  ASP A CA  1 
ATOM   581 C C   . ASP A 1 89  ? -14.359 -2.661  -6.516  1.00 15.13 ? 85  ASP A C   1 
ATOM   582 O O   . ASP A 1 89  ? -13.516 -3.028  -5.709  1.00 15.29 ? 85  ASP A O   1 
ATOM   583 C CB  . ASP A 1 89  ? -14.746 -0.402  -5.583  1.00 15.79 ? 85  ASP A CB  1 
ATOM   584 C CG  . ASP A 1 89  ? -14.668 1.077   -5.767  1.00 17.88 ? 85  ASP A CG  1 
ATOM   585 O OD1 . ASP A 1 89  ? -13.676 1.586   -6.348  1.00 17.95 ? 85  ASP A OD1 1 
ATOM   586 O OD2 . ASP A 1 89  ? -15.572 1.816   -5.341  1.00 20.15 ? 85  ASP A OD2 1 
ATOM   587 N N   . THR A 1 90  ? -15.196 -3.497  -7.115  1.00 14.22 ? 86  THR A N   1 
ATOM   588 C CA  . THR A 1 90  ? -15.196 -4.934  -6.884  1.00 13.84 ? 86  THR A CA  1 
ATOM   589 C C   . THR A 1 90  ? -13.856 -5.521  -7.318  1.00 14.02 ? 86  THR A C   1 
ATOM   590 O O   . THR A 1 90  ? -13.467 -5.387  -8.478  1.00 13.21 ? 86  THR A O   1 
ATOM   591 C CB  . THR A 1 90  ? -16.334 -5.590  -7.695  1.00 13.58 ? 86  THR A CB  1 
ATOM   592 O OG1 . THR A 1 90  ? -17.601 -5.203  -7.142  1.00 14.15 ? 86  THR A OG1 1 
ATOM   593 C CG2 . THR A 1 90  ? -16.307 -7.122  -7.579  1.00 14.10 ? 86  THR A CG2 1 
ATOM   594 N N   . ALA A 1 91  ? -13.180 -6.178  -6.385  1.00 13.17 ? 87  ALA A N   1 
ATOM   595 C CA  . ALA A 1 91  ? -11.842 -6.713  -6.602  1.00 13.48 ? 87  ALA A CA  1 
ATOM   596 C C   . ALA A 1 91  ? -11.375 -7.450  -5.362  1.00 13.60 ? 87  ALA A C   1 
ATOM   597 O O   . ALA A 1 91  ? -12.001 -7.368  -4.298  1.00 13.22 ? 87  ALA A O   1 
ATOM   598 C CB  . ALA A 1 91  ? -10.876 -5.585  -6.916  1.00 13.16 ? 87  ALA A CB  1 
ATOM   599 N N   . VAL A 1 92  ? -10.276 -8.176  -5.495  1.00 13.54 ? 88  VAL A N   1 
ATOM   600 C CA  . VAL A 1 92  ? -9.566  -8.680  -4.335  1.00 14.15 ? 88  VAL A CA  1 
ATOM   601 C C   . VAL A 1 92  ? -8.561  -7.620  -3.902  1.00 14.15 ? 88  VAL A C   1 
ATOM   602 O O   . VAL A 1 92  ? -7.735  -7.180  -4.702  1.00 14.53 ? 88  VAL A O   1 
ATOM   603 C CB  . VAL A 1 92  ? -8.852  -10.008 -4.622  1.00 14.02 ? 88  VAL A CB  1 
ATOM   604 C CG1 . VAL A 1 92  ? -8.137  -10.490 -3.380  1.00 14.71 ? 88  VAL A CG1 1 
ATOM   605 C CG2 . VAL A 1 92  ? -9.829  -11.055 -5.105  1.00 15.45 ? 88  VAL A CG2 1 
ATOM   606 N N   . TYR A 1 93  ? -8.631  -7.207  -2.639  1.00 13.99 ? 89  TYR A N   1 
ATOM   607 C CA  . TYR A 1 93  ? -7.758  -6.173  -2.091  1.00 14.12 ? 89  TYR A CA  1 
ATOM   608 C C   . TYR A 1 93  ? -6.701  -6.831  -1.234  1.00 14.69 ? 89  TYR A C   1 
ATOM   609 O O   . TYR A 1 93  ? -6.983  -7.760  -0.475  1.00 14.63 ? 89  TYR A O   1 
ATOM   610 C CB  . TYR A 1 93  ? -8.544  -5.167  -1.237  1.00 14.12 ? 89  TYR A CB  1 
ATOM   611 C CG  . TYR A 1 93  ? -9.389  -4.238  -2.063  1.00 13.73 ? 89  TYR A CG  1 
ATOM   612 C CD1 . TYR A 1 93  ? -10.527 -4.702  -2.704  1.00 13.50 ? 89  TYR A CD1 1 
ATOM   613 C CD2 . TYR A 1 93  ? -9.044  -2.907  -2.226  1.00 14.03 ? 89  TYR A CD2 1 
ATOM   614 C CE1 . TYR A 1 93  ? -11.304 -3.868  -3.471  1.00 12.89 ? 89  TYR A CE1 1 
ATOM   615 C CE2 . TYR A 1 93  ? -9.826  -2.058  -3.000  1.00 13.93 ? 89  TYR A CE2 1 
ATOM   616 C CZ  . TYR A 1 93  ? -10.948 -2.551  -3.629  1.00 13.23 ? 89  TYR A CZ  1 
ATOM   617 O OH  . TYR A 1 93  ? -11.723 -1.733  -4.415  1.00 14.40 ? 89  TYR A OH  1 
ATOM   618 N N   . TYR A 1 94  ? -5.472  -6.358  -1.348  1.00 14.50 ? 90  TYR A N   1 
ATOM   619 C CA  . TYR A 1 94  ? -4.426  -6.886  -0.512  1.00 15.13 ? 90  TYR A CA  1 
ATOM   620 C C   . TYR A 1 94  ? -3.418  -5.840  -0.087  1.00 15.06 ? 90  TYR A C   1 
ATOM   621 O O   . TYR A 1 94  ? -3.188  -4.859  -0.794  1.00 14.45 ? 90  TYR A O   1 
ATOM   622 C CB  . TYR A 1 94  ? -3.753  -8.054  -1.189  1.00 16.49 ? 90  TYR A CB  1 
ATOM   623 C CG  . TYR A 1 94  ? -3.160  -7.787  -2.534  1.00 19.24 ? 90  TYR A CG  1 
ATOM   624 C CD1 . TYR A 1 94  ? -1.804  -7.516  -2.659  1.00 21.88 ? 90  TYR A CD1 1 
ATOM   625 C CD2 . TYR A 1 94  ? -3.931  -7.879  -3.696  1.00 22.13 ? 90  TYR A CD2 1 
ATOM   626 C CE1 . TYR A 1 94  ? -1.214  -7.319  -3.901  1.00 24.16 ? 90  TYR A CE1 1 
ATOM   627 C CE2 . TYR A 1 94  ? -3.353  -7.656  -4.953  1.00 25.21 ? 90  TYR A CE2 1 
ATOM   628 C CZ  . TYR A 1 94  ? -1.989  -7.385  -5.040  1.00 24.82 ? 90  TYR A CZ  1 
ATOM   629 O OH  . TYR A 1 94  ? -1.384  -7.174  -6.249  1.00 26.55 ? 90  TYR A OH  1 
ATOM   630 N N   . CYS A 1 95  ? -2.869  -6.048  1.101   1.00 14.74 ? 91  CYS A N   1 
ATOM   631 C CA  . CYS A 1 95  ? -1.847  -5.179  1.660   1.00 15.52 ? 91  CYS A CA  1 
ATOM   632 C C   . CYS A 1 95  ? -0.478  -5.631  1.135   1.00 15.23 ? 91  CYS A C   1 
ATOM   633 O O   . CYS A 1 95  ? -0.261  -6.817  0.867   1.00 13.45 ? 91  CYS A O   1 
ATOM   634 C CB  . CYS A 1 95  ? -1.898  -5.224  3.191   0.81 16.52 ? 91  CYS A CB  1 
ATOM   635 S SG  B CYS A 1 95  ? -1.484  -6.820  3.929   0.60 22.71 ? 91  CYS A SG  1 
ATOM   636 N N   . TYR A 1 96  ? 0.434   -4.681  0.990   1.00 14.90 ? 92  TYR A N   1 
ATOM   637 C CA  . TYR A 1 96  ? 1.742   -4.944  0.417   1.00 16.13 ? 92  TYR A CA  1 
ATOM   638 C C   . TYR A 1 96  ? 2.755   -4.050  1.105   1.00 16.16 ? 92  TYR A C   1 
ATOM   639 O O   . TYR A 1 96  ? 2.444   -2.914  1.490   1.00 16.19 ? 92  TYR A O   1 
ATOM   640 C CB  . TYR A 1 96  ? 1.694   -4.671  -1.098  1.00 16.96 ? 92  TYR A CB  1 
ATOM   641 C CG  . TYR A 1 96  ? 3.024   -4.624  -1.816  1.00 18.69 ? 92  TYR A CG  1 
ATOM   642 C CD1 . TYR A 1 96  ? 3.748   -3.441  -1.889  1.00 20.94 ? 92  TYR A CD1 1 
ATOM   643 C CD2 . TYR A 1 96  ? 3.536   -5.748  -2.459  1.00 21.59 ? 92  TYR A CD2 1 
ATOM   644 C CE1 . TYR A 1 96  ? 4.965   -3.386  -2.559  1.00 22.53 ? 92  TYR A CE1 1 
ATOM   645 C CE2 . TYR A 1 96  ? 4.747   -5.701  -3.138  1.00 22.99 ? 92  TYR A CE2 1 
ATOM   646 C CZ  . TYR A 1 96  ? 5.457   -4.516  -3.176  1.00 23.03 ? 92  TYR A CZ  1 
ATOM   647 O OH  . TYR A 1 96  ? 6.651   -4.455  -3.840  1.00 25.79 ? 92  TYR A OH  1 
ATOM   648 N N   . THR A 1 97  ? 3.955   -4.572  1.305   1.00 15.54 ? 93  THR A N   1 
ATOM   649 C CA  . THR A 1 97  ? 5.062   -3.750  1.747   1.00 15.96 ? 93  THR A CA  1 
ATOM   650 C C   . THR A 1 97  ? 6.337   -4.240  1.083   1.00 16.14 ? 93  THR A C   1 
ATOM   651 O O   . THR A 1 97  ? 6.422   -5.394  0.654   1.00 14.95 ? 93  THR A O   1 
ATOM   652 C CB  . THR A 1 97  ? 5.168   -3.774  3.279   1.00 16.33 ? 93  THR A CB  1 
ATOM   653 O OG1 . THR A 1 97  ? 6.104   -2.783  3.723   1.00 18.43 ? 93  THR A OG1 1 
ATOM   654 C CG2 . THR A 1 97  ? 5.724   -5.099  3.787   1.00 16.38 ? 93  THR A CG2 1 
ATOM   655 N N   . HIS A 1 98  ? 7.312   -3.356  0.947   1.00 15.84 ? 94  HIS A N   1 
ATOM   656 C CA  . HIS A 1 98  ? 8.605   -3.813  0.510   1.00 17.06 ? 94  HIS A CA  1 
ATOM   657 C C   . HIS A 1 98  ? 9.747   -3.201  1.300   1.00 16.74 ? 94  HIS A C   1 
ATOM   658 O O   . HIS A 1 98  ? 9.585   -2.202  2.029   1.00 15.32 ? 94  HIS A O   1 
ATOM   659 C CB  . HIS A 1 98  ? 8.793   -3.728  -1.023  1.00 17.87 ? 94  HIS A CB  1 
ATOM   660 C CG  . HIS A 1 98  ? 8.793   -2.347  -1.585  1.00 21.96 ? 94  HIS A CG  1 
ATOM   661 N ND1 . HIS A 1 98  ? 8.187   -2.047  -2.789  1.00 27.10 ? 94  HIS A ND1 1 
ATOM   662 C CD2 . HIS A 1 98  ? 9.365   -1.196  -1.153  1.00 26.28 ? 94  HIS A CD2 1 
ATOM   663 C CE1 . HIS A 1 98  ? 8.359   -0.763  -3.055  1.00 28.83 ? 94  HIS A CE1 1 
ATOM   664 N NE2 . HIS A 1 98  ? 9.069   -0.224  -2.079  1.00 28.23 ? 94  HIS A NE2 1 
ATOM   665 N N   . TYR A 1 99  ? 10.881  -3.870  1.164   1.00 16.58 ? 95  TYR A N   1 
ATOM   666 C CA  . TYR A 1 99  ? 12.088  -3.568  1.891   1.00 17.41 ? 95  TYR A CA  1 
ATOM   667 C C   . TYR A 1 99  ? 13.231  -3.525  0.892   1.00 16.87 ? 95  TYR A C   1 
ATOM   668 O O   . TYR A 1 99  ? 13.330  -4.389  0.017   1.00 15.78 ? 95  TYR A O   1 
ATOM   669 C CB  . TYR A 1 99  ? 12.380  -4.659  2.914   1.00 17.91 ? 95  TYR A CB  1 
ATOM   670 C CG  . TYR A 1 99  ? 11.311  -4.821  3.947   1.00 21.51 ? 95  TYR A CG  1 
ATOM   671 C CD1 . TYR A 1 99  ? 10.298  -5.760  3.789   1.00 24.09 ? 95  TYR A CD1 1 
ATOM   672 C CD2 . TYR A 1 99  ? 11.297  -4.023  5.083   1.00 25.69 ? 95  TYR A CD2 1 
ATOM   673 C CE1 . TYR A 1 99  ? 9.323   -5.912  4.739   1.00 26.71 ? 95  TYR A CE1 1 
ATOM   674 C CE2 . TYR A 1 99  ? 10.310  -4.165  6.042   1.00 27.88 ? 95  TYR A CE2 1 
ATOM   675 C CZ  . TYR A 1 99  ? 9.329   -5.113  5.868   1.00 28.42 ? 95  TYR A CZ  1 
ATOM   676 O OH  . TYR A 1 99  ? 8.345   -5.250  6.818   1.00 31.70 ? 95  TYR A OH  1 
ATOM   677 N N   . PHE A 1 100 ? 14.078  -2.513  1.006   1.00 16.97 ? 96  PHE A N   1 
ATOM   678 C CA  . PHE A 1 100 ? 15.289  -2.442  0.201   1.00 17.63 ? 96  PHE A CA  1 
ATOM   679 C C   . PHE A 1 100 ? 16.399  -1.798  1.004   1.00 16.33 ? 96  PHE A C   1 
ATOM   680 O O   . PHE A 1 100 ? 16.187  -0.826  1.735   1.00 15.65 ? 96  PHE A O   1 
ATOM   681 C CB  . PHE A 1 100 ? 15.090  -1.635  -1.098  1.00 18.88 ? 96  PHE A CB  1 
ATOM   682 C CG  . PHE A 1 100 ? 16.362  -1.505  -1.930  1.00 24.13 ? 96  PHE A CG  1 
ATOM   683 C CD1 . PHE A 1 100 ? 16.653  -2.415  -2.935  1.00 28.52 ? 96  PHE A CD1 1 
ATOM   684 C CD2 . PHE A 1 100 ? 17.279  -0.478  -1.682  1.00 28.63 ? 96  PHE A CD2 1 
ATOM   685 C CE1 . PHE A 1 100 ? 17.824  -2.306  -3.688  1.00 29.00 ? 96  PHE A CE1 1 
ATOM   686 C CE2 . PHE A 1 100 ? 18.457  -0.368  -2.436  1.00 28.76 ? 96  PHE A CE2 1 
ATOM   687 C CZ  . PHE A 1 100 ? 18.718  -1.275  -3.431  1.00 30.59 ? 96  PHE A CZ  1 
ATOM   688 N N   . ARG A 1 101 ? 17.589  -2.351  0.873   1.00 15.62 ? 97  ARG A N   1 
ATOM   689 C CA  . ARG A 1 101 ? 18.769  -1.652  1.346   1.00 15.54 ? 97  ARG A CA  1 
ATOM   690 C C   . ARG A 1 101 ? 19.976  -2.120  0.580   1.00 15.36 ? 97  ARG A C   1 
ATOM   691 O O   . ARG A 1 101 ? 19.957  -3.181  -0.043  1.00 14.86 ? 97  ARG A O   1 
ATOM   692 C CB  . ARG A 1 101 ? 18.977  -1.871  2.838   1.00 15.76 ? 97  ARG A CB  1 
ATOM   693 C CG  . ARG A 1 101 ? 19.276  -3.302  3.251   1.00 16.03 ? 97  ARG A CG  1 
ATOM   694 C CD  . ARG A 1 101 ? 19.422  -3.466  4.758   1.00 17.14 ? 97  ARG A CD  1 
ATOM   695 N NE  . ARG A 1 101 ? 18.176  -3.089  5.422   1.00 16.16 ? 97  ARG A NE  1 
ATOM   696 C CZ  . ARG A 1 101 ? 18.077  -2.364  6.537   1.00 15.92 ? 97  ARG A CZ  1 
ATOM   697 N NH1 . ARG A 1 101 ? 16.869  -2.070  7.004   1.00 14.28 ? 97  ARG A NH1 1 
ATOM   698 N NH2 . ARG A 1 101 ? 19.156  -1.951  7.194   1.00 16.84 ? 97  ARG A NH2 1 
ATOM   699 N N   . SER A 1 102 ? 21.033  -1.330  0.656   1.00 15.02 ? 98  SER A N   1 
ATOM   700 C CA  . SER A 1 102 ? 22.289  -1.701  0.068   1.00 15.70 ? 98  SER A CA  1 
ATOM   701 C C   . SER A 1 102 ? 23.415  -1.339  1.021   1.00 14.94 ? 98  SER A C   1 
ATOM   702 O O   . SER A 1 102 ? 23.269  -0.470  1.885   1.00 14.58 ? 98  SER A O   1 
ATOM   703 C CB  . SER A 1 102 ? 22.444  -1.039  -1.301  1.00 16.47 ? 98  SER A CB  1 
ATOM   704 O OG  . SER A 1 102 ? 22.414  0.365   -1.198  1.00 21.30 ? 98  SER A OG  1 
ATOM   705 N N   . TYR A 1 103 ? 24.512  -2.058  0.902   1.00 14.40 ? 99  TYR A N   1 
ATOM   706 C CA  . TYR A 1 103 ? 25.681  -1.843  1.722   1.00 14.38 ? 99  TYR A CA  1 
ATOM   707 C C   . TYR A 1 103 ? 26.883  -1.784  0.807   1.00 14.48 ? 99  TYR A C   1 
ATOM   708 O O   . TYR A 1 103 ? 26.920  -2.456  -0.226  1.00 13.45 ? 99  TYR A O   1 
ATOM   709 C CB  . TYR A 1 103 ? 25.849  -3.008  2.691   1.00 14.83 ? 99  TYR A CB  1 
ATOM   710 C CG  . TYR A 1 103 ? 24.804  -3.067  3.783   1.00 18.83 ? 99  TYR A CG  1 
ATOM   711 C CD1 . TYR A 1 103 ? 24.100  -4.235  4.035   1.00 21.44 ? 99  TYR A CD1 1 
ATOM   712 C CD2 . TYR A 1 103 ? 24.529  -1.955  4.575   1.00 21.87 ? 99  TYR A CD2 1 
ATOM   713 C CE1 . TYR A 1 103 ? 23.141  -4.294  5.046   1.00 22.81 ? 99  TYR A CE1 1 
ATOM   714 C CE2 . TYR A 1 103 ? 23.571  -2.007  5.582   1.00 23.24 ? 99  TYR A CE2 1 
ATOM   715 C CZ  . TYR A 1 103 ? 22.882  -3.174  5.811   1.00 22.83 ? 99  TYR A CZ  1 
ATOM   716 O OH  . TYR A 1 103 ? 21.933  -3.222  6.808   1.00 21.48 ? 99  TYR A OH  1 
ATOM   717 N N   . TRP A 1 104 ? 27.875  -1.000  1.189   1.00 14.24 ? 100 TRP A N   1 
ATOM   718 C CA  . TRP A 1 104 ? 29.141  -1.010  0.487   1.00 15.05 ? 100 TRP A CA  1 
ATOM   719 C C   . TRP A 1 104 ? 30.287  -0.845  1.459   1.00 16.22 ? 100 TRP A C   1 
ATOM   720 O O   . TRP A 1 104 ? 30.124  -0.275  2.539   1.00 14.46 ? 100 TRP A O   1 
ATOM   721 C CB  . TRP A 1 104 ? 29.194  0.073   -0.582  1.00 15.34 ? 100 TRP A CB  1 
ATOM   722 C CG  . TRP A 1 104 ? 28.936  1.458   -0.106  1.00 15.96 ? 100 TRP A CG  1 
ATOM   723 C CD1 . TRP A 1 104 ? 29.866  2.374   0.309   1.00 17.42 ? 100 TRP A CD1 1 
ATOM   724 C CD2 . TRP A 1 104 ? 27.667  2.107   -0.007  1.00 18.18 ? 100 TRP A CD2 1 
ATOM   725 N NE1 . TRP A 1 104 ? 29.247  3.552   0.651   1.00 17.52 ? 100 TRP A NE1 1 
ATOM   726 C CE2 . TRP A 1 104 ? 27.898  3.415   0.469   1.00 18.53 ? 100 TRP A CE2 1 
ATOM   727 C CE3 . TRP A 1 104 ? 26.347  1.717   -0.275  1.00 19.09 ? 100 TRP A CE3 1 
ATOM   728 C CZ2 . TRP A 1 104 ? 26.865  4.326   0.697   1.00 20.56 ? 100 TRP A CZ2 1 
ATOM   729 C CZ3 . TRP A 1 104 ? 25.318  2.634   -0.048  1.00 20.09 ? 100 TRP A CZ3 1 
ATOM   730 C CH2 . TRP A 1 104 ? 25.591  3.921   0.421   1.00 20.75 ? 100 TRP A CH2 1 
ATOM   731 N N   . GLY A 1 105 ? 31.445  -1.350  1.061   1.00 17.19 ? 101 GLY A N   1 
ATOM   732 C CA  . GLY A 1 105 ? 32.610  -1.343  1.919   1.00 19.25 ? 101 GLY A CA  1 
ATOM   733 C C   . GLY A 1 105 ? 33.308  -0.015  1.837   1.00 20.96 ? 101 GLY A C   1 
ATOM   734 O O   . GLY A 1 105 ? 32.941  0.865   1.047   1.00 21.32 ? 101 GLY A O   1 
ATOM   735 N N   . GLN A 1 106 ? 34.328  0.137   2.668   1.00 22.99 ? 102 GLN A N   1 
ATOM   736 C CA  . GLN A 1 106 ? 35.226  1.261   2.541   1.00 24.42 ? 102 GLN A CA  1 
ATOM   737 C C   . GLN A 1 106 ? 35.945  0.976   1.235   1.00 23.92 ? 102 GLN A C   1 
ATOM   738 O O   . GLN A 1 106 ? 36.210  -0.179  0.887   1.00 25.24 ? 102 GLN A O   1 
ATOM   739 C CB  . GLN A 1 106 ? 36.212  1.328   3.707   1.00 25.36 ? 102 GLN A CB  1 
ATOM   740 C CG  . GLN A 1 106 ? 35.585  1.158   5.083   1.00 29.20 ? 102 GLN A CG  1 
ATOM   741 C CD  . GLN A 1 106 ? 35.863  -0.200  5.737   1.00 34.34 ? 102 GLN A CD  1 
ATOM   742 O OE1 . GLN A 1 106 ? 35.479  -0.421  6.893   1.00 38.11 ? 102 GLN A OE1 1 
ATOM   743 N NE2 . GLN A 1 106 ? 36.518  -1.105  5.005   1.00 36.80 ? 102 GLN A NE2 1 
ATOM   744 N N   . GLY A 1 107 ? 36.232  2.006   0.467   1.00 23.65 ? 103 GLY A N   1 
ATOM   745 C CA  . GLY A 1 107 ? 36.888  1.766   -0.803  1.00 22.13 ? 103 GLY A CA  1 
ATOM   746 C C   . GLY A 1 107 ? 38.350  1.413   -0.581  1.00 21.73 ? 103 GLY A C   1 
ATOM   747 O O   . GLY A 1 107 ? 38.892  1.629   0.511   1.00 21.17 ? 103 GLY A O   1 
ATOM   748 N N   . THR A 1 108 ? 38.995  0.852   -1.595  1.00 20.11 ? 104 THR A N   1 
ATOM   749 C CA  . THR A 1 108 ? 40.449  0.852   -1.604  1.00 20.12 ? 104 THR A CA  1 
ATOM   750 C C   . THR A 1 108 ? 40.938  1.530   -2.862  1.00 17.97 ? 104 THR A C   1 
ATOM   751 O O   . THR A 1 108 ? 40.430  1.304   -3.957  1.00 16.41 ? 104 THR A O   1 
ATOM   752 C CB  . THR A 1 108 ? 41.105  -0.556  -1.297  1.00 20.90 ? 104 THR A CB  1 
ATOM   753 O OG1 . THR A 1 108 ? 42.184  -0.856  -2.200  1.00 25.00 ? 104 THR A OG1 1 
ATOM   754 C CG2 . THR A 1 108 ? 40.176  -1.658  -1.455  1.00 22.00 ? 104 THR A CG2 1 
ATOM   755 N N   . GLN A 1 109 ? 41.887  2.434   -2.667  1.00 16.91 ? 105 GLN A N   1 
ATOM   756 C CA  . GLN A 1 109 ? 42.478  3.172   -3.754  1.00 16.56 ? 105 GLN A CA  1 
ATOM   757 C C   . GLN A 1 109 ? 43.393  2.232   -4.510  1.00 16.15 ? 105 GLN A C   1 
ATOM   758 O O   . GLN A 1 109 ? 44.304  1.624   -3.930  1.00 16.31 ? 105 GLN A O   1 
ATOM   759 C CB  . GLN A 1 109 ? 43.254  4.386   -3.229  1.00 16.91 ? 105 GLN A CB  1 
ATOM   760 C CG  . GLN A 1 109 ? 44.070  5.119   -4.312  1.00 18.55 ? 105 GLN A CG  1 
ATOM   761 C CD  . GLN A 1 109 ? 43.203  5.781   -5.380  1.00 21.28 ? 105 GLN A CD  1 
ATOM   762 O OE1 . GLN A 1 109 ? 43.514  5.723   -6.577  1.00 23.56 ? 105 GLN A OE1 1 
ATOM   763 N NE2 . GLN A 1 109 ? 42.134  6.431   -4.949  1.00 23.32 ? 105 GLN A NE2 1 
ATOM   764 N N   . VAL A 1 110 ? 43.154  2.101   -5.802  1.00 14.90 ? 106 VAL A N   1 
ATOM   765 C CA  . VAL A 1 110 ? 44.055  1.357   -6.662  1.00 14.94 ? 106 VAL A CA  1 
ATOM   766 C C   . VAL A 1 110 ? 44.676  2.340   -7.662  1.00 15.01 ? 106 VAL A C   1 
ATOM   767 O O   . VAL A 1 110 ? 43.975  2.962   -8.465  1.00 13.98 ? 106 VAL A O   1 
ATOM   768 C CB  . VAL A 1 110 ? 43.333  0.221   -7.387  1.00 14.59 ? 106 VAL A CB  1 
ATOM   769 C CG1 . VAL A 1 110 ? 44.297  -0.541  -8.297  1.00 15.47 ? 106 VAL A CG1 1 
ATOM   770 C CG2 . VAL A 1 110 ? 42.667  -0.733  -6.374  1.00 14.88 ? 106 VAL A CG2 1 
ATOM   771 N N   . THR A 1 111 ? 45.990  2.498   -7.586  1.00 14.74 ? 107 THR A N   1 
ATOM   772 C CA  . THR A 1 111 ? 46.724  3.341   -8.513  1.00 14.98 ? 107 THR A CA  1 
ATOM   773 C C   . THR A 1 111 ? 47.622  2.460   -9.347  1.00 15.54 ? 107 THR A C   1 
ATOM   774 O O   . THR A 1 111 ? 48.336  1.600   -8.823  1.00 15.41 ? 107 THR A O   1 
ATOM   775 C CB  . THR A 1 111 ? 47.531  4.402   -7.758  1.00 15.69 ? 107 THR A CB  1 
ATOM   776 O OG1 . THR A 1 111 ? 46.622  5.232   -7.030  1.00 16.61 ? 107 THR A OG1 1 
ATOM   777 C CG2 . THR A 1 111 ? 48.224  5.365   -8.722  1.00 15.94 ? 107 THR A CG2 1 
ATOM   778 N N   . VAL A 1 112 ? 47.561  2.657   -10.652 1.00 15.61 ? 108 VAL A N   1 
ATOM   779 C CA  . VAL A 1 112 ? 48.335  1.855   -11.571 1.00 16.48 ? 108 VAL A CA  1 
ATOM   780 C C   . VAL A 1 112 ? 49.292  2.790   -12.280 1.00 18.42 ? 108 VAL A C   1 
ATOM   781 O O   . VAL A 1 112 ? 48.876  3.726   -12.951 1.00 17.59 ? 108 VAL A O   1 
ATOM   782 C CB  . VAL A 1 112 ? 47.436  1.110   -12.552 1.00 15.73 ? 108 VAL A CB  1 
ATOM   783 C CG1 . VAL A 1 112 ? 48.265  0.197   -13.454 1.00 15.54 ? 108 VAL A CG1 1 
ATOM   784 C CG2 . VAL A 1 112 ? 46.408  0.300   -11.779 1.00 15.63 ? 108 VAL A CG2 1 
ATOM   785 N N   . SER A 1 113 ? 50.574  2.547   -12.082 1.00 21.05 ? 109 SER A N   1 
ATOM   786 C CA  . SER A 1 113 ? 51.614  3.394   -12.625 1.00 24.18 ? 109 SER A CA  1 
ATOM   787 C C   . SER A 1 113 ? 52.252  2.748   -13.839 1.00 25.90 ? 109 SER A C   1 
ATOM   788 O O   . SER A 1 113 ? 52.781  1.636   -13.747 1.00 26.70 ? 109 SER A O   1 
ATOM   789 C CB  . SER A 1 113 ? 52.698  3.608   -11.579 1.00 24.49 ? 109 SER A CB  1 
ATOM   790 O OG  . SER A 1 113 ? 53.609  2.526   -11.610 1.00 28.51 ? 109 SER A OG  1 
ATOM   791 N N   . SER A 1 114 ? 52.212  3.464   -14.956 1.00 27.62 ? 110 SER A N   1 
ATOM   792 C CA  . SER A 1 114 ? 53.094  3.244   -16.106 1.00 29.02 ? 110 SER A CA  1 
ATOM   793 C C   . SER A 1 114 ? 52.314  3.533   -17.371 1.00 29.65 ? 110 SER A C   1 
ATOM   794 O O   . SER A 1 114 ? 52.364  4.654   -17.882 1.00 31.41 ? 110 SER A O   1 
ATOM   795 C CB  . SER A 1 114 ? 53.702  1.833   -16.165 1.00 29.15 ? 110 SER A CB  1 
ATOM   796 O OG  . SER A 1 114 ? 54.685  1.633   -15.157 1.00 30.56 ? 110 SER A OG  1 
HETATM 797 O O   . HOH B 2 .   ? 10.742  7.570   8.307   1.00 43.47 ? 111 HOH A O   1 
HETATM 798 O O   . HOH B 2 .   ? 35.155  -2.302  -0.289  1.00 29.42 ? 112 HOH A O   1 
HETATM 799 O O   . HOH B 2 .   ? 12.281  1.373   11.364  1.00 28.78 ? 113 HOH A O   1 
HETATM 800 O O   . HOH B 2 .   ? -1.354  0.827   -10.422 1.00 34.34 ? 114 HOH A O   1 
HETATM 801 O O   . HOH B 2 .   ? -7.861  -4.860  -11.168 1.00 40.73 ? 115 HOH A O   1 
HETATM 802 O O   . HOH B 2 .   ? -3.499  2.559   -9.587  1.00 36.62 ? 116 HOH A O   1 
HETATM 803 O O   . HOH B 2 .   ? -3.599  6.336   -10.450 1.00 47.60 ? 117 HOH A O   1 
HETATM 804 O O   . HOH B 2 .   ? 2.798   7.425   0.145   1.00 30.57 ? 118 HOH A O   1 
HETATM 805 O O   . HOH B 2 .   ? 8.889   8.135   4.758   1.00 40.49 ? 119 HOH A O   1 
HETATM 806 O O   . HOH B 2 .   ? 6.094   13.053  9.418   1.00 24.94 ? 120 HOH A O   1 
HETATM 807 O O   . HOH B 2 .   ? -8.514  10.509  3.419   1.00 45.34 ? 121 HOH A O   1 
HETATM 808 O O   . HOH B 2 .   ? -8.689  9.732   -0.198  1.00 26.20 ? 122 HOH A O   1 
HETATM 809 O O   . HOH B 2 .   ? -1.903  7.345   9.728   1.00 44.39 ? 123 HOH A O   1 
HETATM 810 O O   . HOH B 2 .   ? -5.481  10.396  3.724   1.00 31.49 ? 124 HOH A O   1 
HETATM 811 O O   . HOH B 2 .   ? 1.932   11.713  -1.860  1.00 47.99 ? 125 HOH A O   1 
HETATM 812 O O   . HOH B 2 .   ? -12.841 2.531   -8.738  1.00 33.53 ? 126 HOH A O   1 
HETATM 813 O O   . HOH B 2 .   ? -18.997 6.931   -10.166 1.00 36.91 ? 127 HOH A O   1 
HETATM 814 O O   . HOH B 2 .   ? -12.587 9.640   2.821   1.00 55.30 ? 128 HOH A O   1 
HETATM 815 O O   . HOH B 2 .   ? -7.763  4.299   7.620   1.00 36.75 ? 129 HOH A O   1 
HETATM 816 O O   . HOH B 2 .   ? -16.979 0.187   7.817   1.00 64.92 ? 130 HOH A O   1 
HETATM 817 O O   . HOH B 2 .   ? -16.115 -2.328  8.043   1.00 42.56 ? 131 HOH A O   1 
HETATM 818 O O   . HOH B 2 .   ? -19.344 1.396   -10.532 1.00 36.85 ? 132 HOH A O   1 
HETATM 819 O O   . HOH B 2 .   ? -11.982 -2.991  -9.172  1.00 33.38 ? 133 HOH A O   1 
HETATM 820 O O   . HOH B 2 .   ? 41.519  7.329   -7.907  1.00 45.68 ? 134 HOH A O   1 
HETATM 821 O O   . HOH B 2 .   ? 15.830  -3.941  4.040   1.00 35.04 ? 135 HOH A O   1 
HETATM 822 O O   . HOH B 2 .   ? 37.717  -2.742  -1.482  1.00 45.11 ? 136 HOH A O   1 
HETATM 823 O O   . HOH B 2 .   ? -21.814 7.086   0.287   1.00 45.06 ? 137 HOH A O   1 
HETATM 824 O O   . HOH B 2 .   ? 15.636  -5.814  2.121   0.50 31.88 ? 138 HOH A O   1 
HETATM 825 O O   . HOH B 2 .   ? 9.315   7.781   1.601   1.00 52.67 ? 139 HOH A O   1 
HETATM 826 O O   . HOH B 2 .   ? -15.521 5.426   7.514   1.00 73.34 ? 140 HOH A O   1 
HETATM 827 O O   . HOH B 2 .   ? 8.439   -2.127  4.976   1.00 61.03 ? 141 HOH A O   1 
HETATM 828 O O   . HOH B 2 .   ? 3.988   10.172  -1.743  1.00 59.95 ? 142 HOH A O   1 
HETATM 829 O O   . HOH B 2 .   ? 53.085  6.484   -13.112 1.00 55.27 ? 143 HOH A O   1 
HETATM 830 O O   . HOH B 2 .   ? 8.935   5.220   3.499   1.00 37.91 ? 144 HOH A O   1 
HETATM 831 O O   . HOH B 2 .   ? -9.733  -6.987  6.647   1.00 52.94 ? 145 HOH A O   1 
HETATM 832 O O   . HOH B 2 .   ? 50.787  5.491   -19.434 1.00 55.04 ? 146 HOH A O   1 
HETATM 833 O O   . HOH B 2 .   ? -19.581 6.834   -5.260  1.00 51.64 ? 147 HOH A O   1 
HETATM 834 O O   . HOH B 2 .   ? 9.344   2.471   -2.469  1.00 56.88 ? 148 HOH A O   1 
HETATM 835 O O   . HOH B 2 .   ? -5.600  4.408   11.953  1.00 66.25 ? 149 HOH A O   1 
HETATM 836 O O   . HOH B 2 .   ? -16.567 9.516   0.728   1.00 49.02 ? 150 HOH A O   1 
HETATM 837 O O   . HOH B 2 .   ? -9.722  -2.976  -10.447 1.00 43.76 ? 151 HOH A O   1 
HETATM 838 O O   . HOH B 2 .   ? -9.587  -10.883 -8.746  1.00 57.76 ? 152 HOH A O   1 
HETATM 839 O O   . HOH B 2 .   ? -8.500  3.061   11.735  1.00 72.31 ? 153 HOH A O   1 
HETATM 840 O O   . HOH B 2 .   ? 1.680   -6.181  -5.719  1.00 64.06 ? 154 HOH A O   1 
HETATM 841 O O   . HOH B 2 .   ? 4.464   -10.718 -8.959  1.00 54.65 ? 155 HOH A O   1 
HETATM 842 O O   . HOH B 2 .   ? 7.629   8.374   -0.496  1.00 49.32 ? 156 HOH A O   1 
HETATM 843 O O   . HOH B 2 .   ? -11.091 7.639   -12.050 1.00 61.10 ? 157 HOH A O   1 
HETATM 844 O O   . HOH B 2 .   ? -10.476 1.585   -12.129 1.00 65.74 ? 158 HOH A O   1 
HETATM 845 O O   . HOH B 2 .   ? -3.413  8.398   7.711   1.00 45.06 ? 159 HOH A O   1 
HETATM 846 O O   . HOH B 2 .   ? 3.119   5.936   -3.626  1.00 63.90 ? 160 HOH A O   1 
HETATM 847 O O   . HOH B 2 .   ? -11.770 6.194   8.532   1.00 67.82 ? 161 HOH A O   1 
HETATM 848 O O   . HOH B 2 .   ? -4.404  11.250  -6.524  1.00 69.89 ? 162 HOH A O   1 
HETATM 849 O O   . HOH B 2 .   ? 34.692  -2.775  4.185   1.00 75.69 ? 163 HOH A O   1 
HETATM 850 O O   . HOH B 2 .   ? 20.898  -5.964  7.148   1.00 65.68 ? 164 HOH A O   1 
HETATM 851 O O   . HOH B 2 .   ? -1.713  9.106   -8.193  1.00 70.57 ? 165 HOH A O   1 
HETATM 852 O O   . HOH B 2 .   ? -6.765  10.234  -5.863  1.00 44.16 ? 166 HOH A O   1 
HETATM 853 O O   . HOH B 2 .   ? -9.568  0.713   13.893  1.00 65.09 ? 167 HOH A O   1 
HETATM 854 O O   . HOH B 2 .   ? -9.498  5.654   8.446   1.00 54.15 ? 168 HOH A O   1 
HETATM 855 O O   . HOH B 2 .   ? 7.912   3.992   5.092   1.00 51.72 ? 169 HOH A O   1 
# 
